data_7ATY
#
_entry.id   7ATY
#
_entity_poly.entity_id   1
_entity_poly.type   'polypeptide(L)'
_entity_poly.pdbx_seq_one_letter_code
;GSHMLQVRATKDYCNNYDLTSLNVKAGDIITVLEQHPDGRWKGCIHDNRTGNDRVGYFPSSLGEAIV
;
_entity_poly.pdbx_strand_id   A
#
# COMPACT_ATOMS: atom_id res chain seq x y z
N GLY A 1 -5.18 1.34 14.70
CA GLY A 1 -5.17 1.30 13.23
C GLY A 1 -5.12 -0.11 12.69
N SER A 2 -6.10 -0.91 13.07
CA SER A 2 -6.16 -2.30 12.67
C SER A 2 -7.51 -2.60 12.05
N HIS A 3 -7.72 -3.86 11.64
CA HIS A 3 -8.98 -4.29 11.04
C HIS A 3 -9.31 -3.45 9.81
N MET A 4 -8.43 -3.53 8.80
CA MET A 4 -8.54 -2.75 7.57
C MET A 4 -8.25 -1.27 7.84
N LEU A 5 -7.31 -0.72 7.08
CA LEU A 5 -6.94 0.68 7.22
C LEU A 5 -6.45 1.23 5.91
N GLN A 6 -6.76 2.48 5.65
CA GLN A 6 -6.29 3.15 4.46
C GLN A 6 -5.16 4.09 4.82
N VAL A 7 -4.07 4.03 4.07
CA VAL A 7 -2.89 4.81 4.37
C VAL A 7 -2.55 5.75 3.22
N ARG A 8 -2.02 6.90 3.57
CA ARG A 8 -1.53 7.87 2.60
C ARG A 8 -0.01 7.82 2.59
N ALA A 9 0.57 7.39 1.48
CA ALA A 9 2.00 7.21 1.41
C ALA A 9 2.62 8.14 0.37
N THR A 10 3.68 8.83 0.75
CA THR A 10 4.41 9.65 -0.18
C THR A 10 5.79 9.04 -0.43
N LYS A 11 5.90 8.31 -1.52
CA LYS A 11 7.15 7.72 -1.95
C LYS A 11 6.95 7.18 -3.36
N ASP A 12 8.04 6.96 -4.09
CA ASP A 12 7.96 6.30 -5.37
C ASP A 12 8.38 4.85 -5.23
N TYR A 13 7.40 3.98 -5.03
CA TYR A 13 7.65 2.58 -4.77
C TYR A 13 7.14 1.70 -5.91
N CYS A 14 8.06 1.30 -6.79
CA CYS A 14 7.73 0.45 -7.91
C CYS A 14 9.01 -0.05 -8.56
N ASN A 15 9.36 -1.31 -8.31
CA ASN A 15 10.61 -1.87 -8.84
C ASN A 15 10.35 -3.20 -9.53
N ASN A 16 11.39 -3.73 -10.16
CA ASN A 16 11.34 -5.00 -10.89
C ASN A 16 10.40 -4.93 -12.09
N TYR A 17 10.34 -6.03 -12.83
CA TYR A 17 9.45 -6.08 -13.99
C TYR A 17 8.07 -6.52 -13.55
N ASP A 18 7.95 -7.80 -13.25
CA ASP A 18 6.71 -8.34 -12.71
C ASP A 18 6.88 -8.61 -11.22
N LEU A 19 6.07 -7.96 -10.40
CA LEU A 19 6.19 -8.09 -8.96
C LEU A 19 4.95 -7.53 -8.28
N THR A 20 4.71 -7.98 -7.06
CA THR A 20 3.59 -7.50 -6.28
C THR A 20 4.09 -6.50 -5.24
N SER A 21 3.87 -5.23 -5.52
CA SER A 21 4.35 -4.17 -4.67
C SER A 21 3.36 -3.01 -4.68
N LEU A 22 3.32 -2.27 -3.58
CA LEU A 22 2.47 -1.09 -3.48
C LEU A 22 3.00 -0.01 -4.40
N ASN A 23 2.36 0.14 -5.56
CA ASN A 23 2.81 1.12 -6.55
C ASN A 23 2.51 2.55 -6.10
N VAL A 24 3.22 2.98 -5.08
CA VAL A 24 3.09 4.33 -4.56
C VAL A 24 3.80 5.30 -5.49
N LYS A 25 3.11 6.35 -5.88
CA LYS A 25 3.63 7.27 -6.88
C LYS A 25 3.74 8.69 -6.35
N ALA A 26 4.36 8.81 -5.17
CA ALA A 26 4.59 10.09 -4.51
C ALA A 26 3.29 10.82 -4.22
N GLY A 27 2.59 10.39 -3.18
CA GLY A 27 1.35 11.01 -2.80
C GLY A 27 0.17 10.25 -3.34
N ASP A 28 0.10 8.99 -2.98
CA ASP A 28 -0.96 8.12 -3.49
C ASP A 28 -1.65 7.41 -2.33
N ILE A 29 -2.80 6.83 -2.60
CA ILE A 29 -3.62 6.23 -1.55
C ILE A 29 -3.52 4.72 -1.58
N ILE A 30 -3.31 4.12 -0.41
CA ILE A 30 -3.21 2.68 -0.31
C ILE A 30 -4.27 2.14 0.63
N THR A 31 -5.01 1.14 0.19
CA THR A 31 -6.02 0.52 1.02
C THR A 31 -5.50 -0.83 1.53
N VAL A 32 -5.13 -0.86 2.79
CA VAL A 32 -4.44 -2.03 3.33
C VAL A 32 -5.22 -2.68 4.44
N LEU A 33 -4.81 -3.88 4.82
CA LEU A 33 -5.35 -4.55 5.96
C LEU A 33 -4.23 -5.05 6.84
N GLU A 34 -4.54 -5.41 8.08
CA GLU A 34 -3.53 -5.83 9.01
C GLU A 34 -3.54 -7.35 9.14
N GLN A 35 -2.57 -7.98 8.51
CA GLN A 35 -2.47 -9.43 8.51
C GLN A 35 -1.44 -9.86 9.55
N HIS A 36 -0.19 -9.47 9.31
CA HIS A 36 0.92 -9.69 10.23
C HIS A 36 1.04 -11.16 10.65
N PRO A 37 1.41 -12.05 9.71
CA PRO A 37 1.67 -13.45 10.01
C PRO A 37 3.15 -13.68 10.31
N ASP A 38 3.90 -12.59 10.27
CA ASP A 38 5.34 -12.61 10.48
C ASP A 38 5.84 -11.19 10.70
N GLY A 39 5.25 -10.25 9.98
CA GLY A 39 5.63 -8.86 10.10
C GLY A 39 5.20 -8.03 8.91
N ARG A 40 4.86 -8.70 7.81
CA ARG A 40 4.42 -8.01 6.61
C ARG A 40 2.92 -8.13 6.43
N TRP A 41 2.33 -7.12 5.83
CA TRP A 41 0.90 -7.09 5.57
C TRP A 41 0.68 -7.02 4.06
N LYS A 42 -0.53 -7.27 3.61
CA LYS A 42 -0.86 -7.12 2.21
C LYS A 42 -1.81 -5.94 2.04
N GLY A 43 -1.68 -5.24 0.93
CA GLY A 43 -2.54 -4.10 0.69
C GLY A 43 -2.74 -3.82 -0.79
N CYS A 44 -3.75 -3.02 -1.09
CA CYS A 44 -4.08 -2.67 -2.45
C CYS A 44 -3.82 -1.19 -2.69
N ILE A 45 -3.61 -0.83 -3.93
CA ILE A 45 -3.34 0.55 -4.28
C ILE A 45 -4.59 1.21 -4.85
N HIS A 46 -4.94 2.35 -4.30
CA HIS A 46 -6.04 3.12 -4.82
C HIS A 46 -5.48 4.29 -5.60
N ASP A 47 -5.48 4.12 -6.91
CA ASP A 47 -4.88 5.08 -7.81
C ASP A 47 -5.81 6.23 -8.10
N ASN A 48 -5.27 7.43 -8.06
CA ASN A 48 -6.08 8.64 -8.25
C ASN A 48 -5.80 9.26 -9.61
N ARG A 49 -5.45 8.41 -10.57
CA ARG A 49 -5.13 8.87 -11.90
C ARG A 49 -6.00 8.16 -12.94
N THR A 50 -5.79 6.87 -13.09
CA THR A 50 -6.52 6.10 -14.09
C THR A 50 -7.29 4.95 -13.45
N GLY A 51 -6.64 4.27 -12.51
CA GLY A 51 -7.24 3.11 -11.89
C GLY A 51 -6.24 1.98 -11.73
N ASN A 52 -4.99 2.34 -11.45
CA ASN A 52 -3.94 1.35 -11.22
C ASN A 52 -4.17 0.62 -9.90
N ASP A 53 -4.93 -0.47 -9.97
CA ASP A 53 -5.25 -1.26 -8.79
C ASP A 53 -4.42 -2.53 -8.76
N ARG A 54 -3.46 -2.57 -7.86
CA ARG A 54 -2.61 -3.75 -7.69
C ARG A 54 -2.41 -4.05 -6.22
N VAL A 55 -2.06 -5.28 -5.91
CA VAL A 55 -1.85 -5.71 -4.54
C VAL A 55 -0.36 -5.91 -4.27
N GLY A 56 0.06 -5.55 -3.06
CA GLY A 56 1.45 -5.71 -2.70
C GLY A 56 1.62 -6.04 -1.22
N TYR A 57 2.80 -6.49 -0.85
CA TYR A 57 3.10 -6.81 0.55
C TYR A 57 4.08 -5.78 1.11
N PHE A 58 3.77 -5.27 2.29
CA PHE A 58 4.57 -4.22 2.89
C PHE A 58 4.85 -4.53 4.36
N PRO A 59 6.05 -4.16 4.84
CA PRO A 59 6.45 -4.40 6.24
C PRO A 59 5.77 -3.46 7.22
N SER A 60 4.51 -3.79 7.56
CA SER A 60 3.70 -3.00 8.50
C SER A 60 3.61 -1.53 8.07
N SER A 61 3.30 -0.65 9.02
CA SER A 61 3.04 0.77 8.78
C SER A 61 3.93 1.37 7.68
N LEU A 62 3.36 1.54 6.49
CA LEU A 62 4.10 2.09 5.36
C LEU A 62 3.71 3.55 5.14
N GLY A 63 2.41 3.79 4.98
CA GLY A 63 1.92 5.13 4.79
C GLY A 63 1.20 5.64 6.03
N GLU A 64 0.77 6.89 6.00
CA GLU A 64 0.07 7.49 7.11
C GLU A 64 -1.36 6.98 7.16
N ALA A 65 -1.66 6.21 8.20
CA ALA A 65 -2.96 5.56 8.31
C ALA A 65 -4.06 6.55 8.68
N ILE A 66 -5.05 6.64 7.82
CA ILE A 66 -6.22 7.46 8.06
C ILE A 66 -7.42 6.59 8.41
N VAL A 67 -7.18 5.28 8.47
CA VAL A 67 -8.21 4.30 8.81
C VAL A 67 -9.23 4.17 7.68
N GLY A 1 -7.83 1.47 13.35
CA GLY A 1 -8.22 0.12 13.84
C GLY A 1 -7.21 -0.93 13.44
N SER A 2 -7.46 -2.16 13.84
CA SER A 2 -6.56 -3.26 13.54
C SER A 2 -7.08 -4.10 12.38
N HIS A 3 -6.22 -4.93 11.80
CA HIS A 3 -6.56 -5.85 10.70
C HIS A 3 -6.87 -5.12 9.40
N MET A 4 -7.15 -3.82 9.45
CA MET A 4 -7.45 -3.07 8.24
C MET A 4 -7.25 -1.58 8.49
N LEU A 5 -6.68 -0.88 7.50
CA LEU A 5 -6.48 0.57 7.60
C LEU A 5 -6.16 1.15 6.22
N GLN A 6 -6.61 2.38 5.99
CA GLN A 6 -6.29 3.06 4.75
C GLN A 6 -5.23 4.12 5.01
N VAL A 7 -4.15 4.06 4.25
CA VAL A 7 -3.00 4.91 4.50
C VAL A 7 -2.73 5.85 3.31
N ARG A 8 -2.14 6.99 3.63
CA ARG A 8 -1.65 7.91 2.61
C ARG A 8 -0.14 7.81 2.55
N ALA A 9 0.38 7.31 1.45
CA ALA A 9 1.81 7.07 1.35
C ALA A 9 2.46 7.95 0.29
N THR A 10 3.58 8.55 0.65
CA THR A 10 4.39 9.27 -0.30
C THR A 10 5.75 8.60 -0.42
N LYS A 11 5.91 7.83 -1.48
CA LYS A 11 7.13 7.05 -1.70
C LYS A 11 7.13 6.54 -3.14
N ASP A 12 8.30 6.22 -3.66
CA ASP A 12 8.38 5.56 -4.96
C ASP A 12 8.70 4.09 -4.76
N TYR A 13 7.66 3.29 -4.55
CA TYR A 13 7.82 1.90 -4.23
C TYR A 13 7.40 1.02 -5.41
N CYS A 14 7.88 -0.22 -5.42
CA CYS A 14 7.59 -1.19 -6.49
C CYS A 14 8.33 -0.82 -7.76
N ASN A 15 7.78 0.16 -8.50
CA ASN A 15 8.37 0.68 -9.75
C ASN A 15 9.03 -0.41 -10.60
N ASN A 16 8.26 -1.45 -10.90
CA ASN A 16 8.76 -2.58 -11.66
C ASN A 16 7.66 -3.13 -12.56
N TYR A 17 8.02 -3.58 -13.75
CA TYR A 17 7.04 -4.01 -14.76
C TYR A 17 6.05 -5.01 -14.17
N ASP A 18 6.54 -6.19 -13.80
CA ASP A 18 5.70 -7.18 -13.14
C ASP A 18 6.30 -7.55 -11.79
N LEU A 19 5.57 -7.23 -10.73
CA LEU A 19 6.04 -7.44 -9.37
C LEU A 19 4.86 -7.31 -8.42
N THR A 20 4.94 -7.96 -7.27
CA THR A 20 3.92 -7.80 -6.27
C THR A 20 4.45 -6.89 -5.16
N SER A 21 4.02 -5.64 -5.20
CA SER A 21 4.48 -4.63 -4.27
C SER A 21 3.55 -3.42 -4.33
N LEU A 22 3.60 -2.57 -3.32
CA LEU A 22 2.78 -1.36 -3.30
C LEU A 22 3.27 -0.38 -4.34
N ASN A 23 2.45 -0.16 -5.36
CA ASN A 23 2.77 0.82 -6.38
C ASN A 23 2.49 2.22 -5.83
N VAL A 24 3.44 2.73 -5.06
CA VAL A 24 3.31 4.06 -4.50
C VAL A 24 3.97 5.06 -5.44
N LYS A 25 3.39 6.25 -5.55
CA LYS A 25 3.84 7.22 -6.53
C LYS A 25 4.03 8.61 -5.90
N ALA A 26 4.59 8.61 -4.70
CA ALA A 26 4.93 9.84 -3.97
C ALA A 26 3.73 10.78 -3.84
N GLY A 27 2.57 10.21 -3.53
CA GLY A 27 1.39 11.03 -3.35
C GLY A 27 0.14 10.33 -3.83
N ASP A 28 -0.23 9.27 -3.14
CA ASP A 28 -1.38 8.46 -3.51
C ASP A 28 -1.97 7.76 -2.30
N ILE A 29 -3.14 7.17 -2.48
CA ILE A 29 -3.88 6.54 -1.39
C ILE A 29 -3.77 5.02 -1.49
N ILE A 30 -3.55 4.38 -0.36
CA ILE A 30 -3.41 2.93 -0.31
C ILE A 30 -4.32 2.35 0.74
N THR A 31 -5.03 1.29 0.38
CA THR A 31 -5.92 0.62 1.32
C THR A 31 -5.27 -0.67 1.78
N VAL A 32 -4.75 -0.69 3.00
CA VAL A 32 -3.98 -1.82 3.46
C VAL A 32 -4.72 -2.62 4.52
N LEU A 33 -4.26 -3.83 4.75
CA LEU A 33 -4.81 -4.66 5.80
C LEU A 33 -3.69 -5.27 6.61
N GLU A 34 -3.99 -5.60 7.85
CA GLU A 34 -2.99 -6.10 8.77
C GLU A 34 -3.12 -7.60 8.91
N GLN A 35 -2.08 -8.31 8.50
CA GLN A 35 -2.07 -9.76 8.54
C GLN A 35 -1.33 -10.24 9.79
N HIS A 36 -0.02 -10.11 9.77
CA HIS A 36 0.80 -10.57 10.87
C HIS A 36 1.67 -9.45 11.41
N PRO A 37 1.60 -9.19 12.73
CA PRO A 37 2.38 -8.14 13.39
C PRO A 37 3.87 -8.45 13.40
N ASP A 38 4.22 -9.63 12.88
CA ASP A 38 5.61 -10.05 12.74
C ASP A 38 6.34 -9.17 11.73
N GLY A 39 5.58 -8.54 10.84
CA GLY A 39 6.16 -7.64 9.87
C GLY A 39 5.82 -8.00 8.45
N ARG A 40 4.57 -8.36 8.20
CA ARG A 40 4.12 -8.66 6.85
C ARG A 40 2.62 -8.38 6.69
N TRP A 41 2.33 -7.35 5.91
CA TRP A 41 0.96 -6.95 5.62
C TRP A 41 0.75 -6.87 4.10
N LYS A 42 -0.51 -6.81 3.69
CA LYS A 42 -0.85 -6.62 2.29
C LYS A 42 -1.60 -5.31 2.12
N GLY A 43 -1.59 -4.75 0.93
CA GLY A 43 -2.31 -3.53 0.68
C GLY A 43 -2.64 -3.33 -0.78
N CYS A 44 -3.77 -2.69 -1.02
CA CYS A 44 -4.23 -2.39 -2.37
C CYS A 44 -4.00 -0.92 -2.68
N ILE A 45 -3.80 -0.60 -3.94
CA ILE A 45 -3.48 0.76 -4.34
C ILE A 45 -4.72 1.43 -4.92
N HIS A 46 -4.89 2.71 -4.61
CA HIS A 46 -6.00 3.48 -5.14
C HIS A 46 -5.52 4.35 -6.28
N ASP A 47 -5.84 3.94 -7.50
CA ASP A 47 -5.42 4.67 -8.68
C ASP A 47 -6.31 5.89 -8.87
N ASN A 48 -5.67 7.04 -9.03
CA ASN A 48 -6.38 8.29 -9.29
C ASN A 48 -5.51 9.18 -10.16
N ARG A 49 -4.60 8.54 -10.90
CA ARG A 49 -3.61 9.23 -11.70
C ARG A 49 -2.77 8.23 -12.47
N THR A 50 -2.15 7.31 -11.75
CA THR A 50 -1.32 6.27 -12.34
C THR A 50 -1.28 5.07 -11.38
N GLY A 51 -0.86 3.91 -11.89
CA GLY A 51 -0.59 2.79 -11.01
C GLY A 51 -1.60 1.67 -11.13
N ASN A 52 -2.79 2.01 -11.60
CA ASN A 52 -3.90 1.04 -11.72
C ASN A 52 -4.28 0.48 -10.36
N ASP A 53 -5.13 -0.54 -10.36
CA ASP A 53 -5.60 -1.15 -9.13
C ASP A 53 -4.89 -2.47 -8.91
N ARG A 54 -4.00 -2.50 -7.94
CA ARG A 54 -3.17 -3.68 -7.69
C ARG A 54 -2.91 -3.85 -6.19
N VAL A 55 -2.44 -5.04 -5.81
CA VAL A 55 -2.17 -5.36 -4.42
C VAL A 55 -0.68 -5.70 -4.23
N GLY A 56 -0.14 -5.34 -3.08
CA GLY A 56 1.25 -5.63 -2.78
C GLY A 56 1.45 -5.92 -1.31
N TYR A 57 2.61 -6.47 -0.96
CA TYR A 57 2.92 -6.77 0.43
C TYR A 57 3.99 -5.82 0.97
N PHE A 58 3.90 -5.51 2.25
CA PHE A 58 4.84 -4.59 2.88
C PHE A 58 5.03 -4.94 4.36
N PRO A 59 6.23 -4.69 4.90
CA PRO A 59 6.55 -4.97 6.30
C PRO A 59 6.11 -3.84 7.23
N SER A 60 4.86 -3.38 7.06
CA SER A 60 4.31 -2.27 7.84
C SER A 60 5.06 -0.97 7.54
N SER A 61 4.60 0.13 8.15
CA SER A 61 5.19 1.46 7.95
C SER A 61 5.16 1.86 6.48
N LEU A 62 3.96 2.13 5.99
CA LEU A 62 3.76 2.50 4.60
C LEU A 62 3.27 3.93 4.48
N GLY A 63 2.13 4.22 5.09
CA GLY A 63 1.56 5.55 5.00
C GLY A 63 0.75 5.93 6.22
N GLU A 64 0.21 7.14 6.20
CA GLU A 64 -0.58 7.65 7.31
C GLU A 64 -1.96 7.02 7.31
N ALA A 65 -2.32 6.34 8.38
CA ALA A 65 -3.61 5.68 8.47
C ALA A 65 -4.73 6.68 8.72
N ILE A 66 -5.48 6.98 7.67
CA ILE A 66 -6.61 7.88 7.76
C ILE A 66 -7.90 7.10 7.95
N VAL A 67 -7.76 5.77 7.97
CA VAL A 67 -8.86 4.82 8.16
C VAL A 67 -10.17 5.25 7.50
N GLY A 1 -7.02 1.98 14.51
CA GLY A 1 -5.94 1.05 14.86
C GLY A 1 -5.41 0.31 13.65
N SER A 2 -5.68 -0.98 13.59
CA SER A 2 -5.27 -1.80 12.47
C SER A 2 -6.49 -2.48 11.85
N HIS A 3 -6.25 -3.45 10.98
CA HIS A 3 -7.32 -4.24 10.36
C HIS A 3 -8.16 -3.39 9.40
N MET A 4 -7.77 -3.45 8.12
CA MET A 4 -8.47 -2.72 7.05
C MET A 4 -8.44 -1.22 7.30
N LEU A 5 -7.34 -0.60 6.91
CA LEU A 5 -7.13 0.82 7.11
C LEU A 5 -6.57 1.46 5.84
N GLN A 6 -6.75 2.75 5.72
CA GLN A 6 -6.24 3.48 4.57
C GLN A 6 -4.98 4.25 4.94
N VAL A 7 -3.93 4.05 4.16
CA VAL A 7 -2.68 4.76 4.37
C VAL A 7 -2.33 5.61 3.15
N ARG A 8 -1.80 6.79 3.40
CA ARG A 8 -1.34 7.66 2.34
C ARG A 8 0.18 7.66 2.29
N ALA A 9 0.73 7.01 1.29
CA ALA A 9 2.18 6.88 1.21
C ALA A 9 2.76 7.80 0.16
N THR A 10 3.77 8.55 0.53
CA THR A 10 4.49 9.34 -0.43
C THR A 10 5.86 8.73 -0.68
N LYS A 11 5.96 7.97 -1.76
CA LYS A 11 7.20 7.34 -2.16
C LYS A 11 7.02 6.78 -3.57
N ASP A 12 8.10 6.73 -4.33
CA ASP A 12 8.06 6.10 -5.64
C ASP A 12 8.21 4.60 -5.49
N TYR A 13 7.12 3.95 -5.14
CA TYR A 13 7.14 2.54 -4.75
C TYR A 13 6.72 1.66 -5.92
N CYS A 14 7.54 0.65 -6.21
CA CYS A 14 7.23 -0.35 -7.24
C CYS A 14 7.08 0.28 -8.63
N ASN A 15 5.84 0.63 -8.98
CA ASN A 15 5.49 1.21 -10.29
C ASN A 15 6.27 0.60 -11.45
N ASN A 16 6.06 -0.69 -11.69
CA ASN A 16 6.71 -1.38 -12.80
C ASN A 16 5.82 -2.49 -13.33
N TYR A 17 6.35 -3.32 -14.22
CA TYR A 17 5.55 -4.32 -14.91
C TYR A 17 5.21 -5.49 -13.98
N ASP A 18 6.22 -6.29 -13.64
CA ASP A 18 6.00 -7.48 -12.85
C ASP A 18 6.71 -7.39 -11.50
N LEU A 19 5.92 -7.15 -10.47
CA LEU A 19 6.40 -7.12 -9.10
C LEU A 19 5.20 -7.14 -8.16
N THR A 20 5.37 -7.72 -6.99
CA THR A 20 4.31 -7.67 -6.00
C THR A 20 4.68 -6.64 -4.95
N SER A 21 4.11 -5.45 -5.10
CA SER A 21 4.41 -4.31 -4.26
C SER A 21 3.37 -3.22 -4.49
N LEU A 22 3.35 -2.26 -3.61
CA LEU A 22 2.41 -1.14 -3.72
C LEU A 22 2.85 -0.20 -4.83
N ASN A 23 2.01 -0.03 -5.85
CA ASN A 23 2.31 0.89 -6.94
C ASN A 23 2.04 2.33 -6.53
N VAL A 24 2.87 2.83 -5.65
CA VAL A 24 2.71 4.18 -5.13
C VAL A 24 3.50 5.17 -5.97
N LYS A 25 2.84 6.21 -6.42
CA LYS A 25 3.46 7.25 -7.22
C LYS A 25 3.60 8.54 -6.42
N ALA A 26 4.26 8.41 -5.27
CA ALA A 26 4.52 9.54 -4.37
C ALA A 26 3.26 10.34 -4.05
N GLY A 27 2.43 9.79 -3.18
CA GLY A 27 1.20 10.46 -2.81
C GLY A 27 -0.02 9.74 -3.33
N ASP A 28 -0.08 8.44 -3.07
CA ASP A 28 -1.19 7.63 -3.54
C ASP A 28 -1.89 6.98 -2.37
N ILE A 29 -3.07 6.44 -2.61
CA ILE A 29 -3.91 5.94 -1.55
C ILE A 29 -3.88 4.41 -1.48
N ILE A 30 -3.48 3.90 -0.34
CA ILE A 30 -3.37 2.46 -0.16
C ILE A 30 -4.40 1.99 0.84
N THR A 31 -5.10 0.92 0.49
CA THR A 31 -6.01 0.28 1.41
C THR A 31 -5.37 -1.01 1.92
N VAL A 32 -4.88 -0.96 3.16
CA VAL A 32 -4.11 -2.06 3.70
C VAL A 32 -4.90 -2.81 4.75
N LEU A 33 -4.52 -4.06 4.99
CA LEU A 33 -5.21 -4.87 5.96
C LEU A 33 -4.21 -5.59 6.86
N GLU A 34 -4.70 -6.16 7.96
CA GLU A 34 -3.83 -6.73 8.97
C GLU A 34 -3.83 -8.24 8.84
N GLN A 35 -2.66 -8.79 8.54
CA GLN A 35 -2.50 -10.23 8.36
C GLN A 35 -1.67 -10.81 9.50
N HIS A 36 -0.43 -10.35 9.60
CA HIS A 36 0.48 -10.79 10.66
C HIS A 36 1.39 -9.64 11.08
N PRO A 37 1.24 -9.16 12.33
CA PRO A 37 2.06 -8.07 12.85
C PRO A 37 3.48 -8.53 13.19
N ASP A 38 3.71 -9.82 13.05
CA ASP A 38 5.02 -10.41 13.32
C ASP A 38 5.84 -10.48 12.05
N GLY A 39 5.16 -10.45 10.91
CA GLY A 39 5.85 -10.57 9.64
C GLY A 39 5.63 -9.35 8.77
N ARG A 40 4.63 -9.41 7.91
CA ARG A 40 4.33 -8.31 7.01
C ARG A 40 2.85 -8.32 6.63
N TRP A 41 2.37 -7.19 6.17
CA TRP A 41 1.00 -7.05 5.73
C TRP A 41 0.94 -6.92 4.22
N LYS A 42 -0.23 -7.09 3.66
CA LYS A 42 -0.44 -6.83 2.26
C LYS A 42 -1.44 -5.69 2.11
N GLY A 43 -1.31 -4.93 1.05
CA GLY A 43 -2.20 -3.82 0.85
C GLY A 43 -2.56 -3.66 -0.60
N CYS A 44 -3.71 -3.05 -0.84
CA CYS A 44 -4.18 -2.79 -2.18
C CYS A 44 -4.04 -1.32 -2.50
N ILE A 45 -3.82 -1.01 -3.76
CA ILE A 45 -3.64 0.37 -4.18
C ILE A 45 -4.90 0.90 -4.83
N HIS A 46 -5.33 2.07 -4.38
CA HIS A 46 -6.44 2.75 -5.02
C HIS A 46 -5.90 3.92 -5.82
N ASP A 47 -5.83 3.72 -7.12
CA ASP A 47 -5.27 4.73 -8.01
C ASP A 47 -6.05 6.03 -7.97
N ASN A 48 -5.38 7.13 -8.28
CA ASN A 48 -6.00 8.45 -8.21
C ASN A 48 -5.81 9.23 -9.51
N ARG A 49 -5.27 8.58 -10.53
CA ARG A 49 -4.90 9.28 -11.76
C ARG A 49 -5.33 8.50 -13.00
N THR A 50 -4.59 7.46 -13.34
CA THR A 50 -4.85 6.69 -14.55
C THR A 50 -5.53 5.35 -14.24
N GLY A 51 -4.78 4.44 -13.64
CA GLY A 51 -5.32 3.15 -13.29
C GLY A 51 -4.25 2.19 -12.82
N ASN A 52 -3.34 2.71 -11.98
CA ASN A 52 -2.26 1.90 -11.47
C ASN A 52 -2.63 1.28 -10.13
N ASP A 53 -3.46 0.25 -10.18
CA ASP A 53 -3.89 -0.44 -8.97
C ASP A 53 -3.14 -1.76 -8.85
N ARG A 54 -2.74 -2.10 -7.64
CA ARG A 54 -1.91 -3.28 -7.41
C ARG A 54 -1.94 -3.67 -5.94
N VAL A 55 -1.80 -4.97 -5.67
CA VAL A 55 -1.68 -5.45 -4.31
C VAL A 55 -0.22 -5.82 -4.03
N GLY A 56 0.28 -5.42 -2.87
CA GLY A 56 1.66 -5.70 -2.54
C GLY A 56 1.87 -5.87 -1.05
N TYR A 57 2.99 -6.45 -0.67
CA TYR A 57 3.27 -6.68 0.74
C TYR A 57 4.30 -5.69 1.27
N PHE A 58 4.15 -5.34 2.55
CA PHE A 58 5.02 -4.38 3.20
C PHE A 58 5.06 -4.68 4.70
N PRO A 59 6.11 -4.23 5.41
CA PRO A 59 6.24 -4.48 6.86
C PRO A 59 5.03 -4.02 7.66
N SER A 60 4.85 -2.71 7.76
CA SER A 60 3.72 -2.15 8.48
C SER A 60 3.57 -0.65 8.17
N SER A 61 2.33 -0.17 8.18
CA SER A 61 2.01 1.24 7.94
C SER A 61 2.33 1.65 6.49
N LEU A 62 3.61 1.88 6.20
CA LEU A 62 4.08 2.36 4.89
C LEU A 62 3.67 3.80 4.64
N GLY A 63 2.39 4.11 4.81
CA GLY A 63 1.89 5.45 4.63
C GLY A 63 1.15 5.96 5.83
N GLU A 64 0.60 7.17 5.71
CA GLU A 64 -0.17 7.79 6.78
C GLU A 64 -1.42 7.00 7.07
N ALA A 65 -1.48 6.37 8.23
CA ALA A 65 -2.63 5.56 8.59
C ALA A 65 -3.79 6.44 9.04
N ILE A 66 -4.70 6.71 8.12
CA ILE A 66 -5.86 7.53 8.41
C ILE A 66 -7.10 6.65 8.59
N VAL A 67 -6.84 5.36 8.84
CA VAL A 67 -7.87 4.34 9.06
C VAL A 67 -9.08 4.49 8.14
N GLY A 1 -5.50 -8.96 14.45
CA GLY A 1 -6.85 -9.51 14.17
C GLY A 1 -7.51 -8.83 13.00
N SER A 2 -6.74 -8.62 11.92
CA SER A 2 -7.23 -7.99 10.70
C SER A 2 -7.77 -6.59 10.97
N HIS A 3 -6.93 -5.74 11.54
CA HIS A 3 -7.29 -4.34 11.80
C HIS A 3 -7.77 -3.67 10.51
N MET A 4 -6.86 -3.56 9.54
CA MET A 4 -7.18 -2.97 8.23
C MET A 4 -7.37 -1.45 8.33
N LEU A 5 -6.57 -0.72 7.57
CA LEU A 5 -6.61 0.73 7.57
C LEU A 5 -6.24 1.25 6.19
N GLN A 6 -6.58 2.49 5.91
CA GLN A 6 -6.23 3.07 4.63
C GLN A 6 -5.27 4.22 4.82
N VAL A 7 -4.14 4.14 4.15
CA VAL A 7 -3.08 5.10 4.32
C VAL A 7 -2.81 5.83 3.02
N ARG A 8 -2.39 7.09 3.13
CA ARG A 8 -1.91 7.83 1.99
C ARG A 8 -0.40 7.94 2.14
N ALA A 9 0.32 7.27 1.26
CA ALA A 9 1.76 7.24 1.35
C ALA A 9 2.39 8.14 0.31
N THR A 10 3.37 8.91 0.72
CA THR A 10 4.14 9.70 -0.21
C THR A 10 5.51 9.05 -0.42
N LYS A 11 5.64 8.37 -1.55
CA LYS A 11 6.83 7.59 -1.85
C LYS A 11 6.80 7.22 -3.33
N ASP A 12 7.94 6.79 -3.86
CA ASP A 12 8.00 6.28 -5.22
C ASP A 12 8.57 4.87 -5.20
N TYR A 13 7.68 3.90 -5.09
CA TYR A 13 8.06 2.51 -4.92
C TYR A 13 7.39 1.62 -5.95
N CYS A 14 8.09 0.55 -6.34
CA CYS A 14 7.56 -0.44 -7.28
C CYS A 14 7.19 0.19 -8.61
N ASN A 15 8.18 0.72 -9.30
CA ASN A 15 8.00 1.25 -10.65
C ASN A 15 8.41 0.19 -11.68
N ASN A 16 8.23 -1.07 -11.30
CA ASN A 16 8.63 -2.19 -12.13
C ASN A 16 7.56 -2.53 -13.15
N TYR A 17 7.77 -3.56 -13.94
CA TYR A 17 6.79 -3.97 -14.93
C TYR A 17 5.80 -4.98 -14.33
N ASP A 18 6.33 -6.12 -13.92
CA ASP A 18 5.50 -7.17 -13.33
C ASP A 18 6.04 -7.57 -11.98
N LEU A 19 5.37 -7.13 -10.93
CA LEU A 19 5.81 -7.43 -9.57
C LEU A 19 4.68 -7.14 -8.59
N THR A 20 4.69 -7.81 -7.45
CA THR A 20 3.72 -7.54 -6.41
C THR A 20 4.39 -6.73 -5.30
N SER A 21 4.12 -5.45 -5.29
CA SER A 21 4.73 -4.51 -4.37
C SER A 21 3.87 -3.26 -4.29
N LEU A 22 4.12 -2.44 -3.29
CA LEU A 22 3.36 -1.21 -3.10
C LEU A 22 3.75 -0.18 -4.15
N ASN A 23 2.96 -0.10 -5.22
CA ASN A 23 3.20 0.88 -6.27
C ASN A 23 2.78 2.26 -5.80
N VAL A 24 3.66 2.88 -5.03
CA VAL A 24 3.43 4.24 -4.56
C VAL A 24 4.15 5.20 -5.50
N LYS A 25 3.46 6.23 -5.94
CA LYS A 25 4.03 7.17 -6.89
C LYS A 25 3.71 8.60 -6.48
N ALA A 26 4.71 9.26 -5.92
CA ALA A 26 4.59 10.62 -5.38
C ALA A 26 3.69 10.64 -4.15
N GLY A 27 2.41 10.38 -4.37
CA GLY A 27 1.44 10.34 -3.29
C GLY A 27 0.16 9.68 -3.73
N ASP A 28 -0.13 8.51 -3.19
CA ASP A 28 -1.31 7.77 -3.62
C ASP A 28 -2.02 7.14 -2.44
N ILE A 29 -3.15 6.51 -2.72
CA ILE A 29 -4.01 5.98 -1.67
C ILE A 29 -3.87 4.46 -1.61
N ILE A 30 -3.56 3.97 -0.41
CA ILE A 30 -3.30 2.56 -0.20
C ILE A 30 -4.22 1.99 0.87
N THR A 31 -4.86 0.88 0.57
CA THR A 31 -5.70 0.22 1.54
C THR A 31 -4.96 -1.01 2.07
N VAL A 32 -4.51 -0.93 3.30
CA VAL A 32 -3.67 -1.99 3.85
C VAL A 32 -4.44 -2.81 4.90
N LEU A 33 -4.10 -4.08 4.97
CA LEU A 33 -4.75 -4.96 5.93
C LEU A 33 -3.72 -5.71 6.76
N GLU A 34 -4.12 -6.07 7.97
CA GLU A 34 -3.23 -6.69 8.92
C GLU A 34 -3.51 -8.19 9.02
N GLN A 35 -2.45 -8.98 8.88
CA GLN A 35 -2.59 -10.44 8.94
C GLN A 35 -1.65 -11.01 9.98
N HIS A 36 -0.36 -10.89 9.74
CA HIS A 36 0.64 -11.43 10.65
C HIS A 36 1.41 -10.29 11.31
N PRO A 37 1.22 -10.10 12.63
CA PRO A 37 1.94 -9.06 13.40
C PRO A 37 3.44 -9.31 13.40
N ASP A 38 3.84 -10.47 12.89
CA ASP A 38 5.25 -10.83 12.76
C ASP A 38 5.93 -9.95 11.73
N GLY A 39 5.14 -9.27 10.91
CA GLY A 39 5.69 -8.37 9.92
C GLY A 39 5.32 -8.75 8.51
N ARG A 40 4.13 -9.27 8.32
CA ARG A 40 3.66 -9.61 6.98
C ARG A 40 2.24 -9.10 6.77
N TRP A 41 2.13 -7.99 6.05
CA TRP A 41 0.86 -7.38 5.74
C TRP A 41 0.73 -7.21 4.23
N LYS A 42 -0.48 -6.95 3.78
CA LYS A 42 -0.74 -6.68 2.38
C LYS A 42 -1.28 -5.28 2.21
N GLY A 43 -0.92 -4.63 1.12
CA GLY A 43 -1.43 -3.32 0.83
C GLY A 43 -1.93 -3.23 -0.59
N CYS A 44 -3.09 -2.64 -0.75
CA CYS A 44 -3.68 -2.47 -2.06
C CYS A 44 -3.52 -1.02 -2.51
N ILE A 45 -3.10 -0.83 -3.74
CA ILE A 45 -2.85 0.50 -4.25
C ILE A 45 -4.01 0.94 -5.12
N HIS A 46 -4.65 2.02 -4.74
CA HIS A 46 -5.76 2.55 -5.52
C HIS A 46 -5.34 3.85 -6.17
N ASP A 47 -5.04 3.77 -7.45
CA ASP A 47 -4.54 4.91 -8.21
C ASP A 47 -5.60 5.98 -8.33
N ASN A 48 -5.29 7.15 -7.77
CA ASN A 48 -6.23 8.26 -7.71
C ASN A 48 -6.41 8.92 -9.09
N ARG A 49 -5.49 8.65 -10.00
CA ARG A 49 -5.51 9.31 -11.30
C ARG A 49 -6.43 8.61 -12.28
N THR A 50 -6.05 7.42 -12.72
CA THR A 50 -6.79 6.71 -13.75
C THR A 50 -7.68 5.64 -13.12
N GLY A 51 -7.18 5.00 -12.08
CA GLY A 51 -7.93 3.96 -11.41
C GLY A 51 -7.27 2.61 -11.54
N ASN A 52 -5.95 2.60 -11.57
CA ASN A 52 -5.19 1.35 -11.65
C ASN A 52 -5.09 0.69 -10.29
N ASP A 53 -4.98 -0.63 -10.28
CA ASP A 53 -4.88 -1.39 -9.03
C ASP A 53 -3.53 -2.08 -8.93
N ARG A 54 -3.11 -2.36 -7.71
CA ARG A 54 -1.84 -3.06 -7.46
C ARG A 54 -1.83 -3.59 -6.04
N VAL A 55 -1.25 -4.77 -5.83
CA VAL A 55 -1.17 -5.33 -4.49
C VAL A 55 0.29 -5.59 -4.11
N GLY A 56 0.64 -5.26 -2.88
CA GLY A 56 1.99 -5.46 -2.42
C GLY A 56 2.05 -5.99 -1.00
N TYR A 57 3.21 -6.47 -0.58
CA TYR A 57 3.38 -7.02 0.75
C TYR A 57 4.39 -6.18 1.53
N PHE A 58 4.06 -5.84 2.76
CA PHE A 58 4.96 -5.00 3.56
C PHE A 58 4.89 -5.41 5.04
N PRO A 59 5.89 -5.03 5.85
CA PRO A 59 5.90 -5.36 7.28
C PRO A 59 4.74 -4.73 8.05
N SER A 60 4.76 -3.40 8.13
CA SER A 60 3.73 -2.63 8.82
C SER A 60 4.05 -1.14 8.70
N SER A 61 3.10 -0.29 9.12
CA SER A 61 3.29 1.17 9.12
C SER A 61 3.85 1.67 7.78
N LEU A 62 2.99 1.66 6.77
CA LEU A 62 3.41 2.02 5.42
C LEU A 62 3.30 3.53 5.19
N GLY A 63 2.09 4.05 5.26
CA GLY A 63 1.87 5.46 4.97
C GLY A 63 1.17 6.18 6.11
N GLU A 64 0.51 7.28 5.78
CA GLU A 64 -0.23 8.06 6.76
C GLU A 64 -1.70 7.66 6.74
N ALA A 65 -2.18 7.10 7.83
CA ALA A 65 -3.55 6.59 7.89
C ALA A 65 -4.56 7.72 7.78
N ILE A 66 -5.35 7.68 6.71
CA ILE A 66 -6.38 8.69 6.49
C ILE A 66 -7.75 8.12 6.85
N VAL A 67 -7.78 6.82 7.14
CA VAL A 67 -9.01 6.16 7.56
C VAL A 67 -8.74 5.39 8.85
N GLY A 1 -5.34 -11.44 13.78
CA GLY A 1 -5.92 -10.08 13.95
C GLY A 1 -5.67 -9.23 12.73
N SER A 2 -6.69 -8.49 12.31
CA SER A 2 -6.59 -7.65 11.14
C SER A 2 -7.29 -6.31 11.39
N HIS A 3 -6.48 -5.29 11.66
CA HIS A 3 -6.98 -3.93 11.84
C HIS A 3 -7.73 -3.45 10.59
N MET A 4 -7.04 -3.48 9.44
CA MET A 4 -7.61 -3.01 8.16
C MET A 4 -7.78 -1.50 8.17
N LEU A 5 -6.97 -0.81 7.38
CA LEU A 5 -6.96 0.64 7.37
C LEU A 5 -6.58 1.19 6.01
N GLN A 6 -6.87 2.46 5.79
CA GLN A 6 -6.50 3.13 4.57
C GLN A 6 -5.36 4.10 4.87
N VAL A 7 -4.32 4.08 4.05
CA VAL A 7 -3.16 4.91 4.29
C VAL A 7 -2.79 5.70 3.05
N ARG A 8 -2.01 6.76 3.23
CA ARG A 8 -1.46 7.51 2.11
C ARG A 8 0.04 7.65 2.31
N ALA A 9 0.80 7.08 1.40
CA ALA A 9 2.24 7.00 1.56
C ALA A 9 2.97 7.82 0.52
N THR A 10 4.00 8.54 0.94
CA THR A 10 4.84 9.24 -0.01
C THR A 10 6.16 8.49 -0.18
N LYS A 11 6.22 7.70 -1.22
CA LYS A 11 7.41 6.97 -1.59
C LYS A 11 7.22 6.40 -2.98
N ASP A 12 8.28 6.36 -3.77
CA ASP A 12 8.22 5.72 -5.07
C ASP A 12 8.44 4.22 -4.91
N TYR A 13 7.46 3.56 -4.32
CA TYR A 13 7.56 2.16 -4.00
C TYR A 13 7.13 1.31 -5.20
N CYS A 14 7.95 0.34 -5.55
CA CYS A 14 7.70 -0.58 -6.66
C CYS A 14 7.67 0.15 -8.01
N ASN A 15 6.54 0.78 -8.33
CA ASN A 15 6.29 1.42 -9.63
C ASN A 15 6.83 0.59 -10.79
N ASN A 16 6.62 -0.72 -10.73
CA ASN A 16 7.12 -1.64 -11.73
C ASN A 16 5.97 -2.38 -12.38
N TYR A 17 6.09 -2.66 -13.68
CA TYR A 17 5.00 -3.27 -14.44
C TYR A 17 4.50 -4.57 -13.82
N ASP A 18 5.34 -5.61 -13.82
CA ASP A 18 4.94 -6.89 -13.28
C ASP A 18 5.73 -7.22 -12.01
N LEU A 19 5.08 -7.02 -10.87
CA LEU A 19 5.65 -7.35 -9.56
C LEU A 19 4.53 -7.31 -8.54
N THR A 20 4.71 -7.99 -7.41
CA THR A 20 3.75 -7.88 -6.33
C THR A 20 4.32 -7.01 -5.23
N SER A 21 3.89 -5.76 -5.23
CA SER A 21 4.35 -4.75 -4.29
C SER A 21 3.41 -3.55 -4.38
N LEU A 22 3.42 -2.71 -3.37
CA LEU A 22 2.61 -1.50 -3.35
C LEU A 22 3.11 -0.54 -4.42
N ASN A 23 2.34 -0.41 -5.49
CA ASN A 23 2.70 0.50 -6.58
C ASN A 23 2.39 1.94 -6.19
N VAL A 24 3.16 2.44 -5.24
CA VAL A 24 2.94 3.77 -4.71
C VAL A 24 3.66 4.81 -5.56
N LYS A 25 2.89 5.73 -6.14
CA LYS A 25 3.47 6.78 -6.95
C LYS A 25 3.70 8.05 -6.14
N ALA A 26 4.21 7.85 -4.92
CA ALA A 26 4.55 8.94 -4.00
C ALA A 26 3.37 9.89 -3.75
N GLY A 27 2.61 9.61 -2.71
CA GLY A 27 1.48 10.46 -2.36
C GLY A 27 0.16 9.87 -2.80
N ASP A 28 0.20 8.59 -3.15
CA ASP A 28 -0.99 7.90 -3.61
C ASP A 28 -1.70 7.24 -2.44
N ILE A 29 -2.89 6.72 -2.69
CA ILE A 29 -3.72 6.17 -1.62
C ILE A 29 -3.68 4.64 -1.63
N ILE A 30 -3.53 4.07 -0.45
CA ILE A 30 -3.39 2.62 -0.31
C ILE A 30 -4.44 2.08 0.66
N THR A 31 -5.06 0.98 0.30
CA THR A 31 -5.99 0.30 1.17
C THR A 31 -5.31 -0.94 1.74
N VAL A 32 -4.90 -0.87 3.00
CA VAL A 32 -4.06 -1.92 3.57
C VAL A 32 -4.80 -2.71 4.65
N LEU A 33 -4.32 -3.91 4.91
CA LEU A 33 -4.86 -4.72 5.96
C LEU A 33 -3.73 -5.34 6.78
N GLU A 34 -4.06 -5.76 7.97
CA GLU A 34 -3.07 -6.27 8.92
C GLU A 34 -3.13 -7.79 8.97
N GLN A 35 -1.99 -8.42 8.88
CA GLN A 35 -1.93 -9.88 8.89
C GLN A 35 -0.91 -10.37 9.90
N HIS A 36 0.36 -10.21 9.57
CA HIS A 36 1.43 -10.75 10.40
C HIS A 36 2.03 -9.66 11.28
N PRO A 37 1.87 -9.79 12.62
CA PRO A 37 2.46 -8.87 13.59
C PRO A 37 3.99 -8.85 13.54
N ASP A 38 4.55 -9.78 12.76
CA ASP A 38 5.98 -9.85 12.51
C ASP A 38 6.44 -8.62 11.75
N GLY A 39 5.49 -7.96 11.11
CA GLY A 39 5.80 -6.82 10.30
C GLY A 39 5.66 -7.14 8.83
N ARG A 40 4.56 -7.81 8.50
CA ARG A 40 4.28 -8.18 7.12
C ARG A 40 2.78 -8.08 6.88
N TRP A 41 2.39 -7.03 6.18
CA TRP A 41 0.99 -6.77 5.89
C TRP A 41 0.77 -6.73 4.39
N LYS A 42 -0.47 -6.80 3.98
CA LYS A 42 -0.81 -6.73 2.57
C LYS A 42 -1.65 -5.49 2.33
N GLY A 43 -1.59 -4.97 1.11
CA GLY A 43 -2.38 -3.81 0.79
C GLY A 43 -2.60 -3.65 -0.69
N CYS A 44 -3.63 -2.94 -1.04
CA CYS A 44 -3.94 -2.66 -2.43
C CYS A 44 -3.77 -1.17 -2.70
N ILE A 45 -3.47 -0.83 -3.94
CA ILE A 45 -3.25 0.56 -4.29
C ILE A 45 -4.49 1.12 -4.95
N HIS A 46 -4.93 2.27 -4.49
CA HIS A 46 -6.11 2.90 -5.04
C HIS A 46 -5.66 4.06 -5.92
N ASP A 47 -5.70 3.83 -7.23
CA ASP A 47 -5.25 4.82 -8.18
C ASP A 47 -6.25 5.97 -8.28
N ASN A 48 -5.73 7.17 -8.44
CA ASN A 48 -6.57 8.36 -8.47
C ASN A 48 -6.60 8.98 -9.85
N ARG A 49 -5.86 8.41 -10.80
CA ARG A 49 -5.83 8.95 -12.15
C ARG A 49 -5.45 7.88 -13.18
N THR A 50 -4.15 7.62 -13.32
CA THR A 50 -3.68 6.66 -14.31
C THR A 50 -2.35 6.03 -13.87
N GLY A 51 -2.21 5.85 -12.56
CA GLY A 51 -1.00 5.29 -12.01
C GLY A 51 -1.09 3.80 -11.81
N ASN A 52 -2.24 3.24 -12.19
CA ASN A 52 -2.51 1.80 -12.11
C ASN A 52 -2.68 1.34 -10.66
N ASP A 53 -3.71 0.52 -10.45
CA ASP A 53 -4.00 -0.01 -9.12
C ASP A 53 -3.55 -1.46 -9.02
N ARG A 54 -2.70 -1.74 -8.06
CA ARG A 54 -2.11 -3.07 -7.91
C ARG A 54 -2.06 -3.49 -6.45
N VAL A 55 -1.84 -4.77 -6.20
CA VAL A 55 -1.79 -5.29 -4.83
C VAL A 55 -0.37 -5.68 -4.45
N GLY A 56 0.02 -5.39 -3.22
CA GLY A 56 1.37 -5.68 -2.77
C GLY A 56 1.44 -5.91 -1.27
N TYR A 57 2.57 -6.43 -0.82
CA TYR A 57 2.81 -6.64 0.60
C TYR A 57 3.88 -5.67 1.10
N PHE A 58 3.75 -5.25 2.36
CA PHE A 58 4.67 -4.28 2.93
C PHE A 58 4.96 -4.61 4.39
N PRO A 59 6.17 -4.26 4.87
CA PRO A 59 6.59 -4.56 6.24
C PRO A 59 6.05 -3.58 7.28
N SER A 60 4.73 -3.35 7.22
CA SER A 60 3.99 -2.47 8.14
C SER A 60 4.52 -1.02 8.12
N SER A 61 3.65 -0.10 8.56
CA SER A 61 3.98 1.33 8.62
C SER A 61 4.52 1.82 7.26
N LEU A 62 3.62 1.92 6.30
CA LEU A 62 4.01 2.36 4.96
C LEU A 62 3.54 3.78 4.72
N GLY A 63 2.30 4.07 5.07
CA GLY A 63 1.75 5.38 4.83
C GLY A 63 1.00 5.92 6.03
N GLU A 64 0.57 7.16 5.94
CA GLU A 64 -0.17 7.80 7.02
C GLU A 64 -1.61 7.29 7.03
N ALA A 65 -2.09 6.92 8.20
CA ALA A 65 -3.41 6.35 8.33
C ALA A 65 -4.49 7.41 8.14
N ILE A 66 -5.21 7.28 7.04
CA ILE A 66 -6.32 8.18 6.75
C ILE A 66 -7.63 7.40 6.85
N VAL A 67 -7.58 6.30 7.58
CA VAL A 67 -8.74 5.44 7.78
C VAL A 67 -9.85 6.19 8.54
N GLY A 1 -5.65 -3.25 15.32
CA GLY A 1 -7.03 -3.40 14.80
C GLY A 1 -7.27 -4.78 14.23
N SER A 2 -6.22 -5.37 13.62
CA SER A 2 -6.27 -6.70 13.02
C SER A 2 -7.40 -6.85 12.01
N HIS A 3 -7.70 -5.78 11.29
CA HIS A 3 -8.71 -5.82 10.24
C HIS A 3 -8.15 -5.21 8.95
N MET A 4 -8.18 -3.89 8.88
CA MET A 4 -7.71 -3.18 7.70
C MET A 4 -7.69 -1.68 7.95
N LEU A 5 -6.99 -0.96 7.10
CA LEU A 5 -6.88 0.48 7.22
C LEU A 5 -6.43 1.09 5.90
N GLN A 6 -6.76 2.35 5.68
CA GLN A 6 -6.33 3.03 4.48
C GLN A 6 -5.20 3.99 4.82
N VAL A 7 -4.11 3.89 4.08
CA VAL A 7 -2.93 4.69 4.36
C VAL A 7 -2.55 5.54 3.15
N ARG A 8 -1.97 6.69 3.43
CA ARG A 8 -1.41 7.53 2.39
C ARG A 8 0.11 7.48 2.47
N ALA A 9 0.73 6.78 1.54
CA ALA A 9 2.17 6.58 1.57
C ALA A 9 2.86 7.42 0.52
N THR A 10 4.00 7.99 0.87
CA THR A 10 4.77 8.75 -0.08
C THR A 10 6.12 8.06 -0.32
N LYS A 11 6.20 7.35 -1.43
CA LYS A 11 7.42 6.65 -1.83
C LYS A 11 7.26 6.20 -3.28
N ASP A 12 8.33 6.25 -4.05
CA ASP A 12 8.29 5.79 -5.42
C ASP A 12 8.43 4.27 -5.48
N TYR A 13 7.50 3.61 -4.79
CA TYR A 13 7.56 2.17 -4.62
C TYR A 13 7.09 1.46 -5.89
N CYS A 14 7.49 0.20 -6.03
CA CYS A 14 7.20 -0.60 -7.23
C CYS A 14 7.93 0.00 -8.43
N ASN A 15 9.15 0.46 -8.16
CA ASN A 15 10.02 1.00 -9.21
C ASN A 15 10.65 -0.14 -10.00
N ASN A 16 10.78 -1.29 -9.35
CA ASN A 16 11.33 -2.48 -9.97
C ASN A 16 10.42 -2.95 -11.11
N TYR A 17 11.06 -3.49 -12.15
CA TYR A 17 10.37 -3.85 -13.37
C TYR A 17 9.51 -5.09 -13.17
N ASP A 18 9.99 -6.03 -12.37
CA ASP A 18 9.23 -7.23 -12.04
C ASP A 18 9.29 -7.52 -10.55
N LEU A 19 8.21 -7.21 -9.86
CA LEU A 19 8.08 -7.49 -8.44
C LEU A 19 6.62 -7.33 -8.02
N THR A 20 6.26 -7.82 -6.86
CA THR A 20 4.93 -7.62 -6.33
C THR A 20 4.97 -6.55 -5.25
N SER A 21 4.53 -5.35 -5.60
CA SER A 21 4.72 -4.20 -4.73
C SER A 21 3.58 -3.21 -4.85
N LEU A 22 3.51 -2.30 -3.88
CA LEU A 22 2.55 -1.20 -3.90
C LEU A 22 2.88 -0.23 -5.01
N ASN A 23 1.92 0.00 -5.90
CA ASN A 23 2.10 0.96 -6.99
C ASN A 23 1.95 2.38 -6.44
N VAL A 24 2.99 2.86 -5.79
CA VAL A 24 2.93 4.17 -5.17
C VAL A 24 3.71 5.19 -5.99
N LYS A 25 3.04 6.25 -6.39
CA LYS A 25 3.67 7.32 -7.15
C LYS A 25 4.21 8.41 -6.23
N ALA A 26 4.89 7.98 -5.16
CA ALA A 26 5.46 8.90 -4.18
C ALA A 26 4.40 9.75 -3.51
N GLY A 27 3.19 9.20 -3.39
CA GLY A 27 2.09 9.91 -2.77
C GLY A 27 0.76 9.42 -3.28
N ASP A 28 0.41 8.20 -2.92
CA ASP A 28 -0.79 7.58 -3.44
C ASP A 28 -1.68 7.09 -2.31
N ILE A 29 -2.86 6.60 -2.67
CA ILE A 29 -3.85 6.14 -1.70
C ILE A 29 -3.88 4.62 -1.65
N ILE A 30 -3.48 4.06 -0.53
CA ILE A 30 -3.37 2.62 -0.39
C ILE A 30 -4.40 2.11 0.61
N THR A 31 -5.14 1.09 0.23
CA THR A 31 -6.06 0.44 1.14
C THR A 31 -5.46 -0.89 1.58
N VAL A 32 -5.00 -0.95 2.81
CA VAL A 32 -4.26 -2.10 3.29
C VAL A 32 -5.06 -2.89 4.31
N LEU A 33 -4.66 -4.13 4.53
CA LEU A 33 -5.28 -4.94 5.55
C LEU A 33 -4.28 -5.24 6.65
N GLU A 34 -4.76 -5.33 7.87
CA GLU A 34 -3.89 -5.55 9.01
C GLU A 34 -4.03 -7.00 9.47
N GLN A 35 -3.02 -7.79 9.17
CA GLN A 35 -3.05 -9.22 9.47
C GLN A 35 -1.79 -9.66 10.18
N HIS A 36 -0.65 -9.41 9.55
CA HIS A 36 0.65 -9.83 10.09
C HIS A 36 0.65 -11.35 10.33
N PRO A 37 0.49 -12.15 9.26
CA PRO A 37 0.49 -13.61 9.37
C PRO A 37 1.89 -14.13 9.65
N ASP A 38 2.88 -13.33 9.28
CA ASP A 38 4.27 -13.66 9.53
C ASP A 38 5.01 -12.43 10.02
N GLY A 39 5.06 -11.40 9.20
CA GLY A 39 5.73 -10.18 9.58
C GLY A 39 5.53 -9.06 8.58
N ARG A 40 4.39 -9.04 7.92
CA ARG A 40 4.08 -8.00 6.94
C ARG A 40 2.60 -8.03 6.60
N TRP A 41 2.12 -6.91 6.07
CA TRP A 41 0.74 -6.78 5.66
C TRP A 41 0.67 -6.62 4.15
N LYS A 42 -0.52 -6.79 3.60
CA LYS A 42 -0.74 -6.54 2.18
C LYS A 42 -1.48 -5.23 1.99
N GLY A 43 -1.27 -4.62 0.85
CA GLY A 43 -1.97 -3.39 0.55
C GLY A 43 -2.42 -3.33 -0.89
N CYS A 44 -3.55 -2.68 -1.12
CA CYS A 44 -4.05 -2.48 -2.47
C CYS A 44 -4.01 -1.00 -2.81
N ILE A 45 -3.87 -0.69 -4.09
CA ILE A 45 -3.74 0.70 -4.51
C ILE A 45 -5.05 1.21 -5.07
N HIS A 46 -5.52 2.32 -4.56
CA HIS A 46 -6.74 2.94 -5.07
C HIS A 46 -6.35 4.16 -5.88
N ASP A 47 -6.39 4.03 -7.19
CA ASP A 47 -5.97 5.10 -8.07
C ASP A 47 -6.89 6.31 -7.94
N ASN A 48 -6.28 7.46 -7.71
CA ASN A 48 -6.99 8.72 -7.65
C ASN A 48 -7.16 9.30 -9.05
N ARG A 49 -6.12 9.18 -9.85
CA ARG A 49 -6.20 9.54 -11.26
C ARG A 49 -5.83 8.34 -12.11
N THR A 50 -4.61 7.85 -11.93
CA THR A 50 -4.19 6.61 -12.55
C THR A 50 -3.22 5.88 -11.63
N GLY A 51 -2.90 4.64 -11.97
CA GLY A 51 -2.07 3.81 -11.12
C GLY A 51 -2.64 2.41 -11.00
N ASN A 52 -3.97 2.33 -11.15
CA ASN A 52 -4.70 1.07 -11.15
C ASN A 52 -4.64 0.39 -9.78
N ASP A 53 -5.25 -0.79 -9.70
CA ASP A 53 -5.31 -1.53 -8.45
C ASP A 53 -4.32 -2.69 -8.46
N ARG A 54 -3.29 -2.58 -7.64
CA ARG A 54 -2.31 -3.63 -7.48
C ARG A 54 -2.13 -3.96 -6.01
N VAL A 55 -1.76 -5.19 -5.72
CA VAL A 55 -1.53 -5.61 -4.34
C VAL A 55 -0.03 -5.73 -4.06
N GLY A 56 0.39 -5.22 -2.92
CA GLY A 56 1.79 -5.30 -2.55
C GLY A 56 1.96 -5.66 -1.09
N TYR A 57 3.18 -6.04 -0.72
CA TYR A 57 3.47 -6.43 0.65
C TYR A 57 4.35 -5.38 1.31
N PHE A 58 4.07 -5.09 2.58
CA PHE A 58 4.87 -4.13 3.32
C PHE A 58 4.93 -4.51 4.80
N PRO A 59 6.06 -4.25 5.48
CA PRO A 59 6.25 -4.63 6.89
C PRO A 59 5.09 -4.19 7.78
N SER A 60 4.92 -2.88 7.91
CA SER A 60 3.84 -2.32 8.72
C SER A 60 3.85 -0.79 8.64
N SER A 61 2.67 -0.20 8.47
CA SER A 61 2.52 1.25 8.42
C SER A 61 3.41 1.87 7.34
N LEU A 62 3.10 1.57 6.08
CA LEU A 62 3.86 2.11 4.96
C LEU A 62 3.56 3.59 4.78
N GLY A 63 2.33 3.97 5.10
CA GLY A 63 1.93 5.36 4.97
C GLY A 63 1.15 5.83 6.18
N GLU A 64 0.57 7.01 6.07
CA GLU A 64 -0.23 7.58 7.16
C GLU A 64 -1.62 6.97 7.16
N ALA A 65 -1.98 6.34 8.25
CA ALA A 65 -3.27 5.70 8.38
C ALA A 65 -4.37 6.71 8.58
N ILE A 66 -5.21 6.87 7.57
CA ILE A 66 -6.35 7.76 7.66
C ILE A 66 -7.61 6.96 7.95
N VAL A 67 -7.55 5.66 7.67
CA VAL A 67 -8.65 4.73 7.93
C VAL A 67 -9.91 5.11 7.13
N GLY A 1 -5.17 -9.56 15.01
CA GLY A 1 -5.46 -8.22 14.48
C GLY A 1 -6.01 -8.26 13.08
N SER A 2 -7.06 -7.49 12.82
CA SER A 2 -7.68 -7.45 11.51
C SER A 2 -8.34 -6.08 11.31
N HIS A 3 -7.70 -5.04 11.82
CA HIS A 3 -8.24 -3.68 11.75
C HIS A 3 -8.54 -3.27 10.31
N MET A 4 -7.52 -3.29 9.46
CA MET A 4 -7.62 -2.85 8.06
C MET A 4 -7.79 -1.34 7.99
N LEU A 5 -6.88 -0.69 7.29
CA LEU A 5 -6.81 0.76 7.28
C LEU A 5 -6.39 1.28 5.92
N GLN A 6 -6.74 2.52 5.64
CA GLN A 6 -6.31 3.18 4.43
C GLN A 6 -5.19 4.17 4.76
N VAL A 7 -4.11 4.09 4.02
CA VAL A 7 -2.96 4.92 4.27
C VAL A 7 -2.67 5.83 3.08
N ARG A 8 -2.15 7.00 3.40
CA ARG A 8 -1.69 7.94 2.39
C ARG A 8 -0.17 7.88 2.36
N ALA A 9 0.38 7.24 1.36
CA ALA A 9 1.80 6.99 1.34
C ALA A 9 2.51 7.79 0.28
N THR A 10 3.54 8.51 0.69
CA THR A 10 4.40 9.19 -0.25
C THR A 10 5.73 8.48 -0.34
N LYS A 11 5.89 7.69 -1.39
CA LYS A 11 7.11 6.95 -1.65
C LYS A 11 7.07 6.43 -3.08
N ASP A 12 8.19 6.49 -3.77
CA ASP A 12 8.28 5.99 -5.13
C ASP A 12 8.47 4.47 -5.12
N TYR A 13 7.53 3.78 -4.49
CA TYR A 13 7.61 2.33 -4.31
C TYR A 13 7.12 1.61 -5.56
N CYS A 14 7.77 0.49 -5.87
CA CYS A 14 7.45 -0.31 -7.05
C CYS A 14 7.65 0.50 -8.34
N ASN A 15 6.56 1.01 -8.91
CA ASN A 15 6.60 1.75 -10.18
C ASN A 15 7.27 0.91 -11.27
N ASN A 16 7.13 -0.40 -11.18
CA ASN A 16 7.79 -1.29 -12.13
C ASN A 16 6.76 -2.17 -12.84
N TYR A 17 7.18 -2.84 -13.89
CA TYR A 17 6.27 -3.64 -14.71
C TYR A 17 5.74 -4.84 -13.93
N ASP A 18 6.55 -5.88 -13.79
CA ASP A 18 6.10 -7.09 -13.14
C ASP A 18 6.77 -7.26 -11.78
N LEU A 19 6.00 -6.97 -10.74
CA LEU A 19 6.43 -7.14 -9.34
C LEU A 19 5.20 -7.10 -8.45
N THR A 20 5.29 -7.70 -7.28
CA THR A 20 4.22 -7.60 -6.32
C THR A 20 4.61 -6.62 -5.22
N SER A 21 4.10 -5.41 -5.33
CA SER A 21 4.49 -4.33 -4.45
C SER A 21 3.47 -3.19 -4.56
N LEU A 22 3.47 -2.32 -3.56
CA LEU A 22 2.59 -1.17 -3.55
C LEU A 22 3.03 -0.19 -4.63
N ASN A 23 2.23 -0.07 -5.68
CA ASN A 23 2.56 0.84 -6.78
C ASN A 23 2.25 2.28 -6.39
N VAL A 24 3.13 2.85 -5.58
CA VAL A 24 2.91 4.18 -5.05
C VAL A 24 3.63 5.22 -5.90
N LYS A 25 2.87 6.16 -6.43
CA LYS A 25 3.41 7.21 -7.29
C LYS A 25 4.05 8.33 -6.46
N ALA A 26 4.69 7.96 -5.36
CA ALA A 26 5.27 8.92 -4.42
C ALA A 26 4.21 9.87 -3.90
N GLY A 27 3.03 9.32 -3.63
CA GLY A 27 1.92 10.11 -3.15
C GLY A 27 0.61 9.51 -3.59
N ASP A 28 0.27 8.35 -3.04
CA ASP A 28 -0.90 7.62 -3.49
C ASP A 28 -1.70 7.10 -2.30
N ILE A 29 -2.84 6.49 -2.60
CA ILE A 29 -3.74 5.98 -1.60
C ILE A 29 -3.68 4.45 -1.56
N ILE A 30 -3.33 3.92 -0.39
CA ILE A 30 -3.20 2.48 -0.25
C ILE A 30 -4.24 1.96 0.73
N THR A 31 -4.90 0.88 0.35
CA THR A 31 -5.85 0.23 1.23
C THR A 31 -5.22 -1.04 1.79
N VAL A 32 -4.81 -0.99 3.05
CA VAL A 32 -4.05 -2.09 3.62
C VAL A 32 -4.88 -2.86 4.65
N LEU A 33 -4.65 -4.15 4.73
CA LEU A 33 -5.31 -4.98 5.72
C LEU A 33 -4.30 -5.40 6.78
N GLU A 34 -4.80 -5.73 7.95
CA GLU A 34 -3.94 -6.07 9.06
C GLU A 34 -3.91 -7.58 9.25
N GLN A 35 -2.72 -8.14 9.11
CA GLN A 35 -2.53 -9.58 9.25
C GLN A 35 -1.57 -9.86 10.40
N HIS A 36 -0.31 -9.49 10.21
CA HIS A 36 0.70 -9.68 11.24
C HIS A 36 1.51 -8.40 11.42
N PRO A 37 1.13 -7.54 12.39
CA PRO A 37 1.83 -6.28 12.66
C PRO A 37 3.30 -6.48 13.05
N ASP A 38 3.64 -7.70 13.45
CA ASP A 38 5.00 -8.04 13.81
C ASP A 38 5.82 -8.36 12.56
N GLY A 39 5.12 -8.66 11.48
CA GLY A 39 5.78 -9.03 10.25
C GLY A 39 5.40 -8.15 9.09
N ARG A 40 4.57 -8.67 8.19
CA ARG A 40 4.19 -7.93 7.01
C ARG A 40 2.68 -7.93 6.80
N TRP A 41 2.20 -6.91 6.13
CA TRP A 41 0.80 -6.80 5.76
C TRP A 41 0.68 -6.76 4.25
N LYS A 42 -0.53 -6.97 3.77
CA LYS A 42 -0.82 -6.86 2.36
C LYS A 42 -1.66 -5.61 2.13
N GLY A 43 -1.41 -4.93 1.03
CA GLY A 43 -2.17 -3.74 0.73
C GLY A 43 -2.44 -3.60 -0.74
N CYS A 44 -3.48 -2.85 -1.06
CA CYS A 44 -3.85 -2.59 -2.44
C CYS A 44 -3.76 -1.10 -2.74
N ILE A 45 -3.59 -0.76 -4.00
CA ILE A 45 -3.46 0.64 -4.38
C ILE A 45 -4.78 1.11 -4.97
N HIS A 46 -5.12 2.37 -4.72
CA HIS A 46 -6.34 2.92 -5.28
C HIS A 46 -6.01 3.83 -6.46
N ASP A 47 -6.40 3.38 -7.64
CA ASP A 47 -6.19 4.15 -8.86
C ASP A 47 -6.99 5.45 -8.80
N ASN A 48 -6.30 6.56 -8.71
CA ASN A 48 -6.94 7.86 -8.61
C ASN A 48 -7.23 8.42 -10.00
N ARG A 49 -6.54 7.89 -11.01
CA ARG A 49 -6.70 8.37 -12.37
C ARG A 49 -6.08 7.40 -13.37
N THR A 50 -4.78 7.20 -13.26
CA THR A 50 -4.06 6.34 -14.18
C THR A 50 -2.83 5.71 -13.49
N GLY A 51 -2.97 5.42 -12.21
CA GLY A 51 -1.92 4.79 -11.47
C GLY A 51 -2.14 3.29 -11.36
N ASN A 52 -3.39 2.90 -11.60
CA ASN A 52 -3.82 1.50 -11.60
C ASN A 52 -3.86 0.94 -10.18
N ASP A 53 -4.66 -0.10 -10.00
CA ASP A 53 -4.80 -0.72 -8.69
C ASP A 53 -4.01 -2.01 -8.63
N ARG A 54 -2.95 -2.00 -7.83
CA ARG A 54 -2.09 -3.16 -7.69
C ARG A 54 -2.05 -3.60 -6.23
N VAL A 55 -1.64 -4.83 -6.00
CA VAL A 55 -1.53 -5.36 -4.65
C VAL A 55 -0.05 -5.60 -4.31
N GLY A 56 0.31 -5.35 -3.06
CA GLY A 56 1.68 -5.52 -2.65
C GLY A 56 1.79 -5.81 -1.16
N TYR A 57 2.96 -6.26 -0.74
CA TYR A 57 3.21 -6.54 0.67
C TYR A 57 4.18 -5.52 1.24
N PHE A 58 3.97 -5.16 2.50
CA PHE A 58 4.81 -4.17 3.16
C PHE A 58 4.94 -4.50 4.64
N PRO A 59 6.00 -4.01 5.31
CA PRO A 59 6.29 -4.35 6.71
C PRO A 59 5.34 -3.69 7.73
N SER A 60 4.03 -3.88 7.51
CA SER A 60 2.96 -3.45 8.42
C SER A 60 2.97 -1.95 8.72
N SER A 61 3.78 -1.19 7.98
CA SER A 61 3.86 0.24 8.19
C SER A 61 4.40 0.92 6.93
N LEU A 62 3.62 1.85 6.39
CA LEU A 62 4.02 2.59 5.21
C LEU A 62 3.10 3.79 5.01
N GLY A 63 3.67 4.97 4.93
CA GLY A 63 2.89 6.18 4.73
C GLY A 63 2.24 6.67 6.00
N GLU A 64 1.09 7.30 5.87
CA GLU A 64 0.35 7.82 7.00
C GLU A 64 -1.08 7.30 6.98
N ALA A 65 -1.47 6.63 8.05
CA ALA A 65 -2.79 6.03 8.13
C ALA A 65 -3.87 7.06 8.41
N ILE A 66 -4.99 6.94 7.71
CA ILE A 66 -6.14 7.80 7.94
C ILE A 66 -7.38 6.96 8.23
N VAL A 67 -7.18 5.65 8.30
CA VAL A 67 -8.24 4.67 8.58
C VAL A 67 -9.22 4.58 7.41
N GLY A 1 -5.45 -7.59 14.48
CA GLY A 1 -6.82 -8.08 14.19
C GLY A 1 -7.36 -7.51 12.89
N SER A 2 -8.65 -7.65 12.66
CA SER A 2 -9.26 -7.10 11.47
C SER A 2 -9.49 -5.60 11.63
N HIS A 3 -8.41 -4.84 11.50
CA HIS A 3 -8.46 -3.39 11.61
C HIS A 3 -8.86 -2.77 10.28
N MET A 4 -8.14 -3.15 9.21
CA MET A 4 -8.36 -2.61 7.88
C MET A 4 -8.15 -1.11 7.85
N LEU A 5 -6.93 -0.69 7.57
CA LEU A 5 -6.58 0.71 7.70
C LEU A 5 -6.15 1.29 6.36
N GLN A 6 -6.51 2.54 6.14
CA GLN A 6 -6.14 3.24 4.94
C GLN A 6 -5.00 4.20 5.22
N VAL A 7 -3.92 4.05 4.48
CA VAL A 7 -2.74 4.88 4.66
C VAL A 7 -2.52 5.74 3.42
N ARG A 8 -2.10 6.97 3.65
CA ARG A 8 -1.76 7.86 2.55
C ARG A 8 -0.25 7.98 2.48
N ALA A 9 0.32 7.50 1.39
CA ALA A 9 1.76 7.45 1.26
C ALA A 9 2.23 8.21 0.04
N THR A 10 3.17 9.11 0.25
CA THR A 10 3.81 9.79 -0.84
C THR A 10 5.27 9.34 -0.94
N LYS A 11 5.52 8.43 -1.86
CA LYS A 11 6.84 7.89 -2.09
C LYS A 11 6.87 7.17 -3.43
N ASP A 12 7.97 7.26 -4.15
CA ASP A 12 8.13 6.52 -5.39
C ASP A 12 8.48 5.06 -5.09
N TYR A 13 7.48 4.35 -4.59
CA TYR A 13 7.65 2.97 -4.17
C TYR A 13 7.32 2.01 -5.31
N CYS A 14 8.33 1.27 -5.76
CA CYS A 14 8.16 0.26 -6.80
C CYS A 14 7.92 0.91 -8.17
N ASN A 15 8.91 1.66 -8.65
CA ASN A 15 8.81 2.30 -9.95
C ASN A 15 10.06 2.04 -10.79
N ASN A 16 11.20 2.49 -10.30
CA ASN A 16 12.47 2.36 -11.02
C ASN A 16 13.60 2.10 -10.04
N TYR A 17 14.40 1.06 -10.32
CA TYR A 17 15.46 0.62 -9.42
C TYR A 17 14.86 0.23 -8.07
N ASP A 18 13.69 -0.37 -8.15
CA ASP A 18 12.92 -0.78 -6.98
C ASP A 18 12.64 -2.27 -7.05
N LEU A 19 12.12 -2.81 -5.96
CA LEU A 19 11.73 -4.21 -5.90
C LEU A 19 10.22 -4.29 -6.10
N THR A 20 9.69 -5.47 -6.33
CA THR A 20 8.30 -5.58 -6.76
C THR A 20 7.40 -5.88 -5.57
N SER A 21 6.76 -4.82 -5.11
CA SER A 21 5.79 -4.86 -4.02
C SER A 21 5.03 -3.54 -4.05
N LEU A 22 3.70 -3.60 -4.15
CA LEU A 22 2.88 -2.39 -4.22
C LEU A 22 3.18 -1.60 -5.50
N ASN A 23 2.65 -0.39 -5.58
CA ASN A 23 2.91 0.51 -6.70
C ASN A 23 2.53 1.94 -6.31
N VAL A 24 3.46 2.66 -5.71
CA VAL A 24 3.20 4.02 -5.24
C VAL A 24 4.04 5.01 -6.04
N LYS A 25 3.42 6.07 -6.49
CA LYS A 25 4.08 7.05 -7.33
C LYS A 25 4.09 8.42 -6.66
N ALA A 26 4.34 8.41 -5.35
CA ALA A 26 4.43 9.64 -4.56
C ALA A 26 3.12 10.43 -4.56
N GLY A 27 2.01 9.72 -4.62
CA GLY A 27 0.71 10.37 -4.57
C GLY A 27 -0.42 9.39 -4.73
N ASP A 28 -0.51 8.44 -3.81
CA ASP A 28 -1.50 7.38 -3.91
C ASP A 28 -2.15 7.12 -2.56
N ILE A 29 -3.34 6.55 -2.60
CA ILE A 29 -4.03 6.14 -1.39
C ILE A 29 -3.94 4.63 -1.26
N ILE A 30 -3.45 4.16 -0.13
CA ILE A 30 -3.23 2.74 0.03
C ILE A 30 -4.17 2.16 1.08
N THR A 31 -4.83 1.08 0.73
CA THR A 31 -5.71 0.41 1.67
C THR A 31 -5.02 -0.85 2.17
N VAL A 32 -4.54 -0.81 3.40
CA VAL A 32 -3.73 -1.90 3.91
C VAL A 32 -4.50 -2.74 4.93
N LEU A 33 -4.29 -4.04 4.85
CA LEU A 33 -4.97 -4.97 5.72
C LEU A 33 -4.00 -5.50 6.76
N GLU A 34 -4.46 -5.60 7.99
CA GLU A 34 -3.64 -6.11 9.07
C GLU A 34 -4.04 -7.55 9.36
N GLN A 35 -3.13 -8.46 9.04
CA GLN A 35 -3.37 -9.87 9.29
C GLN A 35 -2.32 -10.41 10.25
N HIS A 36 -1.06 -10.10 9.98
CA HIS A 36 0.03 -10.60 10.81
C HIS A 36 1.03 -9.47 11.09
N PRO A 37 0.78 -8.66 12.13
CA PRO A 37 1.69 -7.57 12.53
C PRO A 37 3.08 -8.09 12.87
N ASP A 38 3.12 -9.35 13.27
CA ASP A 38 4.36 -10.00 13.66
C ASP A 38 5.19 -10.36 12.43
N GLY A 39 4.57 -10.27 11.26
CA GLY A 39 5.25 -10.60 10.03
C GLY A 39 5.09 -9.53 8.98
N ARG A 40 4.07 -9.66 8.14
CA ARG A 40 3.83 -8.71 7.08
C ARG A 40 2.34 -8.48 6.85
N TRP A 41 2.03 -7.38 6.20
CA TRP A 41 0.66 -7.04 5.85
C TRP A 41 0.52 -6.94 4.33
N LYS A 42 -0.70 -6.93 3.85
CA LYS A 42 -0.94 -6.77 2.44
C LYS A 42 -1.83 -5.56 2.20
N GLY A 43 -1.56 -4.83 1.14
CA GLY A 43 -2.31 -3.62 0.87
C GLY A 43 -2.59 -3.42 -0.59
N CYS A 44 -3.64 -2.67 -0.85
CA CYS A 44 -4.04 -2.35 -2.21
C CYS A 44 -3.74 -0.89 -2.50
N ILE A 45 -3.40 -0.60 -3.75
CA ILE A 45 -3.08 0.76 -4.16
C ILE A 45 -4.26 1.37 -4.90
N HIS A 46 -4.63 2.57 -4.52
CA HIS A 46 -5.69 3.29 -5.20
C HIS A 46 -5.07 4.35 -6.09
N ASP A 47 -5.05 4.06 -7.38
CA ASP A 47 -4.51 4.98 -8.37
C ASP A 47 -5.48 6.13 -8.62
N ASN A 48 -5.02 7.33 -8.37
CA ASN A 48 -5.86 8.52 -8.47
C ASN A 48 -6.16 8.87 -9.93
N ARG A 49 -5.16 8.75 -10.79
CA ARG A 49 -5.32 9.17 -12.17
C ARG A 49 -5.07 8.03 -13.15
N THR A 50 -3.80 7.77 -13.47
CA THR A 50 -3.46 6.74 -14.44
C THR A 50 -2.05 6.20 -14.18
N GLY A 51 -1.72 6.04 -12.92
CA GLY A 51 -0.41 5.54 -12.55
C GLY A 51 -0.43 4.06 -12.28
N ASN A 52 -1.57 3.43 -12.59
CA ASN A 52 -1.77 1.99 -12.43
C ASN A 52 -1.94 1.61 -10.96
N ASP A 53 -2.88 0.70 -10.70
CA ASP A 53 -3.12 0.21 -9.35
C ASP A 53 -2.55 -1.19 -9.22
N ARG A 54 -2.36 -1.65 -8.00
CA ARG A 54 -1.75 -2.95 -7.75
C ARG A 54 -1.98 -3.36 -6.29
N VAL A 55 -1.90 -4.66 -6.02
CA VAL A 55 -1.94 -5.15 -4.65
C VAL A 55 -0.59 -5.76 -4.29
N GLY A 56 -0.12 -5.50 -3.08
CA GLY A 56 1.18 -5.99 -2.70
C GLY A 56 1.32 -6.17 -1.20
N TYR A 57 2.36 -6.89 -0.79
CA TYR A 57 2.61 -7.10 0.62
C TYR A 57 3.80 -6.27 1.08
N PHE A 58 3.78 -5.88 2.34
CA PHE A 58 4.82 -5.06 2.93
C PHE A 58 4.99 -5.45 4.39
N PRO A 59 6.17 -5.19 4.99
CA PRO A 59 6.45 -5.58 6.38
C PRO A 59 5.43 -5.04 7.38
N SER A 60 5.45 -3.74 7.60
CA SER A 60 4.52 -3.11 8.53
C SER A 60 4.58 -1.60 8.41
N SER A 61 3.41 -0.97 8.23
CA SER A 61 3.27 0.47 8.09
C SER A 61 3.93 0.96 6.79
N LEU A 62 3.15 1.60 5.93
CA LEU A 62 3.65 2.02 4.63
C LEU A 62 3.32 3.48 4.33
N GLY A 63 2.38 4.05 5.08
CA GLY A 63 2.00 5.43 4.84
C GLY A 63 1.36 6.08 6.06
N GLU A 64 0.77 7.25 5.87
CA GLU A 64 0.07 7.93 6.95
C GLU A 64 -1.29 7.29 7.19
N ALA A 65 -1.38 6.52 8.26
CA ALA A 65 -2.59 5.76 8.55
C ALA A 65 -3.69 6.65 9.11
N ILE A 66 -4.82 6.69 8.42
CA ILE A 66 -5.97 7.43 8.91
C ILE A 66 -7.11 6.47 9.25
N VAL A 67 -6.81 5.18 9.17
CA VAL A 67 -7.78 4.12 9.44
C VAL A 67 -8.88 4.11 8.38
N GLY A 1 -5.25 -9.53 14.88
CA GLY A 1 -5.76 -8.20 14.45
C GLY A 1 -6.43 -8.28 13.09
N SER A 2 -7.66 -7.82 13.02
CA SER A 2 -8.41 -7.85 11.77
C SER A 2 -8.75 -6.43 11.30
N HIS A 3 -7.86 -5.50 11.59
CA HIS A 3 -8.09 -4.10 11.26
C HIS A 3 -7.76 -3.82 9.80
N MET A 4 -8.66 -3.16 9.11
CA MET A 4 -8.42 -2.70 7.75
C MET A 4 -8.41 -1.18 7.74
N LEU A 5 -7.43 -0.59 7.08
CA LEU A 5 -7.26 0.86 7.11
C LEU A 5 -6.73 1.39 5.79
N GLN A 6 -7.02 2.65 5.54
CA GLN A 6 -6.56 3.33 4.35
C GLN A 6 -5.40 4.26 4.69
N VAL A 7 -4.34 4.19 3.91
CA VAL A 7 -3.17 5.02 4.16
C VAL A 7 -2.84 5.89 2.95
N ARG A 8 -2.25 7.05 3.22
CA ARG A 8 -1.76 7.93 2.16
C ARG A 8 -0.25 7.80 2.10
N ALA A 9 0.27 7.19 1.05
CA ALA A 9 1.69 6.90 0.97
C ALA A 9 2.40 7.83 0.02
N THR A 10 3.39 8.54 0.53
CA THR A 10 4.29 9.31 -0.30
C THR A 10 5.62 8.58 -0.39
N LYS A 11 5.82 7.89 -1.51
CA LYS A 11 6.99 7.05 -1.68
C LYS A 11 7.12 6.65 -3.14
N ASP A 12 8.33 6.38 -3.59
CA ASP A 12 8.56 5.87 -4.93
C ASP A 12 8.81 4.38 -4.87
N TYR A 13 7.77 3.64 -4.50
CA TYR A 13 7.91 2.22 -4.24
C TYR A 13 7.50 1.38 -5.43
N CYS A 14 8.43 0.55 -5.89
CA CYS A 14 8.20 -0.39 -6.99
C CYS A 14 7.87 0.33 -8.30
N ASN A 15 6.59 0.64 -8.50
CA ASN A 15 6.07 1.19 -9.77
C ASN A 15 6.71 0.52 -10.98
N ASN A 16 6.83 -0.81 -10.92
CA ASN A 16 7.45 -1.58 -11.99
C ASN A 16 6.38 -2.25 -12.85
N TYR A 17 6.82 -3.05 -13.81
CA TYR A 17 5.92 -3.68 -14.75
C TYR A 17 5.18 -4.85 -14.09
N ASP A 18 5.87 -5.97 -13.90
CA ASP A 18 5.26 -7.13 -13.28
C ASP A 18 5.94 -7.48 -11.97
N LEU A 19 5.27 -7.16 -10.88
CA LEU A 19 5.78 -7.44 -9.54
C LEU A 19 4.66 -7.25 -8.53
N THR A 20 4.74 -7.93 -7.40
CA THR A 20 3.77 -7.77 -6.36
C THR A 20 4.34 -6.89 -5.25
N SER A 21 3.93 -5.63 -5.27
CA SER A 21 4.45 -4.61 -4.37
C SER A 21 3.51 -3.40 -4.40
N LEU A 22 3.59 -2.57 -3.38
CA LEU A 22 2.80 -1.34 -3.33
C LEU A 22 3.33 -0.36 -4.37
N ASN A 23 2.66 -0.29 -5.51
CA ASN A 23 3.09 0.60 -6.58
C ASN A 23 2.70 2.03 -6.29
N VAL A 24 3.51 2.68 -5.47
CA VAL A 24 3.29 4.06 -5.08
C VAL A 24 4.19 4.97 -5.91
N LYS A 25 3.64 6.08 -6.37
CA LYS A 25 4.39 7.01 -7.19
C LYS A 25 4.31 8.42 -6.61
N ALA A 26 4.67 8.52 -5.34
CA ALA A 26 4.70 9.79 -4.62
C ALA A 26 3.31 10.39 -4.44
N GLY A 27 2.54 9.84 -3.51
CA GLY A 27 1.25 10.41 -3.18
C GLY A 27 0.10 9.59 -3.71
N ASP A 28 0.01 8.35 -3.25
CA ASP A 28 -1.07 7.45 -3.66
C ASP A 28 -1.80 6.90 -2.45
N ILE A 29 -2.95 6.31 -2.70
CA ILE A 29 -3.78 5.77 -1.64
C ILE A 29 -3.66 4.26 -1.59
N ILE A 30 -3.37 3.75 -0.40
CA ILE A 30 -3.25 2.32 -0.22
C ILE A 30 -4.31 1.81 0.74
N THR A 31 -4.96 0.72 0.39
CA THR A 31 -5.91 0.10 1.26
C THR A 31 -5.27 -1.13 1.89
N VAL A 32 -4.88 -0.99 3.15
CA VAL A 32 -4.10 -2.02 3.81
C VAL A 32 -4.92 -2.72 4.88
N LEU A 33 -4.44 -3.88 5.28
CA LEU A 33 -5.10 -4.64 6.33
C LEU A 33 -4.07 -5.27 7.26
N GLU A 34 -4.51 -5.57 8.45
CA GLU A 34 -3.68 -6.24 9.44
C GLU A 34 -4.08 -7.70 9.50
N GLN A 35 -3.10 -8.59 9.53
CA GLN A 35 -3.36 -10.02 9.52
C GLN A 35 -2.13 -10.79 9.93
N HIS A 36 -0.99 -10.43 9.36
CA HIS A 36 0.25 -11.14 9.62
C HIS A 36 0.99 -10.52 10.79
N PRO A 37 1.15 -11.28 11.89
CA PRO A 37 1.86 -10.81 13.08
C PRO A 37 3.37 -10.79 12.87
N ASP A 38 3.79 -11.22 11.69
CA ASP A 38 5.21 -11.22 11.32
C ASP A 38 5.79 -9.81 11.38
N GLY A 39 4.95 -8.84 11.08
CA GLY A 39 5.39 -7.46 11.03
C GLY A 39 5.28 -6.90 9.64
N ARG A 40 4.75 -7.69 8.73
CA ARG A 40 4.53 -7.25 7.37
C ARG A 40 3.13 -7.64 6.93
N TRP A 41 2.47 -6.72 6.26
CA TRP A 41 1.10 -6.92 5.83
C TRP A 41 0.98 -6.75 4.34
N LYS A 42 -0.13 -7.17 3.78
CA LYS A 42 -0.39 -6.95 2.37
C LYS A 42 -1.41 -5.82 2.21
N GLY A 43 -1.29 -5.07 1.14
CA GLY A 43 -2.20 -3.99 0.90
C GLY A 43 -2.45 -3.79 -0.58
N CYS A 44 -3.54 -3.12 -0.91
CA CYS A 44 -3.88 -2.87 -2.30
C CYS A 44 -3.68 -1.41 -2.62
N ILE A 45 -3.36 -1.12 -3.85
CA ILE A 45 -3.11 0.24 -4.28
C ILE A 45 -4.31 0.79 -5.01
N HIS A 46 -4.78 1.94 -4.56
CA HIS A 46 -5.88 2.61 -5.23
C HIS A 46 -5.39 3.95 -5.73
N ASP A 47 -5.13 4.02 -7.03
CA ASP A 47 -4.55 5.20 -7.63
C ASP A 47 -5.57 6.33 -7.71
N ASN A 48 -5.05 7.54 -7.81
CA ASN A 48 -5.89 8.72 -7.91
C ASN A 48 -5.87 9.26 -9.34
N ARG A 49 -5.43 8.42 -10.26
CA ARG A 49 -5.28 8.83 -11.64
C ARG A 49 -6.45 8.35 -12.49
N THR A 50 -6.50 7.05 -12.76
CA THR A 50 -7.52 6.49 -13.61
C THR A 50 -7.83 5.03 -13.25
N GLY A 51 -6.81 4.18 -13.30
CA GLY A 51 -7.00 2.78 -13.00
C GLY A 51 -5.70 2.02 -12.90
N ASN A 52 -4.95 2.28 -11.85
CA ASN A 52 -3.67 1.63 -11.64
C ASN A 52 -3.64 0.97 -10.27
N ASP A 53 -4.36 -0.13 -10.14
CA ASP A 53 -4.47 -0.83 -8.86
C ASP A 53 -3.60 -2.08 -8.87
N ARG A 54 -2.94 -2.34 -7.75
CA ARG A 54 -2.06 -3.49 -7.61
C ARG A 54 -1.87 -3.82 -6.14
N VAL A 55 -1.60 -5.08 -5.84
CA VAL A 55 -1.44 -5.52 -4.45
C VAL A 55 0.04 -5.74 -4.14
N GLY A 56 0.42 -5.45 -2.89
CA GLY A 56 1.81 -5.59 -2.48
C GLY A 56 1.96 -5.81 -0.99
N TYR A 57 3.15 -6.22 -0.57
CA TYR A 57 3.42 -6.46 0.84
C TYR A 57 4.35 -5.38 1.39
N PHE A 58 4.07 -4.94 2.61
CA PHE A 58 4.84 -3.86 3.23
C PHE A 58 5.13 -4.19 4.70
N PRO A 59 6.30 -3.78 5.20
CA PRO A 59 6.71 -4.05 6.59
C PRO A 59 6.04 -3.12 7.62
N SER A 60 4.70 -3.17 7.63
CA SER A 60 3.85 -2.41 8.58
C SER A 60 4.08 -0.90 8.55
N SER A 61 2.99 -0.16 8.32
CA SER A 61 3.03 1.31 8.26
C SER A 61 3.87 1.79 7.09
N LEU A 62 3.25 1.88 5.92
CA LEU A 62 3.93 2.35 4.73
C LEU A 62 3.45 3.75 4.35
N GLY A 63 2.31 4.14 4.88
CA GLY A 63 1.74 5.44 4.57
C GLY A 63 1.03 6.06 5.75
N GLU A 64 0.47 7.24 5.55
CA GLU A 64 -0.27 7.92 6.60
C GLU A 64 -1.61 7.26 6.83
N ALA A 65 -1.74 6.58 7.95
CA ALA A 65 -2.95 5.85 8.27
C ALA A 65 -4.07 6.80 8.70
N ILE A 66 -4.92 7.15 7.74
CA ILE A 66 -6.09 7.97 8.03
C ILE A 66 -7.27 7.07 8.38
N VAL A 67 -7.17 5.80 7.96
CA VAL A 67 -8.18 4.78 8.24
C VAL A 67 -9.49 5.10 7.53
N GLY A 1 -3.49 2.02 13.10
CA GLY A 1 -4.66 1.34 12.52
C GLY A 1 -4.57 -0.17 12.64
N SER A 2 -5.68 -0.81 12.96
CA SER A 2 -5.72 -2.25 13.10
C SER A 2 -6.96 -2.80 12.40
N HIS A 3 -6.81 -3.95 11.74
CA HIS A 3 -7.90 -4.59 11.00
C HIS A 3 -8.46 -3.65 9.92
N MET A 4 -7.76 -3.63 8.78
CA MET A 4 -8.15 -2.83 7.61
C MET A 4 -7.94 -1.34 7.87
N LEU A 5 -7.03 -0.74 7.11
CA LEU A 5 -6.74 0.67 7.24
C LEU A 5 -6.32 1.26 5.91
N GLN A 6 -6.66 2.51 5.69
CA GLN A 6 -6.29 3.21 4.47
C GLN A 6 -5.14 4.16 4.78
N VAL A 7 -4.06 4.01 4.03
CA VAL A 7 -2.86 4.79 4.28
C VAL A 7 -2.50 5.65 3.07
N ARG A 8 -1.87 6.77 3.34
CA ARG A 8 -1.31 7.60 2.29
C ARG A 8 0.20 7.57 2.39
N ALA A 9 0.83 6.87 1.46
CA ALA A 9 2.28 6.70 1.51
C ALA A 9 2.95 7.59 0.49
N THR A 10 3.96 8.31 0.91
CA THR A 10 4.72 9.12 -0.01
C THR A 10 6.11 8.51 -0.23
N LYS A 11 6.23 7.76 -1.31
CA LYS A 11 7.49 7.19 -1.73
C LYS A 11 7.32 6.62 -3.13
N ASP A 12 8.37 6.68 -3.93
CA ASP A 12 8.37 6.02 -5.22
C ASP A 12 8.80 4.57 -5.05
N TYR A 13 7.82 3.69 -4.85
CA TYR A 13 8.11 2.31 -4.54
C TYR A 13 7.56 1.38 -5.61
N CYS A 14 8.39 0.43 -6.03
CA CYS A 14 8.02 -0.59 -7.00
C CYS A 14 7.59 0.02 -8.33
N ASN A 15 6.27 0.12 -8.52
CA ASN A 15 5.69 0.44 -9.82
C ASN A 15 6.07 -0.63 -10.85
N ASN A 16 7.23 -0.47 -11.49
CA ASN A 16 7.72 -1.45 -12.48
C ASN A 16 6.66 -1.72 -13.56
N TYR A 17 6.78 -2.87 -14.22
CA TYR A 17 5.76 -3.32 -15.13
C TYR A 17 4.94 -4.43 -14.48
N ASP A 18 5.62 -5.46 -14.02
CA ASP A 18 4.98 -6.57 -13.32
C ASP A 18 5.80 -6.99 -12.12
N LEU A 19 5.25 -6.79 -10.93
CA LEU A 19 5.91 -7.16 -9.69
C LEU A 19 4.88 -7.13 -8.58
N THR A 20 5.09 -7.89 -7.52
CA THR A 20 4.18 -7.84 -6.40
C THR A 20 4.80 -7.02 -5.28
N SER A 21 4.37 -5.78 -5.22
CA SER A 21 4.88 -4.79 -4.28
C SER A 21 3.95 -3.60 -4.27
N LEU A 22 4.07 -2.73 -3.29
CA LEU A 22 3.25 -1.53 -3.22
C LEU A 22 3.68 -0.56 -4.32
N ASN A 23 2.87 -0.50 -5.38
CA ASN A 23 3.13 0.44 -6.47
C ASN A 23 2.78 1.86 -6.05
N VAL A 24 3.58 2.40 -5.15
CA VAL A 24 3.32 3.73 -4.61
C VAL A 24 3.90 4.78 -5.55
N LYS A 25 3.07 5.75 -5.93
CA LYS A 25 3.50 6.82 -6.81
C LYS A 25 3.80 8.09 -6.00
N ALA A 26 4.01 7.89 -4.71
CA ALA A 26 4.30 8.97 -3.77
C ALA A 26 3.13 9.95 -3.64
N GLY A 27 2.26 9.70 -2.67
CA GLY A 27 1.21 10.66 -2.35
C GLY A 27 -0.17 10.21 -2.77
N ASP A 28 -0.30 8.95 -3.19
CA ASP A 28 -1.60 8.43 -3.59
C ASP A 28 -2.20 7.60 -2.46
N ILE A 29 -3.32 6.95 -2.73
CA ILE A 29 -4.09 6.27 -1.70
C ILE A 29 -3.87 4.75 -1.74
N ILE A 30 -3.52 4.20 -0.58
CA ILE A 30 -3.31 2.77 -0.46
C ILE A 30 -4.27 2.19 0.58
N THR A 31 -4.86 1.05 0.26
CA THR A 31 -5.77 0.39 1.17
C THR A 31 -5.16 -0.92 1.65
N VAL A 32 -4.76 -0.95 2.92
CA VAL A 32 -4.01 -2.09 3.43
C VAL A 32 -4.82 -2.85 4.48
N LEU A 33 -4.50 -4.12 4.64
CA LEU A 33 -5.19 -4.95 5.61
C LEU A 33 -4.20 -5.59 6.58
N GLU A 34 -4.68 -5.91 7.76
CA GLU A 34 -3.84 -6.49 8.80
C GLU A 34 -4.39 -7.84 9.22
N GLN A 35 -3.72 -8.90 8.78
CA GLN A 35 -4.15 -10.25 9.09
C GLN A 35 -2.94 -11.11 9.43
N HIS A 36 -1.75 -10.60 9.17
CA HIS A 36 -0.53 -11.37 9.36
C HIS A 36 0.27 -10.83 10.54
N PRO A 37 0.34 -11.60 11.63
CA PRO A 37 1.12 -11.22 12.81
C PRO A 37 2.62 -11.36 12.56
N ASP A 38 2.95 -11.79 11.36
CA ASP A 38 4.34 -11.94 10.92
C ASP A 38 5.07 -10.59 10.96
N GLY A 39 4.30 -9.53 10.79
CA GLY A 39 4.89 -8.21 10.75
C GLY A 39 4.80 -7.60 9.37
N ARG A 40 4.44 -8.45 8.41
CA ARG A 40 4.25 -8.00 7.04
C ARG A 40 2.76 -8.08 6.69
N TRP A 41 2.24 -6.98 6.17
CA TRP A 41 0.86 -6.91 5.78
C TRP A 41 0.75 -6.81 4.26
N LYS A 42 -0.43 -7.04 3.74
CA LYS A 42 -0.68 -6.87 2.33
C LYS A 42 -1.49 -5.61 2.11
N GLY A 43 -1.25 -4.93 1.01
CA GLY A 43 -1.97 -3.71 0.73
C GLY A 43 -2.22 -3.53 -0.74
N CYS A 44 -3.33 -2.90 -1.06
CA CYS A 44 -3.69 -2.64 -2.44
C CYS A 44 -3.51 -1.15 -2.74
N ILE A 45 -3.12 -0.85 -3.96
CA ILE A 45 -2.88 0.51 -4.37
C ILE A 45 -4.07 1.00 -5.17
N HIS A 46 -4.62 2.13 -4.78
CA HIS A 46 -5.76 2.68 -5.48
C HIS A 46 -5.30 3.84 -6.34
N ASP A 47 -5.17 3.59 -7.63
CA ASP A 47 -4.77 4.62 -8.57
C ASP A 47 -5.96 5.53 -8.86
N ASN A 48 -5.92 6.72 -8.29
CA ASN A 48 -7.00 7.69 -8.46
C ASN A 48 -6.82 8.48 -9.75
N ARG A 49 -5.83 8.09 -10.53
CA ARG A 49 -5.56 8.76 -11.80
C ARG A 49 -6.43 8.19 -12.91
N THR A 50 -6.32 6.88 -13.12
CA THR A 50 -7.08 6.21 -14.17
C THR A 50 -7.96 5.10 -13.59
N GLY A 51 -7.51 4.49 -12.51
CA GLY A 51 -8.30 3.44 -11.89
C GLY A 51 -7.57 2.11 -11.83
N ASN A 52 -6.25 2.16 -11.80
CA ASN A 52 -5.44 0.96 -11.72
C ASN A 52 -5.46 0.39 -10.30
N ASP A 53 -5.30 -0.93 -10.19
CA ASP A 53 -5.34 -1.61 -8.89
C ASP A 53 -4.21 -2.61 -8.77
N ARG A 54 -3.20 -2.27 -7.99
CA ARG A 54 -2.05 -3.15 -7.79
C ARG A 54 -2.00 -3.62 -6.34
N VAL A 55 -1.33 -4.73 -6.08
CA VAL A 55 -1.24 -5.27 -4.73
C VAL A 55 0.21 -5.55 -4.35
N GLY A 56 0.54 -5.35 -3.08
CA GLY A 56 1.89 -5.61 -2.61
C GLY A 56 1.93 -5.86 -1.11
N TYR A 57 3.04 -6.36 -0.62
CA TYR A 57 3.18 -6.62 0.81
C TYR A 57 4.28 -5.76 1.42
N PHE A 58 4.10 -5.35 2.66
CA PHE A 58 5.00 -4.41 3.31
C PHE A 58 5.15 -4.73 4.79
N PRO A 59 6.31 -4.39 5.40
CA PRO A 59 6.58 -4.64 6.81
C PRO A 59 5.96 -3.59 7.73
N SER A 60 4.67 -3.32 7.53
CA SER A 60 3.92 -2.35 8.32
C SER A 60 4.45 -0.93 8.10
N SER A 61 3.80 0.06 8.73
CA SER A 61 4.18 1.46 8.63
C SER A 61 4.48 1.88 7.20
N LEU A 62 3.45 1.84 6.36
CA LEU A 62 3.60 2.15 4.94
C LEU A 62 3.38 3.64 4.70
N GLY A 63 2.30 4.17 5.25
CA GLY A 63 1.97 5.56 5.07
C GLY A 63 1.09 6.08 6.18
N GLU A 64 0.56 7.28 6.00
CA GLU A 64 -0.33 7.89 6.97
C GLU A 64 -1.64 7.11 7.04
N ALA A 65 -1.81 6.37 8.13
CA ALA A 65 -2.99 5.55 8.31
C ALA A 65 -4.17 6.38 8.80
N ILE A 66 -4.84 7.02 7.86
CA ILE A 66 -5.99 7.86 8.19
C ILE A 66 -7.24 7.01 8.42
N VAL A 67 -7.22 5.79 7.89
CA VAL A 67 -8.33 4.85 8.04
C VAL A 67 -9.60 5.38 7.36
N GLY A 1 -7.71 1.12 15.49
CA GLY A 1 -7.75 0.50 14.14
C GLY A 1 -7.13 -0.87 14.14
N SER A 2 -7.82 -1.82 13.54
CA SER A 2 -7.34 -3.20 13.49
C SER A 2 -7.96 -3.93 12.31
N HIS A 3 -7.29 -5.01 11.87
CA HIS A 3 -7.76 -5.87 10.78
C HIS A 3 -7.63 -5.19 9.42
N MET A 4 -7.92 -3.90 9.35
CA MET A 4 -7.82 -3.14 8.11
C MET A 4 -7.53 -1.68 8.40
N LEU A 5 -6.87 -1.02 7.45
CA LEU A 5 -6.54 0.39 7.59
C LEU A 5 -6.19 1.00 6.24
N GLN A 6 -6.59 2.25 6.06
CA GLN A 6 -6.27 2.96 4.82
C GLN A 6 -5.15 3.96 5.10
N VAL A 7 -4.06 3.81 4.36
CA VAL A 7 -2.86 4.58 4.63
C VAL A 7 -2.46 5.46 3.44
N ARG A 8 -1.80 6.56 3.77
CA ARG A 8 -1.24 7.45 2.75
C ARG A 8 0.27 7.45 2.85
N ALA A 9 0.94 7.08 1.78
CA ALA A 9 2.39 7.07 1.75
C ALA A 9 2.88 7.94 0.61
N THR A 10 3.87 8.77 0.89
CA THR A 10 4.47 9.56 -0.16
C THR A 10 5.83 8.99 -0.52
N LYS A 11 5.84 8.23 -1.60
CA LYS A 11 7.05 7.65 -2.15
C LYS A 11 6.73 7.07 -3.51
N ASP A 12 7.68 7.13 -4.43
CA ASP A 12 7.49 6.46 -5.71
C ASP A 12 8.08 5.07 -5.63
N TYR A 13 7.34 4.18 -4.99
CA TYR A 13 7.82 2.85 -4.67
C TYR A 13 7.52 1.86 -5.79
N CYS A 14 8.55 1.17 -6.24
CA CYS A 14 8.43 0.15 -7.28
C CYS A 14 7.98 0.75 -8.61
N ASN A 15 6.67 0.71 -8.86
CA ASN A 15 6.10 1.13 -10.14
C ASN A 15 6.76 0.39 -11.30
N ASN A 16 7.07 -0.88 -11.06
CA ASN A 16 7.74 -1.71 -12.06
C ASN A 16 6.71 -2.46 -12.90
N TYR A 17 7.18 -3.31 -13.82
CA TYR A 17 6.29 -4.00 -14.74
C TYR A 17 5.57 -5.15 -14.05
N ASP A 18 6.24 -6.28 -13.92
CA ASP A 18 5.63 -7.45 -13.30
C ASP A 18 6.26 -7.75 -11.95
N LEU A 19 5.56 -7.39 -10.91
CA LEU A 19 6.03 -7.59 -9.54
C LEU A 19 4.86 -7.39 -8.59
N THR A 20 4.88 -8.07 -7.46
CA THR A 20 3.84 -7.90 -6.47
C THR A 20 4.36 -7.03 -5.35
N SER A 21 3.95 -5.77 -5.38
CA SER A 21 4.50 -4.76 -4.49
C SER A 21 3.61 -3.53 -4.51
N LEU A 22 3.73 -2.70 -3.48
CA LEU A 22 2.96 -1.47 -3.39
C LEU A 22 3.47 -0.46 -4.41
N ASN A 23 2.76 -0.32 -5.52
CA ASN A 23 3.12 0.65 -6.53
C ASN A 23 2.69 2.05 -6.12
N VAL A 24 3.33 2.55 -5.07
CA VAL A 24 3.03 3.89 -4.56
C VAL A 24 3.61 4.93 -5.51
N LYS A 25 2.90 6.02 -5.71
CA LYS A 25 3.30 7.01 -6.68
C LYS A 25 3.33 8.41 -6.07
N ALA A 26 3.50 8.44 -4.75
CA ALA A 26 3.62 9.68 -3.98
C ALA A 26 2.37 10.54 -4.09
N GLY A 27 1.37 10.24 -3.28
CA GLY A 27 0.16 11.04 -3.26
C GLY A 27 -1.08 10.17 -3.39
N ASP A 28 -0.86 8.94 -3.81
CA ASP A 28 -1.94 7.98 -4.00
C ASP A 28 -2.31 7.32 -2.67
N ILE A 29 -3.45 6.67 -2.66
CA ILE A 29 -3.99 6.10 -1.43
C ILE A 29 -3.79 4.58 -1.42
N ILE A 30 -3.40 4.06 -0.28
CA ILE A 30 -3.17 2.63 -0.14
C ILE A 30 -4.17 2.04 0.85
N THR A 31 -4.91 1.04 0.42
CA THR A 31 -5.88 0.39 1.28
C THR A 31 -5.33 -0.96 1.72
N VAL A 32 -4.94 -1.06 2.99
CA VAL A 32 -4.23 -2.25 3.45
C VAL A 32 -5.00 -2.98 4.53
N LEU A 33 -4.61 -4.24 4.76
CA LEU A 33 -5.22 -5.02 5.81
C LEU A 33 -4.16 -5.48 6.80
N GLU A 34 -4.59 -5.75 8.01
CA GLU A 34 -3.70 -6.11 9.09
C GLU A 34 -3.76 -7.61 9.36
N GLN A 35 -2.62 -8.28 9.18
CA GLN A 35 -2.52 -9.71 9.45
C GLN A 35 -1.64 -9.94 10.67
N HIS A 36 -0.34 -9.93 10.47
CA HIS A 36 0.62 -10.14 11.55
C HIS A 36 1.58 -8.97 11.62
N PRO A 37 1.39 -8.08 12.61
CA PRO A 37 2.24 -6.90 12.82
C PRO A 37 3.72 -7.25 12.94
N ASP A 38 4.01 -8.48 13.37
CA ASP A 38 5.40 -8.92 13.55
C ASP A 38 6.00 -9.38 12.23
N GLY A 39 5.17 -9.55 11.23
CA GLY A 39 5.65 -10.02 9.95
C GLY A 39 5.40 -9.01 8.85
N ARG A 40 4.41 -9.29 8.02
CA ARG A 40 4.09 -8.41 6.90
C ARG A 40 2.59 -8.42 6.62
N TRP A 41 2.13 -7.36 5.99
CA TRP A 41 0.74 -7.21 5.64
C TRP A 41 0.58 -7.08 4.13
N LYS A 42 -0.63 -7.23 3.66
CA LYS A 42 -0.94 -7.02 2.26
C LYS A 42 -1.64 -5.69 2.10
N GLY A 43 -1.42 -5.02 0.98
CA GLY A 43 -2.04 -3.75 0.74
C GLY A 43 -2.37 -3.55 -0.72
N CYS A 44 -3.47 -2.87 -0.96
CA CYS A 44 -3.88 -2.56 -2.31
C CYS A 44 -3.61 -1.10 -2.60
N ILE A 45 -3.23 -0.82 -3.83
CA ILE A 45 -2.93 0.53 -4.24
C ILE A 45 -4.09 1.10 -5.03
N HIS A 46 -4.47 2.33 -4.72
CA HIS A 46 -5.54 2.98 -5.44
C HIS A 46 -4.95 3.94 -6.45
N ASP A 47 -5.25 3.69 -7.71
CA ASP A 47 -4.74 4.49 -8.81
C ASP A 47 -5.18 5.94 -8.69
N ASN A 48 -4.22 6.84 -8.84
CA ASN A 48 -4.48 8.27 -8.74
C ASN A 48 -4.76 8.86 -10.11
N ARG A 49 -4.18 8.27 -11.15
CA ARG A 49 -4.30 8.81 -12.50
C ARG A 49 -4.21 7.71 -13.55
N THR A 50 -3.02 7.14 -13.72
CA THR A 50 -2.80 6.13 -14.75
C THR A 50 -1.78 5.10 -14.27
N GLY A 51 -1.72 4.90 -12.96
CA GLY A 51 -0.78 3.95 -12.40
C GLY A 51 -1.43 2.60 -12.18
N ASN A 52 -2.76 2.59 -12.26
CA ASN A 52 -3.55 1.38 -12.09
C ASN A 52 -3.54 0.89 -10.65
N ASP A 53 -4.44 -0.03 -10.34
CA ASP A 53 -4.63 -0.51 -8.98
C ASP A 53 -4.02 -1.88 -8.82
N ARG A 54 -3.01 -1.98 -7.96
CA ARG A 54 -2.27 -3.24 -7.79
C ARG A 54 -2.18 -3.62 -6.32
N VAL A 55 -1.82 -4.86 -6.03
CA VAL A 55 -1.68 -5.32 -4.66
C VAL A 55 -0.22 -5.67 -4.36
N GLY A 56 0.19 -5.47 -3.12
CA GLY A 56 1.55 -5.77 -2.73
C GLY A 56 1.66 -6.09 -1.25
N TYR A 57 2.79 -6.65 -0.85
CA TYR A 57 3.02 -6.97 0.55
C TYR A 57 4.09 -6.05 1.15
N PHE A 58 3.88 -5.64 2.39
CA PHE A 58 4.78 -4.71 3.05
C PHE A 58 4.99 -5.10 4.51
N PRO A 59 6.15 -4.75 5.10
CA PRO A 59 6.50 -5.13 6.48
C PRO A 59 5.76 -4.33 7.55
N SER A 60 4.43 -4.31 7.43
CA SER A 60 3.50 -3.67 8.40
C SER A 60 3.73 -2.15 8.53
N SER A 61 2.62 -1.40 8.50
CA SER A 61 2.65 0.04 8.70
C SER A 61 3.52 0.73 7.65
N LEU A 62 3.05 0.75 6.41
CA LEU A 62 3.80 1.38 5.32
C LEU A 62 3.53 2.88 5.29
N GLY A 63 2.28 3.23 5.00
CA GLY A 63 1.90 4.63 4.97
C GLY A 63 1.23 5.06 6.25
N GLU A 64 0.83 6.33 6.31
CA GLU A 64 0.19 6.86 7.50
C GLU A 64 -1.29 6.53 7.49
N ALA A 65 -1.74 5.84 8.52
CA ALA A 65 -3.13 5.37 8.61
C ALA A 65 -4.03 6.42 9.22
N ILE A 66 -4.62 7.25 8.37
CA ILE A 66 -5.55 8.27 8.84
C ILE A 66 -6.97 7.71 8.91
N VAL A 67 -7.12 6.46 8.45
CA VAL A 67 -8.40 5.76 8.48
C VAL A 67 -9.40 6.44 7.55
N GLY A 1 -5.86 1.84 15.18
CA GLY A 1 -6.79 1.24 14.19
C GLY A 1 -6.26 -0.07 13.63
N SER A 2 -7.17 -0.92 13.20
CA SER A 2 -6.81 -2.22 12.64
C SER A 2 -7.95 -2.75 11.78
N HIS A 3 -7.78 -3.97 11.28
CA HIS A 3 -8.82 -4.65 10.49
C HIS A 3 -9.17 -3.82 9.25
N MET A 4 -8.26 -3.81 8.28
CA MET A 4 -8.41 -3.04 7.04
C MET A 4 -8.35 -1.54 7.31
N LEU A 5 -7.40 -0.89 6.67
CA LEU A 5 -7.19 0.53 6.86
C LEU A 5 -6.61 1.16 5.60
N GLN A 6 -6.85 2.44 5.44
CA GLN A 6 -6.31 3.17 4.30
C GLN A 6 -5.13 4.02 4.74
N VAL A 7 -4.00 3.82 4.11
CA VAL A 7 -2.80 4.58 4.43
C VAL A 7 -2.41 5.46 3.25
N ARG A 8 -1.92 6.64 3.57
CA ARG A 8 -1.45 7.56 2.56
C ARG A 8 0.06 7.65 2.64
N ALA A 9 0.74 7.00 1.71
CA ALA A 9 2.19 6.88 1.77
C ALA A 9 2.87 7.73 0.71
N THR A 10 3.94 8.40 1.11
CA THR A 10 4.76 9.13 0.18
C THR A 10 6.06 8.38 -0.06
N LYS A 11 6.11 7.68 -1.19
CA LYS A 11 7.28 6.92 -1.57
C LYS A 11 7.16 6.50 -3.02
N ASP A 12 8.26 6.56 -3.76
CA ASP A 12 8.30 6.08 -5.12
C ASP A 12 8.58 4.58 -5.11
N TYR A 13 7.53 3.78 -5.12
CA TYR A 13 7.66 2.36 -4.87
C TYR A 13 7.13 1.54 -6.04
N CYS A 14 7.71 0.35 -6.22
CA CYS A 14 7.32 -0.60 -7.27
C CYS A 14 7.77 -0.12 -8.64
N ASN A 15 6.95 0.71 -9.30
CA ASN A 15 7.24 1.22 -10.64
C ASN A 15 7.61 0.10 -11.62
N ASN A 16 6.94 -1.04 -11.49
CA ASN A 16 7.24 -2.19 -12.34
C ASN A 16 5.96 -2.87 -12.80
N TYR A 17 6.04 -3.59 -13.91
CA TYR A 17 4.86 -4.22 -14.51
C TYR A 17 4.52 -5.50 -13.77
N ASP A 18 5.46 -6.43 -13.73
CA ASP A 18 5.26 -7.66 -12.97
C ASP A 18 6.08 -7.60 -11.70
N LEU A 19 5.39 -7.33 -10.60
CA LEU A 19 6.02 -7.23 -9.30
C LEU A 19 4.94 -7.23 -8.23
N THR A 20 5.25 -7.75 -7.06
CA THR A 20 4.32 -7.65 -5.96
C THR A 20 4.80 -6.55 -5.02
N SER A 21 4.20 -5.38 -5.14
CA SER A 21 4.65 -4.20 -4.43
C SER A 21 3.58 -3.12 -4.48
N LEU A 22 3.60 -2.23 -3.50
CA LEU A 22 2.70 -1.09 -3.49
C LEU A 22 3.10 -0.10 -4.58
N ASN A 23 2.26 0.03 -5.59
CA ASN A 23 2.55 0.95 -6.69
C ASN A 23 2.26 2.38 -6.26
N VAL A 24 3.16 2.91 -5.45
CA VAL A 24 3.02 4.25 -4.91
C VAL A 24 3.86 5.23 -5.72
N LYS A 25 3.25 6.30 -6.17
CA LYS A 25 3.96 7.29 -6.96
C LYS A 25 4.30 8.53 -6.13
N ALA A 26 5.01 8.28 -5.02
CA ALA A 26 5.46 9.33 -4.12
C ALA A 26 4.29 10.13 -3.54
N GLY A 27 3.25 9.42 -3.12
CA GLY A 27 2.11 10.07 -2.52
C GLY A 27 0.81 9.60 -3.14
N ASP A 28 0.35 8.45 -2.70
CA ASP A 28 -0.87 7.86 -3.25
C ASP A 28 -1.67 7.17 -2.15
N ILE A 29 -2.78 6.55 -2.53
CA ILE A 29 -3.72 5.98 -1.58
C ILE A 29 -3.61 4.46 -1.55
N ILE A 30 -3.19 3.92 -0.43
CA ILE A 30 -3.04 2.50 -0.27
C ILE A 30 -4.12 1.94 0.64
N THR A 31 -4.80 0.91 0.18
CA THR A 31 -5.80 0.24 0.98
C THR A 31 -5.24 -1.08 1.48
N VAL A 32 -4.91 -1.13 2.76
CA VAL A 32 -4.21 -2.28 3.32
C VAL A 32 -5.09 -3.05 4.29
N LEU A 33 -4.76 -4.31 4.49
CA LEU A 33 -5.43 -5.12 5.48
C LEU A 33 -4.41 -5.60 6.49
N GLU A 34 -4.87 -5.96 7.68
CA GLU A 34 -3.96 -6.33 8.74
C GLU A 34 -3.94 -7.83 8.93
N GLN A 35 -2.78 -8.43 8.69
CA GLN A 35 -2.61 -9.87 8.85
C GLN A 35 -1.82 -10.16 10.11
N HIS A 36 -0.53 -9.87 10.06
CA HIS A 36 0.34 -10.10 11.20
C HIS A 36 1.06 -8.81 11.56
N PRO A 37 0.64 -8.16 12.65
CA PRO A 37 1.26 -6.90 13.12
C PRO A 37 2.65 -7.15 13.70
N ASP A 38 3.55 -7.67 12.87
CA ASP A 38 4.89 -8.03 13.27
C ASP A 38 5.76 -8.27 12.05
N GLY A 39 5.23 -9.06 11.12
CA GLY A 39 5.98 -9.39 9.91
C GLY A 39 5.69 -8.43 8.78
N ARG A 40 4.57 -8.62 8.11
CA ARG A 40 4.19 -7.79 6.98
C ARG A 40 2.72 -7.97 6.63
N TRP A 41 2.16 -6.96 5.98
CA TRP A 41 0.79 -7.02 5.48
C TRP A 41 0.81 -6.84 3.98
N LYS A 42 -0.30 -7.15 3.33
CA LYS A 42 -0.43 -6.85 1.91
C LYS A 42 -1.46 -5.76 1.72
N GLY A 43 -1.24 -4.90 0.75
CA GLY A 43 -2.16 -3.83 0.49
C GLY A 43 -2.31 -3.60 -0.99
N CYS A 44 -3.38 -2.89 -1.35
CA CYS A 44 -3.65 -2.58 -2.73
C CYS A 44 -3.60 -1.07 -2.92
N ILE A 45 -3.45 -0.65 -4.16
CA ILE A 45 -3.39 0.77 -4.47
C ILE A 45 -4.72 1.21 -5.03
N HIS A 46 -5.19 2.37 -4.62
CA HIS A 46 -6.49 2.84 -5.02
C HIS A 46 -6.34 3.91 -6.09
N ASP A 47 -6.70 3.55 -7.32
CA ASP A 47 -6.61 4.45 -8.45
C ASP A 47 -7.56 5.62 -8.29
N ASN A 48 -7.00 6.80 -8.10
CA ASN A 48 -7.78 8.02 -8.08
C ASN A 48 -7.84 8.59 -9.48
N ARG A 49 -6.68 8.69 -10.11
CA ARG A 49 -6.58 9.15 -11.49
C ARG A 49 -5.67 8.23 -12.28
N THR A 50 -4.44 8.08 -11.79
CA THR A 50 -3.44 7.25 -12.44
C THR A 50 -2.62 6.48 -11.41
N GLY A 51 -3.27 5.58 -10.69
CA GLY A 51 -2.60 4.80 -9.68
C GLY A 51 -2.67 3.33 -9.96
N ASN A 52 -3.78 2.92 -10.58
CA ASN A 52 -4.02 1.52 -10.96
C ASN A 52 -4.16 0.62 -9.74
N ASP A 53 -4.49 -0.63 -9.99
CA ASP A 53 -4.70 -1.61 -8.93
C ASP A 53 -3.50 -2.53 -8.83
N ARG A 54 -2.72 -2.39 -7.78
CA ARG A 54 -1.59 -3.28 -7.57
C ARG A 54 -1.51 -3.67 -6.10
N VAL A 55 -1.23 -4.95 -5.84
CA VAL A 55 -1.09 -5.43 -4.48
C VAL A 55 0.38 -5.66 -4.15
N GLY A 56 0.75 -5.32 -2.93
CA GLY A 56 2.12 -5.53 -2.49
C GLY A 56 2.21 -5.76 -1.00
N TYR A 57 3.32 -6.32 -0.54
CA TYR A 57 3.51 -6.58 0.86
C TYR A 57 4.49 -5.59 1.46
N PHE A 58 4.21 -5.18 2.69
CA PHE A 58 5.07 -4.22 3.38
C PHE A 58 5.08 -4.53 4.89
N PRO A 59 6.21 -4.29 5.57
CA PRO A 59 6.35 -4.57 7.01
C PRO A 59 5.68 -3.52 7.88
N SER A 60 4.52 -3.03 7.41
CA SER A 60 3.76 -1.99 8.10
C SER A 60 4.56 -0.68 8.15
N SER A 61 3.92 0.38 8.63
CA SER A 61 4.56 1.69 8.78
C SER A 61 5.08 2.20 7.44
N LEU A 62 4.19 2.26 6.46
CA LEU A 62 4.56 2.75 5.13
C LEU A 62 3.94 4.13 4.89
N GLY A 63 2.71 4.30 5.34
CA GLY A 63 2.02 5.56 5.17
C GLY A 63 1.17 5.90 6.36
N GLU A 64 0.59 7.09 6.36
CA GLU A 64 -0.24 7.54 7.47
C GLU A 64 -1.62 6.88 7.37
N ALA A 65 -2.01 6.18 8.43
CA ALA A 65 -3.26 5.47 8.45
C ALA A 65 -4.41 6.40 8.80
N ILE A 66 -5.17 6.79 7.79
CA ILE A 66 -6.36 7.61 8.01
C ILE A 66 -7.58 6.72 8.22
N VAL A 67 -7.37 5.42 8.06
CA VAL A 67 -8.38 4.39 8.31
C VAL A 67 -9.64 4.65 7.49
N GLY A 1 -7.67 2.04 15.12
CA GLY A 1 -7.90 1.93 13.67
C GLY A 1 -7.07 0.84 13.04
N SER A 2 -7.28 -0.39 13.49
CA SER A 2 -6.52 -1.52 12.99
C SER A 2 -7.41 -2.44 12.16
N HIS A 3 -6.79 -3.39 11.47
CA HIS A 3 -7.51 -4.32 10.59
C HIS A 3 -8.30 -3.61 9.49
N MET A 4 -7.73 -3.59 8.29
CA MET A 4 -8.32 -2.90 7.14
C MET A 4 -8.33 -1.40 7.35
N LEU A 5 -7.33 -0.74 6.82
CA LEU A 5 -7.17 0.69 7.00
C LEU A 5 -6.61 1.32 5.73
N GLN A 6 -6.88 2.60 5.56
CA GLN A 6 -6.40 3.34 4.41
C GLN A 6 -5.22 4.21 4.81
N VAL A 7 -4.12 4.06 4.09
CA VAL A 7 -2.93 4.84 4.35
C VAL A 7 -2.59 5.69 3.14
N ARG A 8 -2.08 6.88 3.41
CA ARG A 8 -1.57 7.74 2.35
C ARG A 8 -0.06 7.70 2.37
N ALA A 9 0.54 7.35 1.25
CA ALA A 9 1.98 7.21 1.20
C ALA A 9 2.57 8.10 0.13
N THR A 10 3.66 8.77 0.48
CA THR A 10 4.41 9.52 -0.49
C THR A 10 5.77 8.86 -0.69
N LYS A 11 5.89 8.08 -1.75
CA LYS A 11 7.09 7.31 -2.03
C LYS A 11 7.01 6.75 -3.45
N ASP A 12 8.16 6.40 -4.00
CA ASP A 12 8.19 5.63 -5.23
C ASP A 12 8.52 4.19 -4.91
N TYR A 13 7.50 3.36 -4.85
CA TYR A 13 7.65 1.96 -4.49
C TYR A 13 7.36 1.06 -5.68
N CYS A 14 7.95 -0.13 -5.68
CA CYS A 14 7.80 -1.09 -6.77
C CYS A 14 8.60 -0.65 -8.00
N ASN A 15 8.03 0.26 -8.79
CA ASN A 15 8.65 0.76 -10.01
C ASN A 15 9.04 -0.38 -10.95
N ASN A 16 8.10 -1.27 -11.19
CA ASN A 16 8.32 -2.44 -12.04
C ASN A 16 7.10 -2.73 -12.90
N TYR A 17 7.33 -3.41 -14.01
CA TYR A 17 6.27 -3.77 -14.94
C TYR A 17 5.56 -5.03 -14.46
N ASP A 18 6.33 -5.94 -13.90
CA ASP A 18 5.77 -7.15 -13.31
C ASP A 18 6.52 -7.51 -12.03
N LEU A 19 5.87 -7.24 -10.92
CA LEU A 19 6.44 -7.50 -9.60
C LEU A 19 5.32 -7.42 -8.57
N THR A 20 5.52 -8.04 -7.42
CA THR A 20 4.55 -7.94 -6.36
C THR A 20 5.05 -6.97 -5.31
N SER A 21 4.52 -5.77 -5.35
CA SER A 21 4.93 -4.68 -4.47
C SER A 21 3.86 -3.59 -4.52
N LEU A 22 3.85 -2.74 -3.51
CA LEU A 22 2.93 -1.62 -3.48
C LEU A 22 3.27 -0.63 -4.60
N ASN A 23 2.34 -0.48 -5.53
CA ASN A 23 2.51 0.49 -6.61
C ASN A 23 2.28 1.90 -6.09
N VAL A 24 3.27 2.41 -5.39
CA VAL A 24 3.13 3.71 -4.73
C VAL A 24 3.80 4.80 -5.52
N LYS A 25 3.09 5.91 -5.64
CA LYS A 25 3.64 7.14 -6.18
C LYS A 25 3.36 8.25 -5.19
N ALA A 26 4.25 9.25 -5.16
CA ALA A 26 4.21 10.32 -4.17
C ALA A 26 2.84 10.99 -4.08
N GLY A 27 2.04 10.57 -3.12
CA GLY A 27 0.74 11.17 -2.92
C GLY A 27 -0.37 10.32 -3.48
N ASP A 28 -0.41 9.05 -3.07
CA ASP A 28 -1.43 8.14 -3.55
C ASP A 28 -2.06 7.38 -2.38
N ILE A 29 -3.12 6.65 -2.67
CA ILE A 29 -3.91 5.99 -1.64
C ILE A 29 -3.66 4.50 -1.61
N ILE A 30 -3.35 3.97 -0.43
CA ILE A 30 -3.17 2.55 -0.27
C ILE A 30 -4.19 2.00 0.72
N THR A 31 -4.89 0.95 0.33
CA THR A 31 -5.83 0.30 1.21
C THR A 31 -5.23 -0.99 1.73
N VAL A 32 -4.80 -0.98 2.98
CA VAL A 32 -4.06 -2.09 3.55
C VAL A 32 -4.91 -2.87 4.55
N LEU A 33 -4.47 -4.06 4.88
CA LEU A 33 -5.14 -4.87 5.87
C LEU A 33 -4.13 -5.48 6.84
N GLU A 34 -4.62 -5.92 7.98
CA GLU A 34 -3.76 -6.41 9.04
C GLU A 34 -3.92 -7.92 9.18
N GLN A 35 -2.82 -8.64 8.99
CA GLN A 35 -2.86 -10.09 9.02
C GLN A 35 -1.68 -10.66 9.79
N HIS A 36 -0.47 -10.37 9.32
CA HIS A 36 0.73 -10.93 9.91
C HIS A 36 1.64 -9.82 10.45
N PRO A 37 1.36 -9.30 11.65
CA PRO A 37 2.15 -8.22 12.26
C PRO A 37 3.53 -8.69 12.70
N ASP A 38 3.77 -9.98 12.55
CA ASP A 38 5.06 -10.57 12.88
C ASP A 38 6.06 -10.32 11.76
N GLY A 39 5.55 -10.08 10.56
CA GLY A 39 6.42 -9.91 9.43
C GLY A 39 5.89 -8.91 8.43
N ARG A 40 4.91 -9.31 7.65
CA ARG A 40 4.44 -8.48 6.54
C ARG A 40 2.93 -8.55 6.36
N TRP A 41 2.36 -7.42 5.96
CA TRP A 41 0.98 -7.36 5.56
C TRP A 41 0.92 -7.17 4.06
N LYS A 42 -0.23 -7.37 3.47
CA LYS A 42 -0.42 -7.03 2.07
C LYS A 42 -1.34 -5.84 1.95
N GLY A 43 -1.12 -5.05 0.93
CA GLY A 43 -1.95 -3.88 0.74
C GLY A 43 -2.33 -3.71 -0.71
N CYS A 44 -3.48 -3.11 -0.94
CA CYS A 44 -3.96 -2.85 -2.27
C CYS A 44 -3.77 -1.37 -2.59
N ILE A 45 -3.52 -1.07 -3.85
CA ILE A 45 -3.27 0.31 -4.26
C ILE A 45 -4.49 0.90 -4.92
N HIS A 46 -4.93 2.05 -4.41
CA HIS A 46 -6.03 2.76 -5.00
C HIS A 46 -5.50 4.00 -5.69
N ASP A 47 -5.39 3.91 -7.00
CA ASP A 47 -4.87 5.02 -7.79
C ASP A 47 -5.90 6.11 -7.96
N ASN A 48 -5.55 7.29 -7.50
CA ASN A 48 -6.45 8.44 -7.54
C ASN A 48 -6.40 9.14 -8.89
N ARG A 49 -5.54 8.67 -9.77
CA ARG A 49 -5.38 9.26 -11.09
C ARG A 49 -6.40 8.70 -12.08
N THR A 50 -6.29 7.41 -12.37
CA THR A 50 -7.14 6.78 -13.36
C THR A 50 -7.92 5.62 -12.77
N GLY A 51 -7.24 4.81 -11.97
CA GLY A 51 -7.88 3.65 -11.37
C GLY A 51 -6.99 2.42 -11.44
N ASN A 52 -5.69 2.65 -11.41
CA ASN A 52 -4.72 1.56 -11.40
C ASN A 52 -4.77 0.84 -10.06
N ASP A 53 -4.48 -0.46 -10.07
CA ASP A 53 -4.50 -1.24 -8.84
C ASP A 53 -3.38 -2.28 -8.84
N ARG A 54 -2.85 -2.56 -7.66
CA ARG A 54 -1.80 -3.55 -7.48
C ARG A 54 -1.71 -3.95 -6.02
N VAL A 55 -1.45 -5.23 -5.75
CA VAL A 55 -1.28 -5.70 -4.39
C VAL A 55 0.18 -5.94 -4.08
N GLY A 56 0.62 -5.52 -2.90
CA GLY A 56 2.00 -5.68 -2.51
C GLY A 56 2.14 -5.98 -1.04
N TYR A 57 3.32 -6.43 -0.63
CA TYR A 57 3.55 -6.75 0.78
C TYR A 57 4.45 -5.72 1.43
N PHE A 58 4.15 -5.36 2.66
CA PHE A 58 4.93 -4.37 3.39
C PHE A 58 4.98 -4.74 4.87
N PRO A 59 6.13 -4.49 5.53
CA PRO A 59 6.31 -4.79 6.94
C PRO A 59 5.67 -3.75 7.87
N SER A 60 4.48 -3.30 7.48
CA SER A 60 3.72 -2.29 8.23
C SER A 60 4.46 -0.94 8.24
N SER A 61 3.74 0.11 8.64
CA SER A 61 4.31 1.45 8.74
C SER A 61 4.87 1.91 7.39
N LEU A 62 3.99 2.00 6.39
CA LEU A 62 4.40 2.41 5.06
C LEU A 62 3.87 3.81 4.75
N GLY A 63 2.61 4.04 5.08
CA GLY A 63 2.01 5.34 4.86
C GLY A 63 1.30 5.84 6.10
N GLU A 64 0.67 7.01 5.99
CA GLU A 64 -0.06 7.57 7.11
C GLU A 64 -1.45 6.95 7.21
N ALA A 65 -1.74 6.34 8.34
CA ALA A 65 -2.99 5.62 8.52
C ALA A 65 -4.12 6.55 8.90
N ILE A 66 -4.95 6.89 7.91
CA ILE A 66 -6.11 7.72 8.16
C ILE A 66 -7.33 6.86 8.43
N VAL A 67 -7.19 5.55 8.19
CA VAL A 67 -8.22 4.56 8.48
C VAL A 67 -9.41 4.69 7.53
N GLY A 1 -9.19 1.95 14.00
CA GLY A 1 -7.93 1.57 13.31
C GLY A 1 -7.83 0.07 13.10
N SER A 2 -6.84 -0.35 12.30
CA SER A 2 -6.58 -1.76 12.03
C SER A 2 -7.71 -2.41 11.22
N HIS A 3 -7.40 -3.57 10.62
CA HIS A 3 -8.35 -4.35 9.83
C HIS A 3 -8.95 -3.54 8.68
N MET A 4 -8.34 -3.67 7.51
CA MET A 4 -8.77 -2.95 6.31
C MET A 4 -8.81 -1.45 6.55
N LEU A 5 -7.65 -0.83 6.43
CA LEU A 5 -7.50 0.59 6.65
C LEU A 5 -6.91 1.25 5.42
N GLN A 6 -7.22 2.51 5.22
CA GLN A 6 -6.72 3.24 4.07
C GLN A 6 -5.62 4.18 4.50
N VAL A 7 -4.45 4.01 3.90
CA VAL A 7 -3.29 4.80 4.24
C VAL A 7 -2.85 5.67 3.08
N ARG A 8 -2.29 6.82 3.42
CA ARG A 8 -1.66 7.69 2.43
C ARG A 8 -0.16 7.56 2.56
N ALA A 9 0.46 6.92 1.58
CA ALA A 9 1.88 6.66 1.65
C ALA A 9 2.63 7.45 0.58
N THR A 10 3.71 8.09 0.98
CA THR A 10 4.54 8.81 0.05
C THR A 10 5.91 8.15 -0.03
N LYS A 11 6.09 7.34 -1.06
CA LYS A 11 7.36 6.65 -1.29
C LYS A 11 7.36 6.09 -2.70
N ASP A 12 8.52 6.08 -3.34
CA ASP A 12 8.66 5.49 -4.66
C ASP A 12 8.79 3.99 -4.50
N TYR A 13 7.67 3.32 -4.31
CA TYR A 13 7.66 1.90 -4.02
C TYR A 13 7.27 1.10 -5.25
N CYS A 14 7.92 -0.05 -5.42
CA CYS A 14 7.68 -0.93 -6.57
C CYS A 14 8.12 -0.28 -7.88
N ASN A 15 7.25 0.53 -8.47
CA ASN A 15 7.51 1.19 -9.74
C ASN A 15 7.99 0.19 -10.80
N ASN A 16 7.34 -0.96 -10.85
CA ASN A 16 7.72 -2.02 -11.78
C ASN A 16 6.49 -2.62 -12.42
N TYR A 17 6.59 -3.02 -13.68
CA TYR A 17 5.43 -3.51 -14.42
C TYR A 17 4.86 -4.79 -13.80
N ASP A 18 5.61 -5.87 -13.86
CA ASP A 18 5.15 -7.12 -13.26
C ASP A 18 5.87 -7.36 -11.95
N LEU A 19 5.18 -7.05 -10.87
CA LEU A 19 5.69 -7.23 -9.52
C LEU A 19 4.56 -7.03 -8.54
N THR A 20 4.57 -7.76 -7.44
CA THR A 20 3.56 -7.55 -6.43
C THR A 20 4.15 -6.72 -5.30
N SER A 21 3.84 -5.44 -5.34
CA SER A 21 4.35 -4.46 -4.41
C SER A 21 3.52 -3.20 -4.55
N LEU A 22 3.47 -2.40 -3.51
CA LEU A 22 2.70 -1.17 -3.53
C LEU A 22 3.27 -0.20 -4.55
N ASN A 23 2.62 -0.12 -5.71
CA ASN A 23 3.08 0.78 -6.77
C ASN A 23 2.73 2.22 -6.43
N VAL A 24 3.61 2.86 -5.69
CA VAL A 24 3.39 4.22 -5.25
C VAL A 24 4.38 5.15 -5.95
N LYS A 25 3.87 6.25 -6.47
CA LYS A 25 4.72 7.27 -7.09
C LYS A 25 4.96 8.41 -6.10
N ALA A 26 5.20 8.01 -4.85
CA ALA A 26 5.47 8.93 -3.75
C ALA A 26 4.27 9.82 -3.43
N GLY A 27 3.07 9.32 -3.68
CA GLY A 27 1.87 10.06 -3.35
C GLY A 27 0.61 9.40 -3.85
N ASP A 28 0.27 8.25 -3.28
CA ASP A 28 -0.92 7.53 -3.70
C ASP A 28 -1.65 6.97 -2.49
N ILE A 29 -2.83 6.43 -2.74
CA ILE A 29 -3.69 5.94 -1.69
C ILE A 29 -3.67 4.42 -1.66
N ILE A 30 -3.46 3.85 -0.48
CA ILE A 30 -3.34 2.41 -0.34
C ILE A 30 -4.38 1.86 0.63
N THR A 31 -4.97 0.73 0.28
CA THR A 31 -5.89 0.03 1.16
C THR A 31 -5.18 -1.18 1.75
N VAL A 32 -4.78 -1.07 3.01
CA VAL A 32 -3.96 -2.09 3.64
C VAL A 32 -4.73 -2.81 4.74
N LEU A 33 -4.21 -3.94 5.18
CA LEU A 33 -4.81 -4.67 6.28
C LEU A 33 -3.76 -5.07 7.30
N GLU A 34 -4.19 -5.23 8.54
CA GLU A 34 -3.28 -5.65 9.60
C GLU A 34 -3.53 -7.11 9.91
N GLN A 35 -2.64 -7.95 9.44
CA GLN A 35 -2.76 -9.39 9.63
C GLN A 35 -1.39 -9.97 9.96
N HIS A 36 -0.38 -9.49 9.23
CA HIS A 36 1.03 -9.89 9.42
C HIS A 36 1.18 -11.36 9.83
N PRO A 37 0.80 -12.30 8.94
CA PRO A 37 0.92 -13.73 9.22
C PRO A 37 2.38 -14.18 9.29
N ASP A 38 3.21 -13.50 8.52
CA ASP A 38 4.64 -13.78 8.52
C ASP A 38 5.41 -12.61 9.11
N GLY A 39 4.70 -11.53 9.37
CA GLY A 39 5.33 -10.32 9.88
C GLY A 39 5.21 -9.17 8.90
N ARG A 40 4.89 -9.51 7.66
CA ARG A 40 4.70 -8.51 6.62
C ARG A 40 3.22 -8.32 6.36
N TRP A 41 2.86 -7.18 5.80
CA TRP A 41 1.47 -6.85 5.56
C TRP A 41 1.17 -6.87 4.06
N LYS A 42 -0.11 -6.94 3.74
CA LYS A 42 -0.56 -6.85 2.36
C LYS A 42 -1.32 -5.56 2.16
N GLY A 43 -1.19 -4.99 0.98
CA GLY A 43 -1.92 -3.78 0.68
C GLY A 43 -2.32 -3.70 -0.77
N CYS A 44 -3.45 -3.07 -1.02
CA CYS A 44 -3.92 -2.84 -2.37
C CYS A 44 -3.73 -1.38 -2.73
N ILE A 45 -3.51 -1.10 -3.99
CA ILE A 45 -3.25 0.25 -4.44
C ILE A 45 -4.50 0.84 -5.06
N HIS A 46 -4.81 2.07 -4.68
CA HIS A 46 -5.93 2.79 -5.25
C HIS A 46 -5.39 3.80 -6.24
N ASP A 47 -5.89 3.75 -7.46
CA ASP A 47 -5.41 4.59 -8.54
C ASP A 47 -5.73 6.06 -8.26
N ASN A 48 -4.81 6.72 -7.56
CA ASN A 48 -4.96 8.11 -7.17
C ASN A 48 -4.77 9.03 -8.37
N ARG A 49 -4.05 8.52 -9.37
CA ARG A 49 -3.78 9.27 -10.58
C ARG A 49 -3.22 8.32 -11.64
N THR A 50 -2.07 7.74 -11.35
CA THR A 50 -1.44 6.78 -12.24
C THR A 50 -0.82 5.65 -11.43
N GLY A 51 -1.67 4.98 -10.66
CA GLY A 51 -1.18 3.92 -9.77
C GLY A 51 -1.77 2.57 -10.13
N ASN A 52 -2.97 2.57 -10.72
CA ASN A 52 -3.69 1.35 -11.08
C ASN A 52 -4.17 0.62 -9.82
N ASP A 53 -4.85 -0.50 -10.02
CA ASP A 53 -5.30 -1.32 -8.91
C ASP A 53 -4.40 -2.53 -8.78
N ARG A 54 -3.52 -2.49 -7.80
CA ARG A 54 -2.49 -3.51 -7.66
C ARG A 54 -2.41 -4.00 -6.22
N VAL A 55 -1.73 -5.11 -6.01
CA VAL A 55 -1.57 -5.67 -4.68
C VAL A 55 -0.08 -5.86 -4.37
N GLY A 56 0.31 -5.57 -3.14
CA GLY A 56 1.70 -5.72 -2.77
C GLY A 56 1.88 -6.02 -1.30
N TYR A 57 3.08 -6.45 -0.95
CA TYR A 57 3.44 -6.71 0.43
C TYR A 57 4.31 -5.58 0.94
N PHE A 58 4.22 -5.26 2.23
CA PHE A 58 5.03 -4.20 2.80
C PHE A 58 5.32 -4.46 4.28
N PRO A 59 6.45 -3.95 4.79
CA PRO A 59 6.87 -4.14 6.18
C PRO A 59 6.09 -3.23 7.15
N SER A 60 4.87 -3.65 7.46
CA SER A 60 3.99 -2.96 8.42
C SER A 60 3.70 -1.51 8.02
N SER A 61 2.95 -0.81 8.88
CA SER A 61 2.46 0.55 8.60
C SER A 61 3.50 1.42 7.89
N LEU A 62 3.17 1.83 6.67
CA LEU A 62 4.08 2.62 5.85
C LEU A 62 3.36 3.85 5.28
N GLY A 63 2.17 4.11 5.79
CA GLY A 63 1.39 5.22 5.30
C GLY A 63 0.48 5.79 6.36
N GLU A 64 -0.05 6.98 6.11
CA GLU A 64 -0.93 7.66 7.06
C GLU A 64 -2.31 7.01 7.03
N ALA A 65 -2.63 6.30 8.10
CA ALA A 65 -3.91 5.59 8.19
C ALA A 65 -5.05 6.53 8.47
N ILE A 66 -5.60 7.11 7.41
CA ILE A 66 -6.73 8.02 7.54
C ILE A 66 -8.04 7.23 7.60
N VAL A 67 -8.03 6.05 6.97
CA VAL A 67 -9.21 5.20 6.88
C VAL A 67 -10.32 5.89 6.09
N GLY A 1 -10.36 -10.17 12.55
CA GLY A 1 -10.76 -9.98 11.15
C GLY A 1 -9.86 -8.99 10.43
N SER A 2 -10.28 -8.56 9.25
CA SER A 2 -9.51 -7.62 8.47
C SER A 2 -9.83 -6.19 8.91
N HIS A 3 -8.89 -5.57 9.61
CA HIS A 3 -9.05 -4.18 10.07
C HIS A 3 -9.24 -3.24 8.88
N MET A 4 -8.42 -3.43 7.84
CA MET A 4 -8.50 -2.66 6.60
C MET A 4 -8.45 -1.15 6.85
N LEU A 5 -7.26 -0.60 6.76
CA LEU A 5 -7.04 0.81 6.99
C LEU A 5 -6.46 1.45 5.74
N GLN A 6 -6.76 2.72 5.54
CA GLN A 6 -6.28 3.43 4.37
C GLN A 6 -5.12 4.34 4.74
N VAL A 7 -3.99 4.14 4.09
CA VAL A 7 -2.79 4.89 4.38
C VAL A 7 -2.34 5.68 3.16
N ARG A 8 -1.80 6.86 3.41
CA ARG A 8 -1.19 7.66 2.35
C ARG A 8 0.32 7.61 2.49
N ALA A 9 0.96 6.96 1.55
CA ALA A 9 2.41 6.80 1.60
C ALA A 9 3.07 7.61 0.50
N THR A 10 4.14 8.30 0.84
CA THR A 10 4.89 9.06 -0.13
C THR A 10 6.26 8.42 -0.36
N LYS A 11 6.37 7.67 -1.44
CA LYS A 11 7.60 7.01 -1.83
C LYS A 11 7.46 6.52 -3.26
N ASP A 12 8.51 6.67 -4.05
CA ASP A 12 8.48 6.16 -5.42
C ASP A 12 8.68 4.64 -5.38
N TYR A 13 7.60 3.93 -5.09
CA TYR A 13 7.67 2.51 -4.84
C TYR A 13 7.07 1.72 -5.99
N CYS A 14 7.75 0.64 -6.34
CA CYS A 14 7.33 -0.25 -7.43
C CYS A 14 7.26 0.48 -8.76
N ASN A 15 6.08 1.04 -9.08
CA ASN A 15 5.79 1.63 -10.40
C ASN A 15 6.48 0.86 -11.53
N ASN A 16 6.37 -0.46 -11.48
CA ASN A 16 7.04 -1.33 -12.43
C ASN A 16 6.01 -2.05 -13.28
N TYR A 17 6.44 -2.66 -14.38
CA TYR A 17 5.53 -3.35 -15.29
C TYR A 17 4.86 -4.52 -14.59
N ASP A 18 5.63 -5.57 -14.31
CA ASP A 18 5.10 -6.73 -13.64
C ASP A 18 5.88 -6.99 -12.35
N LEU A 19 5.23 -6.74 -11.23
CA LEU A 19 5.83 -6.90 -9.91
C LEU A 19 4.73 -6.88 -8.86
N THR A 20 4.94 -7.56 -7.74
CA THR A 20 3.99 -7.51 -6.65
C THR A 20 4.53 -6.59 -5.57
N SER A 21 4.02 -5.37 -5.58
CA SER A 21 4.45 -4.31 -4.68
C SER A 21 3.44 -3.18 -4.73
N LEU A 22 3.51 -2.27 -3.76
CA LEU A 22 2.62 -1.13 -3.72
C LEU A 22 2.98 -0.14 -4.83
N ASN A 23 2.03 0.11 -5.72
CA ASN A 23 2.23 1.08 -6.81
C ASN A 23 2.15 2.50 -6.27
N VAL A 24 3.08 2.86 -5.41
CA VAL A 24 3.08 4.17 -4.81
C VAL A 24 3.80 5.17 -5.71
N LYS A 25 3.04 6.11 -6.26
CA LYS A 25 3.58 7.15 -7.11
C LYS A 25 4.11 8.32 -6.29
N ALA A 26 4.90 8.00 -5.27
CA ALA A 26 5.46 9.00 -4.37
C ALA A 26 4.36 9.82 -3.68
N GLY A 27 3.22 9.18 -3.46
CA GLY A 27 2.11 9.85 -2.80
C GLY A 27 0.78 9.34 -3.29
N ASP A 28 0.51 8.07 -3.02
CA ASP A 28 -0.70 7.43 -3.51
C ASP A 28 -1.55 6.93 -2.35
N ILE A 29 -2.70 6.35 -2.66
CA ILE A 29 -3.66 5.92 -1.66
C ILE A 29 -3.63 4.41 -1.52
N ILE A 30 -3.14 3.94 -0.39
CA ILE A 30 -3.01 2.52 -0.17
C ILE A 30 -4.09 2.04 0.80
N THR A 31 -4.84 1.04 0.38
CA THR A 31 -5.82 0.44 1.26
C THR A 31 -5.28 -0.90 1.75
N VAL A 32 -4.83 -0.91 2.99
CA VAL A 32 -4.13 -2.05 3.54
C VAL A 32 -4.98 -2.75 4.57
N LEU A 33 -4.59 -3.96 4.94
CA LEU A 33 -5.31 -4.69 5.96
C LEU A 33 -4.35 -5.27 6.98
N GLU A 34 -4.85 -5.49 8.18
CA GLU A 34 -4.03 -6.04 9.25
C GLU A 34 -4.36 -7.51 9.44
N GLN A 35 -3.47 -8.35 8.95
CA GLN A 35 -3.62 -9.79 9.09
C GLN A 35 -2.40 -10.34 9.81
N HIS A 36 -1.22 -9.88 9.39
CA HIS A 36 0.03 -10.23 10.04
C HIS A 36 0.20 -11.75 10.12
N PRO A 37 0.46 -12.40 8.96
CA PRO A 37 0.72 -13.83 8.90
C PRO A 37 2.16 -14.18 9.28
N ASP A 38 3.10 -13.80 8.42
CA ASP A 38 4.52 -14.07 8.67
C ASP A 38 5.13 -12.98 9.55
N GLY A 39 4.64 -11.76 9.38
CA GLY A 39 5.21 -10.63 10.08
C GLY A 39 5.13 -9.39 9.23
N ARG A 40 4.98 -9.60 7.94
CA ARG A 40 4.80 -8.52 7.00
C ARG A 40 3.33 -8.45 6.59
N TRP A 41 2.91 -7.31 6.07
CA TRP A 41 1.52 -7.12 5.72
C TRP A 41 1.35 -7.02 4.22
N LYS A 42 0.12 -7.12 3.76
CA LYS A 42 -0.20 -6.95 2.37
C LYS A 42 -1.27 -5.87 2.23
N GLY A 43 -1.19 -5.10 1.16
CA GLY A 43 -2.14 -4.03 0.96
C GLY A 43 -2.40 -3.77 -0.50
N CYS A 44 -3.53 -3.15 -0.79
CA CYS A 44 -3.90 -2.85 -2.16
C CYS A 44 -3.78 -1.36 -2.41
N ILE A 45 -3.62 -0.99 -3.67
CA ILE A 45 -3.53 0.41 -4.05
C ILE A 45 -4.85 0.86 -4.65
N HIS A 46 -5.28 2.05 -4.29
CA HIS A 46 -6.51 2.60 -4.82
C HIS A 46 -6.16 3.62 -5.88
N ASP A 47 -6.32 3.22 -7.14
CA ASP A 47 -5.97 4.07 -8.26
C ASP A 47 -6.66 5.42 -8.17
N ASN A 48 -5.88 6.46 -8.32
CA ASN A 48 -6.39 7.82 -8.29
C ASN A 48 -5.69 8.63 -9.37
N ARG A 49 -5.20 7.94 -10.38
CA ARG A 49 -4.46 8.57 -11.47
C ARG A 49 -5.01 8.11 -12.82
N THR A 50 -4.84 6.83 -13.12
CA THR A 50 -5.26 6.29 -14.41
C THR A 50 -5.61 4.81 -14.28
N GLY A 51 -4.74 4.06 -13.62
CA GLY A 51 -4.98 2.65 -13.42
C GLY A 51 -3.81 1.96 -12.75
N ASN A 52 -3.34 2.52 -11.66
CA ASN A 52 -2.18 1.97 -10.95
C ASN A 52 -2.59 1.25 -9.67
N ASP A 53 -3.50 0.31 -9.78
CA ASP A 53 -3.97 -0.43 -8.61
C ASP A 53 -3.33 -1.82 -8.58
N ARG A 54 -2.83 -2.20 -7.42
CA ARG A 54 -2.09 -3.46 -7.27
C ARG A 54 -2.00 -3.84 -5.79
N VAL A 55 -1.72 -5.10 -5.52
CA VAL A 55 -1.50 -5.55 -4.16
C VAL A 55 -0.01 -5.76 -3.92
N GLY A 56 0.46 -5.33 -2.76
CA GLY A 56 1.86 -5.43 -2.44
C GLY A 56 2.10 -5.74 -0.98
N TYR A 57 3.31 -6.12 -0.64
CA TYR A 57 3.67 -6.44 0.73
C TYR A 57 4.48 -5.32 1.35
N PHE A 58 4.21 -5.01 2.61
CA PHE A 58 4.83 -3.88 3.27
C PHE A 58 4.98 -4.15 4.78
N PRO A 59 5.89 -3.44 5.45
CA PRO A 59 6.12 -3.60 6.89
C PRO A 59 5.25 -2.68 7.74
N SER A 60 3.93 -2.91 7.67
CA SER A 60 2.90 -2.22 8.48
C SER A 60 2.95 -0.68 8.35
N SER A 61 3.88 -0.05 9.03
CA SER A 61 3.95 1.39 9.10
C SER A 61 4.61 1.97 7.84
N LEU A 62 3.89 1.92 6.73
CA LEU A 62 4.40 2.43 5.47
C LEU A 62 3.90 3.84 5.20
N GLY A 63 2.59 4.03 5.37
CA GLY A 63 2.00 5.33 5.07
C GLY A 63 1.22 5.89 6.24
N GLU A 64 0.67 7.08 6.05
CA GLU A 64 -0.11 7.74 7.09
C GLU A 64 -1.55 7.22 7.06
N ALA A 65 -1.98 6.62 8.15
CA ALA A 65 -3.28 5.99 8.19
C ALA A 65 -4.37 6.99 8.53
N ILE A 66 -5.32 7.13 7.61
CA ILE A 66 -6.51 7.91 7.87
C ILE A 66 -7.66 6.98 8.25
N VAL A 67 -7.40 5.68 8.06
CA VAL A 67 -8.34 4.61 8.41
C VAL A 67 -9.65 4.75 7.63
N GLY A 1 -3.97 -7.59 14.85
CA GLY A 1 -5.36 -7.86 15.24
C GLY A 1 -6.34 -7.71 14.10
N SER A 2 -5.83 -7.86 12.86
CA SER A 2 -6.64 -7.66 11.67
C SER A 2 -7.24 -6.26 11.65
N HIS A 3 -6.37 -5.26 11.84
CA HIS A 3 -6.78 -3.86 11.86
C HIS A 3 -7.49 -3.47 10.57
N MET A 4 -6.76 -3.51 9.45
CA MET A 4 -7.30 -3.10 8.14
C MET A 4 -7.56 -1.60 8.11
N LEU A 5 -6.81 -0.89 7.29
CA LEU A 5 -6.86 0.57 7.30
C LEU A 5 -6.45 1.14 5.94
N GLN A 6 -6.82 2.39 5.70
CA GLN A 6 -6.47 3.08 4.48
C GLN A 6 -5.44 4.16 4.78
N VAL A 7 -4.28 4.03 4.18
CA VAL A 7 -3.16 4.93 4.46
C VAL A 7 -2.73 5.69 3.21
N ARG A 8 -2.07 6.80 3.43
CA ARG A 8 -1.45 7.56 2.36
C ARG A 8 0.04 7.64 2.61
N ALA A 9 0.82 7.23 1.64
CA ALA A 9 2.27 7.23 1.79
C ALA A 9 2.91 8.05 0.68
N THR A 10 3.86 8.90 1.05
CA THR A 10 4.64 9.59 0.05
C THR A 10 6.03 8.98 -0.03
N LYS A 11 6.22 8.14 -1.02
CA LYS A 11 7.47 7.46 -1.26
C LYS A 11 7.43 6.81 -2.63
N ASP A 12 8.52 6.84 -3.37
CA ASP A 12 8.60 6.10 -4.62
C ASP A 12 8.73 4.61 -4.29
N TYR A 13 7.79 3.82 -4.79
CA TYR A 13 7.78 2.41 -4.46
C TYR A 13 7.41 1.58 -5.68
N CYS A 14 8.02 0.40 -5.78
CA CYS A 14 7.78 -0.54 -6.88
C CYS A 14 8.33 -0.01 -8.21
N ASN A 15 7.50 0.77 -8.92
CA ASN A 15 7.87 1.31 -10.23
C ASN A 15 8.37 0.19 -11.14
N ASN A 16 7.54 -0.81 -11.36
CA ASN A 16 7.92 -1.95 -12.18
C ASN A 16 6.72 -2.47 -12.97
N TYR A 17 6.98 -3.16 -14.08
CA TYR A 17 5.92 -3.61 -14.97
C TYR A 17 4.96 -4.58 -14.27
N ASP A 18 5.44 -5.79 -14.02
CA ASP A 18 4.61 -6.82 -13.41
C ASP A 18 5.26 -7.30 -12.12
N LEU A 19 4.69 -6.90 -11.00
CA LEU A 19 5.24 -7.24 -9.69
C LEU A 19 4.21 -6.97 -8.61
N THR A 20 4.33 -7.63 -7.47
CA THR A 20 3.44 -7.37 -6.35
C THR A 20 4.16 -6.51 -5.32
N SER A 21 3.83 -5.24 -5.33
CA SER A 21 4.41 -4.26 -4.44
C SER A 21 3.52 -3.03 -4.42
N LEU A 22 3.68 -2.21 -3.40
CA LEU A 22 2.89 -1.00 -3.27
C LEU A 22 3.24 -0.02 -4.39
N ASN A 23 2.36 0.10 -5.37
CA ASN A 23 2.53 1.04 -6.47
C ASN A 23 2.33 2.47 -5.98
N VAL A 24 3.27 2.96 -5.21
CA VAL A 24 3.18 4.30 -4.66
C VAL A 24 3.98 5.27 -5.53
N LYS A 25 3.27 6.18 -6.18
CA LYS A 25 3.91 7.17 -7.03
C LYS A 25 4.39 8.37 -6.21
N ALA A 26 5.13 8.07 -5.15
CA ALA A 26 5.62 9.08 -4.22
C ALA A 26 4.47 9.86 -3.59
N GLY A 27 3.32 9.21 -3.51
CA GLY A 27 2.14 9.84 -2.94
C GLY A 27 0.88 9.30 -3.58
N ASP A 28 0.26 8.32 -2.93
CA ASP A 28 -0.95 7.70 -3.46
C ASP A 28 -1.78 7.10 -2.34
N ILE A 29 -2.86 6.42 -2.70
CA ILE A 29 -3.82 5.90 -1.73
C ILE A 29 -3.67 4.40 -1.56
N ILE A 30 -3.37 3.96 -0.35
CA ILE A 30 -3.14 2.56 -0.10
C ILE A 30 -4.19 2.00 0.86
N THR A 31 -4.85 0.93 0.45
CA THR A 31 -5.78 0.24 1.32
C THR A 31 -5.14 -1.04 1.83
N VAL A 32 -4.72 -1.01 3.09
CA VAL A 32 -3.92 -2.10 3.62
C VAL A 32 -4.72 -2.96 4.59
N LEU A 33 -4.39 -4.24 4.62
CA LEU A 33 -5.01 -5.15 5.55
C LEU A 33 -3.96 -5.83 6.41
N GLU A 34 -4.31 -6.04 7.67
CA GLU A 34 -3.38 -6.61 8.62
C GLU A 34 -3.73 -8.07 8.88
N GLN A 35 -2.79 -8.96 8.60
CA GLN A 35 -3.01 -10.38 8.79
C GLN A 35 -1.86 -10.99 9.57
N HIS A 36 -0.65 -10.83 9.06
CA HIS A 36 0.52 -11.43 9.67
C HIS A 36 1.08 -10.54 10.78
N PRO A 37 0.96 -10.98 12.04
CA PRO A 37 1.52 -10.25 13.19
C PRO A 37 3.04 -10.32 13.20
N ASP A 38 3.60 -11.02 12.22
CA ASP A 38 5.04 -11.11 12.05
C ASP A 38 5.63 -9.73 11.76
N GLY A 39 4.82 -8.87 11.15
CA GLY A 39 5.28 -7.53 10.84
C GLY A 39 5.06 -7.18 9.39
N ARG A 40 4.73 -8.17 8.58
CA ARG A 40 4.50 -7.95 7.16
C ARG A 40 3.01 -7.96 6.85
N TRP A 41 2.53 -6.86 6.29
CA TRP A 41 1.14 -6.74 5.93
C TRP A 41 1.02 -6.61 4.42
N LYS A 42 -0.18 -6.77 3.91
CA LYS A 42 -0.42 -6.63 2.49
C LYS A 42 -1.38 -5.47 2.25
N GLY A 43 -1.17 -4.75 1.16
CA GLY A 43 -2.02 -3.62 0.88
C GLY A 43 -2.21 -3.40 -0.60
N CYS A 44 -3.34 -2.82 -0.95
CA CYS A 44 -3.67 -2.55 -2.33
C CYS A 44 -3.54 -1.06 -2.61
N ILE A 45 -3.23 -0.73 -3.85
CA ILE A 45 -3.10 0.66 -4.25
C ILE A 45 -4.31 1.09 -5.05
N HIS A 46 -4.86 2.25 -4.72
CA HIS A 46 -6.00 2.76 -5.45
C HIS A 46 -5.51 3.89 -6.35
N ASP A 47 -5.33 3.56 -7.62
CA ASP A 47 -4.71 4.47 -8.57
C ASP A 47 -5.68 5.56 -9.03
N ASN A 48 -5.27 6.79 -8.80
CA ASN A 48 -6.08 7.96 -9.15
C ASN A 48 -5.65 8.55 -10.48
N ARG A 49 -5.00 7.74 -11.30
CA ARG A 49 -4.57 8.17 -12.62
C ARG A 49 -5.47 7.57 -13.69
N THR A 50 -5.42 6.24 -13.82
CA THR A 50 -6.24 5.54 -14.80
C THR A 50 -7.26 4.66 -14.09
N GLY A 51 -6.95 4.28 -12.86
CA GLY A 51 -7.81 3.39 -12.12
C GLY A 51 -7.20 2.03 -11.92
N ASN A 52 -5.87 2.00 -11.93
CA ASN A 52 -5.12 0.75 -11.75
C ASN A 52 -5.35 0.17 -10.36
N ASP A 53 -5.13 -1.13 -10.23
CA ASP A 53 -5.29 -1.82 -8.96
C ASP A 53 -4.16 -2.82 -8.75
N ARG A 54 -3.28 -2.53 -7.82
CA ARG A 54 -2.16 -3.42 -7.53
C ARG A 54 -2.10 -3.72 -6.05
N VAL A 55 -1.43 -4.81 -5.69
CA VAL A 55 -1.31 -5.22 -4.29
C VAL A 55 0.14 -5.58 -3.98
N GLY A 56 0.58 -5.22 -2.79
CA GLY A 56 1.94 -5.51 -2.39
C GLY A 56 2.07 -5.74 -0.91
N TYR A 57 3.20 -6.30 -0.49
CA TYR A 57 3.45 -6.56 0.91
C TYR A 57 4.44 -5.53 1.46
N PHE A 58 4.29 -5.18 2.73
CA PHE A 58 5.13 -4.16 3.34
C PHE A 58 5.30 -4.44 4.84
N PRO A 59 6.47 -4.09 5.40
CA PRO A 59 6.77 -4.29 6.82
C PRO A 59 6.10 -3.23 7.71
N SER A 60 4.79 -3.38 7.90
CA SER A 60 4.01 -2.54 8.80
C SER A 60 3.91 -1.09 8.30
N SER A 61 3.28 -0.24 9.12
CA SER A 61 2.94 1.14 8.76
C SER A 61 3.98 1.82 7.86
N LEU A 62 3.63 2.00 6.60
CA LEU A 62 4.47 2.71 5.65
C LEU A 62 3.84 4.05 5.31
N GLY A 63 2.52 4.12 5.46
CA GLY A 63 1.80 5.35 5.18
C GLY A 63 0.97 5.79 6.35
N GLU A 64 0.44 7.01 6.28
CA GLU A 64 -0.37 7.55 7.36
C GLU A 64 -1.84 7.25 7.12
N ALA A 65 -2.50 6.70 8.11
CA ALA A 65 -3.90 6.32 7.98
C ALA A 65 -4.79 7.55 7.94
N ILE A 66 -5.75 7.53 7.03
CA ILE A 66 -6.71 8.61 6.90
C ILE A 66 -8.10 8.12 7.31
N VAL A 67 -8.14 7.01 8.03
CA VAL A 67 -9.40 6.44 8.47
C VAL A 67 -9.74 6.95 9.86
N GLY A 1 -3.00 2.55 13.33
CA GLY A 1 -4.05 1.94 12.49
C GLY A 1 -3.96 0.44 12.49
N SER A 2 -5.11 -0.23 12.58
CA SER A 2 -5.14 -1.67 12.66
C SER A 2 -6.44 -2.23 12.06
N HIS A 3 -6.34 -3.43 11.50
CA HIS A 3 -7.50 -4.15 10.94
C HIS A 3 -8.24 -3.34 9.88
N MET A 4 -7.78 -3.46 8.63
CA MET A 4 -8.35 -2.75 7.49
C MET A 4 -8.22 -1.24 7.66
N LEU A 5 -7.19 -0.68 7.05
CA LEU A 5 -6.91 0.74 7.18
C LEU A 5 -6.42 1.30 5.85
N GLN A 6 -6.73 2.55 5.60
CA GLN A 6 -6.27 3.23 4.40
C GLN A 6 -5.11 4.15 4.73
N VAL A 7 -4.00 3.96 4.04
CA VAL A 7 -2.79 4.72 4.31
C VAL A 7 -2.41 5.57 3.11
N ARG A 8 -1.85 6.73 3.41
CA ARG A 8 -1.32 7.61 2.39
C ARG A 8 0.20 7.60 2.47
N ALA A 9 0.83 7.00 1.48
CA ALA A 9 2.28 6.80 1.51
C ALA A 9 2.98 7.78 0.59
N THR A 10 3.99 8.46 1.10
CA THR A 10 4.77 9.37 0.28
C THR A 10 6.13 8.76 -0.06
N LYS A 11 6.21 8.20 -1.26
CA LYS A 11 7.47 7.70 -1.80
C LYS A 11 7.28 7.40 -3.28
N ASP A 12 8.25 7.78 -4.10
CA ASP A 12 8.20 7.46 -5.52
C ASP A 12 8.70 6.03 -5.74
N TYR A 13 7.87 5.08 -5.35
CA TYR A 13 8.25 3.68 -5.37
C TYR A 13 7.78 2.99 -6.65
N CYS A 14 8.03 3.64 -7.78
CA CYS A 14 7.67 3.09 -9.08
C CYS A 14 8.12 4.03 -10.20
N ASN A 15 9.36 3.86 -10.66
CA ASN A 15 9.88 4.67 -11.76
C ASN A 15 10.54 3.78 -12.81
N ASN A 16 11.64 3.16 -12.43
CA ASN A 16 12.44 2.34 -13.33
C ASN A 16 13.38 1.46 -12.54
N TYR A 17 13.50 0.20 -12.94
CA TYR A 17 14.35 -0.77 -12.26
C TYR A 17 13.89 -0.96 -10.82
N ASP A 18 12.59 -0.89 -10.63
CA ASP A 18 11.98 -1.07 -9.31
C ASP A 18 11.36 -2.45 -9.22
N LEU A 19 11.05 -2.88 -8.02
CA LEU A 19 10.33 -4.11 -7.82
C LEU A 19 8.88 -3.77 -7.51
N THR A 20 7.97 -4.66 -7.83
CA THR A 20 6.57 -4.29 -7.81
C THR A 20 5.89 -4.78 -6.55
N SER A 21 5.70 -3.84 -5.65
CA SER A 21 4.94 -4.03 -4.42
C SER A 21 4.45 -2.67 -3.95
N LEU A 22 3.18 -2.39 -4.18
CA LEU A 22 2.60 -1.07 -3.92
C LEU A 22 3.21 -0.04 -4.87
N ASN A 23 2.47 0.28 -5.92
CA ASN A 23 2.92 1.24 -6.93
C ASN A 23 2.76 2.66 -6.42
N VAL A 24 3.50 3.01 -5.38
CA VAL A 24 3.38 4.30 -4.73
C VAL A 24 4.03 5.39 -5.58
N LYS A 25 3.33 6.52 -5.70
CA LYS A 25 3.83 7.64 -6.47
C LYS A 25 3.86 8.92 -5.65
N ALA A 26 4.52 8.84 -4.49
CA ALA A 26 4.72 9.99 -3.61
C ALA A 26 3.40 10.67 -3.23
N GLY A 27 2.70 10.09 -2.26
CA GLY A 27 1.45 10.67 -1.80
C GLY A 27 0.27 9.96 -2.42
N ASP A 28 0.30 8.64 -2.37
CA ASP A 28 -0.71 7.83 -3.03
C ASP A 28 -1.62 7.14 -2.02
N ILE A 29 -2.69 6.54 -2.51
CA ILE A 29 -3.72 5.97 -1.67
C ILE A 29 -3.63 4.45 -1.64
N ILE A 30 -3.23 3.91 -0.50
CA ILE A 30 -3.09 2.48 -0.35
C ILE A 30 -4.11 1.97 0.67
N THR A 31 -4.84 0.94 0.31
CA THR A 31 -5.79 0.34 1.23
C THR A 31 -5.23 -0.99 1.73
N VAL A 32 -4.85 -1.02 3.00
CA VAL A 32 -4.13 -2.16 3.53
C VAL A 32 -4.92 -2.85 4.64
N LEU A 33 -4.54 -4.07 4.93
CA LEU A 33 -5.14 -4.82 6.02
C LEU A 33 -4.06 -5.32 6.96
N GLU A 34 -4.43 -5.62 8.20
CA GLU A 34 -3.46 -6.02 9.20
C GLU A 34 -3.56 -7.52 9.44
N GLN A 35 -2.47 -8.22 9.14
CA GLN A 35 -2.41 -9.65 9.38
C GLN A 35 -1.34 -9.96 10.40
N HIS A 36 -0.09 -9.67 10.06
CA HIS A 36 1.03 -9.89 10.96
C HIS A 36 1.67 -8.56 11.31
N PRO A 37 1.32 -7.97 12.46
CA PRO A 37 1.92 -6.71 12.92
C PRO A 37 3.43 -6.83 13.10
N ASP A 38 3.88 -8.05 13.31
CA ASP A 38 5.29 -8.36 13.47
C ASP A 38 5.87 -8.93 12.17
N GLY A 39 5.13 -8.77 11.09
CA GLY A 39 5.56 -9.32 9.81
C GLY A 39 5.19 -8.43 8.65
N ARG A 40 4.62 -9.02 7.61
CA ARG A 40 4.27 -8.28 6.42
C ARG A 40 2.76 -8.31 6.18
N TRP A 41 2.26 -7.26 5.56
CA TRP A 41 0.86 -7.18 5.18
C TRP A 41 0.76 -7.08 3.67
N LYS A 42 -0.44 -7.30 3.14
CA LYS A 42 -0.68 -7.03 1.74
C LYS A 42 -1.60 -5.81 1.62
N GLY A 43 -1.30 -4.95 0.67
CA GLY A 43 -2.07 -3.75 0.50
C GLY A 43 -2.43 -3.51 -0.94
N CYS A 44 -3.55 -2.84 -1.15
CA CYS A 44 -4.03 -2.56 -2.49
C CYS A 44 -3.80 -1.09 -2.82
N ILE A 45 -3.56 -0.81 -4.09
CA ILE A 45 -3.34 0.56 -4.55
C ILE A 45 -4.61 1.07 -5.21
N HIS A 46 -4.99 2.29 -4.91
CA HIS A 46 -6.19 2.86 -5.47
C HIS A 46 -5.84 3.81 -6.60
N ASP A 47 -6.27 3.46 -7.80
CA ASP A 47 -6.03 4.28 -8.98
C ASP A 47 -6.71 5.64 -8.85
N ASN A 48 -5.95 6.60 -8.34
CA ASN A 48 -6.44 7.95 -8.12
C ASN A 48 -5.94 8.88 -9.22
N ARG A 49 -5.20 8.30 -10.16
CA ARG A 49 -4.60 9.05 -11.25
C ARG A 49 -3.84 8.10 -12.16
N THR A 50 -2.92 7.36 -11.55
CA THR A 50 -2.11 6.39 -12.26
C THR A 50 -1.52 5.40 -11.27
N GLY A 51 -1.46 4.14 -11.66
CA GLY A 51 -0.94 3.11 -10.77
C GLY A 51 -1.81 1.88 -10.78
N ASN A 52 -3.08 2.07 -11.16
CA ASN A 52 -4.04 0.98 -11.27
C ASN A 52 -4.34 0.35 -9.92
N ASP A 53 -5.12 -0.72 -9.92
CA ASP A 53 -5.47 -1.43 -8.71
C ASP A 53 -4.63 -2.68 -8.60
N ARG A 54 -3.61 -2.61 -7.76
CA ARG A 54 -2.68 -3.72 -7.58
C ARG A 54 -2.49 -4.03 -6.11
N VAL A 55 -2.08 -5.24 -5.81
CA VAL A 55 -1.81 -5.63 -4.43
C VAL A 55 -0.32 -5.92 -4.26
N GLY A 56 0.23 -5.44 -3.15
CA GLY A 56 1.64 -5.67 -2.87
C GLY A 56 1.86 -6.04 -1.42
N TYR A 57 3.02 -6.59 -1.13
CA TYR A 57 3.34 -7.01 0.24
C TYR A 57 4.39 -6.08 0.84
N PHE A 58 4.16 -5.66 2.07
CA PHE A 58 5.05 -4.72 2.73
C PHE A 58 5.14 -5.03 4.23
N PRO A 59 6.31 -4.83 4.84
CA PRO A 59 6.53 -5.08 6.27
C PRO A 59 5.87 -4.04 7.18
N SER A 60 4.58 -3.76 6.92
CA SER A 60 3.79 -2.78 7.65
C SER A 60 4.40 -1.38 7.63
N SER A 61 3.66 -0.41 8.17
CA SER A 61 4.11 0.99 8.30
C SER A 61 4.74 1.53 7.01
N LEU A 62 3.99 1.45 5.91
CA LEU A 62 4.46 1.96 4.64
C LEU A 62 3.89 3.35 4.38
N GLY A 63 2.64 3.54 4.76
CA GLY A 63 2.00 4.82 4.56
C GLY A 63 1.35 5.33 5.83
N GLU A 64 0.91 6.57 5.80
CA GLU A 64 0.28 7.19 6.95
C GLU A 64 -1.21 6.87 6.96
N ALA A 65 -1.64 6.16 8.00
CA ALA A 65 -3.01 5.69 8.07
C ALA A 65 -3.97 6.83 8.37
N ILE A 66 -5.06 6.86 7.61
CA ILE A 66 -6.14 7.81 7.85
C ILE A 66 -7.40 7.05 8.24
N VAL A 67 -7.29 5.71 8.19
CA VAL A 67 -8.39 4.81 8.50
C VAL A 67 -9.58 5.06 7.57
N GLY A 1 -9.49 0.69 13.02
CA GLY A 1 -8.14 0.69 12.42
C GLY A 1 -7.44 -0.65 12.57
N SER A 2 -8.13 -1.62 13.15
CA SER A 2 -7.56 -2.94 13.36
C SER A 2 -7.99 -3.86 12.22
N HIS A 3 -7.06 -4.68 11.75
CA HIS A 3 -7.32 -5.66 10.69
C HIS A 3 -7.53 -5.01 9.32
N MET A 4 -7.64 -3.69 9.29
CA MET A 4 -7.84 -2.96 8.05
C MET A 4 -7.57 -1.47 8.27
N LEU A 5 -6.72 -0.90 7.43
CA LEU A 5 -6.39 0.51 7.52
C LEU A 5 -5.94 1.06 6.17
N GLN A 6 -6.21 2.34 5.94
CA GLN A 6 -5.76 3.01 4.74
C GLN A 6 -4.59 3.91 5.07
N VAL A 7 -3.49 3.75 4.34
CA VAL A 7 -2.32 4.57 4.54
C VAL A 7 -2.03 5.40 3.29
N ARG A 8 -1.62 6.64 3.49
CA ARG A 8 -1.24 7.50 2.39
C ARG A 8 0.27 7.67 2.39
N ALA A 9 0.92 7.10 1.39
CA ALA A 9 2.37 7.10 1.34
C ALA A 9 2.89 8.07 0.28
N THR A 10 3.91 8.82 0.64
CA THR A 10 4.59 9.66 -0.34
C THR A 10 5.91 9.03 -0.73
N LYS A 11 5.90 8.34 -1.85
CA LYS A 11 7.06 7.65 -2.37
C LYS A 11 6.77 7.20 -3.79
N ASP A 12 7.79 6.94 -4.58
CA ASP A 12 7.59 6.34 -5.89
C ASP A 12 7.98 4.88 -5.84
N TYR A 13 7.07 4.07 -5.32
CA TYR A 13 7.34 2.66 -5.08
C TYR A 13 6.79 1.81 -6.22
N CYS A 14 7.55 0.80 -6.60
CA CYS A 14 7.17 -0.13 -7.65
C CYS A 14 7.16 0.54 -9.03
N ASN A 15 6.05 1.20 -9.35
CA ASN A 15 5.84 1.78 -10.67
C ASN A 15 6.16 0.77 -11.77
N ASN A 16 5.65 -0.44 -11.61
CA ASN A 16 5.94 -1.52 -12.55
C ASN A 16 4.64 -2.09 -13.12
N TYR A 17 4.71 -2.70 -14.29
CA TYR A 17 3.54 -3.24 -14.97
C TYR A 17 2.82 -4.28 -14.11
N ASP A 18 3.49 -5.40 -13.88
CA ASP A 18 2.90 -6.50 -13.13
C ASP A 18 3.89 -7.06 -12.12
N LEU A 19 3.58 -6.86 -10.85
CA LEU A 19 4.42 -7.30 -9.76
C LEU A 19 3.61 -7.23 -8.47
N THR A 20 4.08 -7.85 -7.40
CA THR A 20 3.40 -7.71 -6.13
C THR A 20 4.17 -6.69 -5.29
N SER A 21 3.66 -5.47 -5.32
CA SER A 21 4.32 -4.33 -4.72
C SER A 21 3.35 -3.17 -4.66
N LEU A 22 3.61 -2.22 -3.76
CA LEU A 22 2.75 -1.05 -3.62
C LEU A 22 3.06 -0.03 -4.70
N ASN A 23 2.16 0.11 -5.67
CA ASN A 23 2.33 1.10 -6.72
C ASN A 23 2.01 2.50 -6.18
N VAL A 24 2.95 3.02 -5.41
CA VAL A 24 2.81 4.34 -4.81
C VAL A 24 3.41 5.40 -5.73
N LYS A 25 2.62 6.37 -6.13
CA LYS A 25 3.11 7.41 -7.02
C LYS A 25 3.07 8.79 -6.33
N ALA A 26 3.79 8.88 -5.22
CA ALA A 26 3.92 10.13 -4.45
C ALA A 26 2.56 10.67 -4.01
N GLY A 27 2.10 10.22 -2.85
CA GLY A 27 0.82 10.67 -2.34
C GLY A 27 -0.27 9.74 -2.79
N ASP A 28 -0.07 8.45 -2.56
CA ASP A 28 -0.97 7.43 -3.06
C ASP A 28 -1.86 6.89 -1.95
N ILE A 29 -2.86 6.12 -2.34
CA ILE A 29 -3.84 5.60 -1.40
C ILE A 29 -3.69 4.09 -1.27
N ILE A 30 -3.17 3.64 -0.14
CA ILE A 30 -2.97 2.22 0.07
C ILE A 30 -3.99 1.69 1.07
N THR A 31 -4.73 0.68 0.67
CA THR A 31 -5.66 0.03 1.56
C THR A 31 -5.08 -1.30 2.00
N VAL A 32 -4.58 -1.34 3.22
CA VAL A 32 -3.87 -2.49 3.72
C VAL A 32 -4.63 -3.20 4.82
N LEU A 33 -4.56 -4.51 4.81
CA LEU A 33 -5.23 -5.30 5.83
C LEU A 33 -4.23 -5.82 6.85
N GLU A 34 -4.65 -5.84 8.09
CA GLU A 34 -3.79 -6.28 9.17
C GLU A 34 -4.19 -7.69 9.61
N GLN A 35 -3.25 -8.60 9.53
CA GLN A 35 -3.53 -9.99 9.88
C GLN A 35 -2.30 -10.61 10.54
N HIS A 36 -1.13 -10.29 10.02
CA HIS A 36 0.12 -10.82 10.56
C HIS A 36 0.72 -9.84 11.57
N PRO A 37 0.66 -10.19 12.86
CA PRO A 37 1.19 -9.33 13.94
C PRO A 37 2.68 -9.10 13.82
N ASP A 38 3.35 -9.95 13.04
CA ASP A 38 4.80 -9.84 12.83
C ASP A 38 5.15 -8.49 12.23
N GLY A 39 4.30 -7.99 11.33
CA GLY A 39 4.52 -6.69 10.77
C GLY A 39 4.43 -6.65 9.26
N ARG A 40 4.33 -7.82 8.64
CA ARG A 40 4.30 -7.88 7.18
C ARG A 40 2.88 -8.07 6.67
N TRP A 41 2.35 -7.03 6.05
CA TRP A 41 0.98 -7.03 5.57
C TRP A 41 0.96 -6.86 4.06
N LYS A 42 -0.19 -7.16 3.47
CA LYS A 42 -0.41 -6.89 2.07
C LYS A 42 -1.38 -5.75 1.91
N GLY A 43 -1.04 -4.80 1.06
CA GLY A 43 -1.91 -3.68 0.84
C GLY A 43 -2.22 -3.49 -0.62
N CYS A 44 -3.41 -2.99 -0.89
CA CYS A 44 -3.82 -2.75 -2.26
C CYS A 44 -3.76 -1.26 -2.53
N ILE A 45 -3.57 -0.90 -3.78
CA ILE A 45 -3.46 0.50 -4.16
C ILE A 45 -4.74 0.97 -4.82
N HIS A 46 -5.24 2.11 -4.37
CA HIS A 46 -6.35 2.75 -5.03
C HIS A 46 -5.81 3.92 -5.85
N ASP A 47 -5.69 3.71 -7.14
CA ASP A 47 -4.99 4.63 -8.01
C ASP A 47 -5.76 5.94 -8.23
N ASN A 48 -5.01 7.03 -8.34
CA ASN A 48 -5.59 8.34 -8.63
C ASN A 48 -5.33 8.71 -10.08
N ARG A 49 -4.38 8.01 -10.69
CA ARG A 49 -3.97 8.30 -12.06
C ARG A 49 -5.05 7.86 -13.04
N THR A 50 -5.36 6.57 -13.05
CA THR A 50 -6.36 6.02 -13.94
C THR A 50 -6.92 4.72 -13.38
N GLY A 51 -6.08 3.68 -13.39
CA GLY A 51 -6.53 2.38 -12.92
C GLY A 51 -5.35 1.49 -12.56
N ASN A 52 -4.31 2.10 -12.02
CA ASN A 52 -3.13 1.36 -11.60
C ASN A 52 -3.32 0.83 -10.20
N ASP A 53 -4.24 -0.10 -10.06
CA ASP A 53 -4.60 -0.64 -8.75
C ASP A 53 -3.94 -2.00 -8.57
N ARG A 54 -2.92 -2.04 -7.75
CA ARG A 54 -2.10 -3.24 -7.57
C ARG A 54 -1.96 -3.57 -6.09
N VAL A 55 -1.54 -4.79 -5.80
CA VAL A 55 -1.39 -5.24 -4.42
C VAL A 55 0.08 -5.57 -4.14
N GLY A 56 0.54 -5.19 -2.95
CA GLY A 56 1.91 -5.47 -2.58
C GLY A 56 2.07 -5.72 -1.11
N TYR A 57 3.21 -6.30 -0.72
CA TYR A 57 3.48 -6.60 0.67
C TYR A 57 4.49 -5.61 1.23
N PHE A 58 4.34 -5.27 2.51
CA PHE A 58 5.26 -4.35 3.15
C PHE A 58 5.25 -4.54 4.67
N PRO A 59 6.36 -4.20 5.34
CA PRO A 59 6.50 -4.38 6.80
C PRO A 59 5.84 -3.27 7.61
N SER A 60 4.66 -2.84 7.16
CA SER A 60 3.85 -1.84 7.85
C SER A 60 4.54 -0.47 7.88
N SER A 61 3.77 0.56 8.24
CA SER A 61 4.28 1.92 8.38
C SER A 61 4.95 2.41 7.09
N LEU A 62 4.26 2.22 5.97
CA LEU A 62 4.75 2.71 4.69
C LEU A 62 4.17 4.09 4.41
N GLY A 63 2.96 4.31 4.88
CA GLY A 63 2.30 5.58 4.68
C GLY A 63 1.54 6.00 5.91
N GLU A 64 0.98 7.20 5.86
CA GLU A 64 0.23 7.75 6.98
C GLU A 64 -1.13 7.06 7.09
N ALA A 65 -1.33 6.35 8.20
CA ALA A 65 -2.56 5.60 8.41
C ALA A 65 -3.69 6.52 8.86
N ILE A 66 -4.70 6.64 8.00
CA ILE A 66 -5.87 7.44 8.32
C ILE A 66 -7.08 6.55 8.54
N VAL A 67 -6.90 5.26 8.21
CA VAL A 67 -7.96 4.26 8.35
C VAL A 67 -9.09 4.50 7.35
N GLY A 1 -7.21 -8.98 15.97
CA GLY A 1 -6.53 -8.11 14.97
C GLY A 1 -7.36 -7.96 13.71
N SER A 2 -6.69 -7.94 12.56
CA SER A 2 -7.36 -7.81 11.27
C SER A 2 -8.15 -6.50 11.24
N HIS A 3 -7.52 -5.44 11.74
CA HIS A 3 -8.17 -4.14 11.87
C HIS A 3 -8.47 -3.54 10.50
N MET A 4 -7.48 -3.58 9.60
CA MET A 4 -7.60 -3.00 8.26
C MET A 4 -7.66 -1.47 8.32
N LEU A 5 -6.74 -0.83 7.63
CA LEU A 5 -6.63 0.62 7.66
C LEU A 5 -6.24 1.14 6.29
N GLN A 6 -6.40 2.43 6.09
CA GLN A 6 -6.03 3.03 4.82
C GLN A 6 -4.97 4.09 5.05
N VAL A 7 -3.86 3.94 4.33
CA VAL A 7 -2.72 4.81 4.51
C VAL A 7 -2.49 5.66 3.26
N ARG A 8 -1.95 6.84 3.47
CA ARG A 8 -1.54 7.70 2.37
C ARG A 8 -0.03 7.66 2.25
N ALA A 9 0.45 7.11 1.15
CA ALA A 9 1.87 6.91 0.97
C ALA A 9 2.43 7.86 -0.06
N THR A 10 3.53 8.49 0.29
CA THR A 10 4.22 9.37 -0.62
C THR A 10 5.65 8.90 -0.82
N LYS A 11 5.88 8.22 -1.94
CA LYS A 11 7.20 7.72 -2.29
C LYS A 11 7.21 7.29 -3.74
N ASP A 12 8.32 7.47 -4.42
CA ASP A 12 8.47 7.05 -5.80
C ASP A 12 8.96 5.61 -5.82
N TYR A 13 8.08 4.69 -5.42
CA TYR A 13 8.45 3.29 -5.25
C TYR A 13 7.93 2.46 -6.42
N CYS A 14 8.38 2.81 -7.62
CA CYS A 14 7.97 2.11 -8.82
C CYS A 14 8.75 2.61 -10.04
N ASN A 15 10.02 2.93 -9.84
CA ASN A 15 10.82 3.48 -10.92
C ASN A 15 12.06 2.64 -11.17
N ASN A 16 13.13 2.94 -10.45
CA ASN A 16 14.40 2.25 -10.64
C ASN A 16 14.97 1.81 -9.30
N TYR A 17 15.58 0.63 -9.29
CA TYR A 17 16.18 0.06 -8.09
C TYR A 17 15.14 -0.21 -7.01
N ASP A 18 13.89 -0.31 -7.43
CA ASP A 18 12.79 -0.55 -6.51
C ASP A 18 12.35 -2.00 -6.58
N LEU A 19 11.69 -2.45 -5.53
CA LEU A 19 11.13 -3.78 -5.48
C LEU A 19 9.63 -3.68 -5.69
N THR A 20 8.98 -4.80 -5.94
CA THR A 20 7.56 -4.75 -6.24
C THR A 20 6.74 -5.10 -5.02
N SER A 21 6.22 -4.06 -4.39
CA SER A 21 5.37 -4.16 -3.23
C SER A 21 4.67 -2.82 -3.04
N LEU A 22 3.40 -2.75 -3.43
CA LEU A 22 2.65 -1.50 -3.43
C LEU A 22 3.23 -0.53 -4.46
N ASN A 23 2.56 -0.41 -5.60
CA ASN A 23 2.99 0.50 -6.67
C ASN A 23 2.68 1.93 -6.30
N VAL A 24 3.56 2.54 -5.53
CA VAL A 24 3.38 3.91 -5.08
C VAL A 24 4.17 4.88 -5.95
N LYS A 25 3.52 5.92 -6.42
CA LYS A 25 4.20 6.95 -7.20
C LYS A 25 3.95 8.33 -6.62
N ALA A 26 4.06 8.39 -5.29
CA ALA A 26 3.95 9.63 -4.51
C ALA A 26 2.54 10.23 -4.58
N GLY A 27 1.81 10.09 -3.47
CA GLY A 27 0.50 10.68 -3.37
C GLY A 27 -0.60 9.66 -3.63
N ASP A 28 -0.37 8.44 -3.18
CA ASP A 28 -1.30 7.36 -3.42
C ASP A 28 -2.00 6.94 -2.15
N ILE A 29 -3.23 6.49 -2.29
CA ILE A 29 -4.02 6.04 -1.17
C ILE A 29 -4.07 4.53 -1.17
N ILE A 30 -3.60 3.92 -0.11
CA ILE A 30 -3.47 2.49 -0.04
C ILE A 30 -4.37 1.92 1.04
N THR A 31 -5.12 0.90 0.70
CA THR A 31 -6.00 0.26 1.67
C THR A 31 -5.37 -1.05 2.12
N VAL A 32 -4.83 -1.03 3.32
CA VAL A 32 -4.02 -2.14 3.80
C VAL A 32 -4.79 -2.98 4.82
N LEU A 33 -4.55 -4.28 4.78
CA LEU A 33 -5.21 -5.18 5.69
C LEU A 33 -4.17 -5.90 6.55
N GLU A 34 -4.60 -6.35 7.71
CA GLU A 34 -3.68 -6.90 8.68
C GLU A 34 -3.77 -8.42 8.69
N GLN A 35 -2.66 -9.06 8.34
CA GLN A 35 -2.63 -10.50 8.22
C GLN A 35 -1.68 -11.13 9.23
N HIS A 36 -0.40 -10.82 9.11
CA HIS A 36 0.62 -11.47 9.93
C HIS A 36 1.10 -10.53 11.03
N PRO A 37 0.92 -10.94 12.30
CA PRO A 37 1.40 -10.18 13.46
C PRO A 37 2.93 -10.05 13.46
N ASP A 38 3.56 -10.84 12.62
CA ASP A 38 5.01 -10.79 12.44
C ASP A 38 5.45 -9.41 11.96
N GLY A 39 4.59 -8.75 11.19
CA GLY A 39 4.88 -7.40 10.75
C GLY A 39 4.64 -7.18 9.28
N ARG A 40 4.33 -8.24 8.55
CA ARG A 40 4.10 -8.13 7.12
C ARG A 40 2.61 -8.19 6.80
N TRP A 41 2.13 -7.11 6.20
CA TRP A 41 0.74 -6.99 5.83
C TRP A 41 0.64 -6.77 4.33
N LYS A 42 -0.55 -6.89 3.78
CA LYS A 42 -0.78 -6.63 2.38
C LYS A 42 -1.73 -5.46 2.21
N GLY A 43 -1.67 -4.82 1.06
CA GLY A 43 -2.53 -3.68 0.82
C GLY A 43 -2.87 -3.51 -0.65
N CYS A 44 -3.97 -2.82 -0.89
CA CYS A 44 -4.42 -2.54 -2.24
C CYS A 44 -4.17 -1.07 -2.57
N ILE A 45 -3.93 -0.78 -3.84
CA ILE A 45 -3.58 0.57 -4.26
C ILE A 45 -4.79 1.26 -4.89
N HIS A 46 -5.08 2.46 -4.40
CA HIS A 46 -6.11 3.30 -5.00
C HIS A 46 -5.44 4.46 -5.72
N ASP A 47 -5.40 4.37 -7.04
CA ASP A 47 -4.79 5.38 -7.87
C ASP A 47 -5.83 6.41 -8.29
N ASN A 48 -5.45 7.68 -8.23
CA ASN A 48 -6.36 8.76 -8.55
C ASN A 48 -6.05 9.36 -9.91
N ARG A 49 -5.10 8.77 -10.62
CA ARG A 49 -4.81 9.19 -11.99
C ARG A 49 -5.83 8.61 -12.95
N THR A 50 -5.89 7.29 -13.02
CA THR A 50 -6.83 6.62 -13.92
C THR A 50 -7.55 5.47 -13.22
N GLY A 51 -6.81 4.74 -12.40
CA GLY A 51 -7.37 3.58 -11.74
C GLY A 51 -6.40 2.42 -11.73
N ASN A 52 -5.16 2.71 -11.37
CA ASN A 52 -4.13 1.67 -11.26
C ASN A 52 -4.32 0.89 -9.97
N ASP A 53 -4.85 -0.31 -10.09
CA ASP A 53 -5.11 -1.16 -8.93
C ASP A 53 -4.08 -2.28 -8.83
N ARG A 54 -3.42 -2.35 -7.69
CA ARG A 54 -2.42 -3.38 -7.46
C ARG A 54 -2.39 -3.76 -5.99
N VAL A 55 -2.09 -5.02 -5.71
CA VAL A 55 -1.95 -5.49 -4.34
C VAL A 55 -0.49 -5.80 -4.03
N GLY A 56 -0.03 -5.38 -2.86
CA GLY A 56 1.35 -5.58 -2.49
C GLY A 56 1.52 -5.89 -1.02
N TYR A 57 2.69 -6.36 -0.63
CA TYR A 57 2.97 -6.68 0.76
C TYR A 57 4.02 -5.72 1.33
N PHE A 58 3.88 -5.37 2.59
CA PHE A 58 4.80 -4.41 3.22
C PHE A 58 5.00 -4.77 4.69
N PRO A 59 6.20 -4.49 5.23
CA PRO A 59 6.53 -4.79 6.63
C PRO A 59 6.10 -3.67 7.58
N SER A 60 4.86 -3.21 7.44
CA SER A 60 4.29 -2.15 8.26
C SER A 60 5.01 -0.82 8.02
N SER A 61 4.44 0.26 8.58
CA SER A 61 5.04 1.60 8.49
C SER A 61 5.18 2.02 7.02
N LEU A 62 4.09 1.91 6.28
CA LEU A 62 4.10 2.21 4.86
C LEU A 62 3.85 3.70 4.62
N GLY A 63 2.78 4.21 5.20
CA GLY A 63 2.45 5.61 5.04
C GLY A 63 1.81 6.18 6.27
N GLU A 64 0.84 7.06 6.09
CA GLU A 64 0.09 7.64 7.20
C GLU A 64 -1.33 7.10 7.19
N ALA A 65 -1.79 6.61 8.33
CA ALA A 65 -3.12 6.02 8.42
C ALA A 65 -4.20 7.10 8.46
N ILE A 66 -4.75 7.41 7.30
CA ILE A 66 -5.81 8.39 7.20
C ILE A 66 -7.18 7.74 7.33
N VAL A 67 -7.20 6.43 7.06
CA VAL A 67 -8.42 5.62 7.13
C VAL A 67 -9.52 6.19 6.24
N GLY A 1 -6.29 -11.21 11.10
CA GLY A 1 -6.59 -9.76 10.94
C GLY A 1 -7.05 -9.14 12.24
N SER A 2 -6.91 -7.82 12.34
CA SER A 2 -7.36 -7.12 13.53
C SER A 2 -8.40 -6.06 13.18
N HIS A 3 -7.97 -4.89 12.71
CA HIS A 3 -8.92 -3.83 12.37
C HIS A 3 -8.72 -3.30 10.95
N MET A 4 -7.57 -3.60 10.35
CA MET A 4 -7.20 -3.11 9.01
C MET A 4 -6.97 -1.59 9.05
N LEU A 5 -6.49 -1.00 7.95
CA LEU A 5 -6.26 0.44 7.93
C LEU A 5 -6.05 0.97 6.51
N GLN A 6 -6.42 2.21 6.29
CA GLN A 6 -6.17 2.86 5.02
C GLN A 6 -5.12 3.95 5.20
N VAL A 7 -4.07 3.90 4.41
CA VAL A 7 -2.93 4.78 4.60
C VAL A 7 -2.70 5.66 3.37
N ARG A 8 -2.05 6.79 3.59
CA ARG A 8 -1.59 7.64 2.52
C ARG A 8 -0.07 7.69 2.56
N ALA A 9 0.56 7.40 1.43
CA ALA A 9 2.01 7.34 1.39
C ALA A 9 2.56 8.11 0.21
N THR A 10 3.63 8.85 0.46
CA THR A 10 4.36 9.50 -0.61
C THR A 10 5.73 8.87 -0.75
N LYS A 11 5.86 7.99 -1.73
CA LYS A 11 7.09 7.28 -1.99
C LYS A 11 7.02 6.65 -3.36
N ASP A 12 8.15 6.60 -4.04
CA ASP A 12 8.21 6.03 -5.39
C ASP A 12 8.37 4.53 -5.30
N TYR A 13 7.31 3.87 -4.88
CA TYR A 13 7.35 2.44 -4.62
C TYR A 13 6.93 1.66 -5.86
N CYS A 14 7.76 0.71 -6.27
CA CYS A 14 7.49 -0.16 -7.41
C CYS A 14 7.47 0.63 -8.72
N ASN A 15 6.28 1.06 -9.15
CA ASN A 15 6.10 1.74 -10.44
C ASN A 15 6.66 0.91 -11.58
N ASN A 16 6.50 -0.41 -11.49
CA ASN A 16 7.04 -1.31 -12.51
C ASN A 16 5.90 -1.86 -13.37
N TYR A 17 6.23 -2.37 -14.54
CA TYR A 17 5.22 -2.89 -15.46
C TYR A 17 4.58 -4.15 -14.89
N ASP A 18 5.39 -5.16 -14.61
CA ASP A 18 4.88 -6.40 -14.06
C ASP A 18 5.60 -6.76 -12.77
N LEU A 19 4.94 -6.50 -11.66
CA LEU A 19 5.52 -6.75 -10.35
C LEU A 19 4.42 -6.68 -9.30
N THR A 20 4.54 -7.46 -8.24
CA THR A 20 3.57 -7.39 -7.16
C THR A 20 4.17 -6.62 -5.99
N SER A 21 3.79 -5.36 -5.88
CA SER A 21 4.34 -4.45 -4.90
C SER A 21 3.44 -3.22 -4.80
N LEU A 22 3.61 -2.43 -3.76
CA LEU A 22 2.85 -1.21 -3.59
C LEU A 22 3.18 -0.23 -4.72
N ASN A 23 2.32 -0.16 -5.72
CA ASN A 23 2.56 0.71 -6.87
C ASN A 23 2.21 2.16 -6.52
N VAL A 24 3.09 2.80 -5.77
CA VAL A 24 2.86 4.16 -5.33
C VAL A 24 3.71 5.13 -6.15
N LYS A 25 3.06 6.07 -6.82
CA LYS A 25 3.76 7.07 -7.61
C LYS A 25 3.96 8.34 -6.80
N ALA A 26 4.26 8.15 -5.51
CA ALA A 26 4.47 9.25 -4.57
C ALA A 26 3.23 10.11 -4.41
N GLY A 27 2.28 9.65 -3.61
CA GLY A 27 1.11 10.45 -3.30
C GLY A 27 -0.17 9.82 -3.80
N ASP A 28 -0.55 8.70 -3.19
CA ASP A 28 -1.79 8.01 -3.55
C ASP A 28 -2.45 7.41 -2.32
N ILE A 29 -3.59 6.78 -2.51
CA ILE A 29 -4.35 6.22 -1.41
C ILE A 29 -4.17 4.70 -1.37
N ILE A 30 -3.81 4.18 -0.22
CA ILE A 30 -3.54 2.76 -0.08
C ILE A 30 -4.47 2.15 0.96
N THR A 31 -5.17 1.10 0.58
CA THR A 31 -6.05 0.41 1.49
C THR A 31 -5.40 -0.90 1.92
N VAL A 32 -4.93 -0.95 3.15
CA VAL A 32 -4.16 -2.09 3.61
C VAL A 32 -4.91 -2.85 4.70
N LEU A 33 -4.63 -4.13 4.81
CA LEU A 33 -5.21 -4.92 5.85
C LEU A 33 -4.17 -5.21 6.91
N GLU A 34 -4.64 -5.55 8.09
CA GLU A 34 -3.78 -5.84 9.20
C GLU A 34 -3.69 -7.34 9.34
N GLN A 35 -2.58 -7.88 8.88
CA GLN A 35 -2.47 -9.31 8.64
C GLN A 35 -1.84 -10.03 9.81
N HIS A 36 -0.53 -9.94 9.93
CA HIS A 36 0.20 -10.65 10.97
C HIS A 36 1.03 -9.69 11.80
N PRO A 37 0.92 -9.81 13.14
CA PRO A 37 1.69 -8.96 14.07
C PRO A 37 3.17 -9.32 14.07
N ASP A 38 3.54 -10.27 13.23
CA ASP A 38 4.93 -10.65 13.05
C ASP A 38 5.70 -9.52 12.37
N GLY A 39 4.96 -8.72 11.61
CA GLY A 39 5.56 -7.58 10.94
C GLY A 39 5.54 -7.71 9.43
N ARG A 40 4.42 -8.18 8.89
CA ARG A 40 4.26 -8.28 7.45
C ARG A 40 2.80 -8.23 7.05
N TRP A 41 2.46 -7.24 6.25
CA TRP A 41 1.09 -7.05 5.77
C TRP A 41 1.08 -6.93 4.26
N LYS A 42 -0.09 -7.02 3.67
CA LYS A 42 -0.26 -6.72 2.26
C LYS A 42 -1.25 -5.57 2.12
N GLY A 43 -1.12 -4.80 1.05
CA GLY A 43 -1.98 -3.65 0.88
C GLY A 43 -2.37 -3.43 -0.57
N CYS A 44 -3.51 -2.81 -0.76
CA CYS A 44 -4.01 -2.53 -2.10
C CYS A 44 -3.83 -1.04 -2.43
N ILE A 45 -3.44 -0.78 -3.66
CA ILE A 45 -3.15 0.58 -4.09
C ILE A 45 -4.30 1.14 -4.92
N HIS A 46 -4.67 2.38 -4.64
CA HIS A 46 -5.59 3.09 -5.50
C HIS A 46 -4.81 4.11 -6.32
N ASP A 47 -4.57 3.79 -7.57
CA ASP A 47 -3.77 4.64 -8.45
C ASP A 47 -4.66 5.68 -9.12
N ASN A 48 -4.15 6.90 -9.23
CA ASN A 48 -4.93 8.01 -9.77
C ASN A 48 -4.50 8.36 -11.18
N ARG A 49 -3.98 7.38 -11.92
CA ARG A 49 -3.60 7.60 -13.31
C ARG A 49 -4.22 6.54 -14.22
N THR A 50 -3.87 5.28 -14.01
CA THR A 50 -4.39 4.20 -14.83
C THR A 50 -4.06 2.82 -14.25
N GLY A 51 -3.42 2.79 -13.09
CA GLY A 51 -3.06 1.53 -12.47
C GLY A 51 -4.27 0.88 -11.82
N ASN A 52 -5.23 1.72 -11.44
CA ASN A 52 -6.48 1.29 -10.81
C ASN A 52 -6.24 0.63 -9.46
N ASP A 53 -5.85 -0.63 -9.48
CA ASP A 53 -5.65 -1.40 -8.26
C ASP A 53 -4.47 -2.35 -8.41
N ARG A 54 -3.58 -2.33 -7.42
CA ARG A 54 -2.47 -3.27 -7.36
C ARG A 54 -2.18 -3.62 -5.91
N VAL A 55 -1.79 -4.87 -5.68
CA VAL A 55 -1.52 -5.33 -4.32
C VAL A 55 -0.02 -5.44 -4.08
N GLY A 56 0.41 -5.08 -2.89
CA GLY A 56 1.82 -5.16 -2.55
C GLY A 56 2.03 -5.66 -1.14
N TYR A 57 3.26 -6.05 -0.82
CA TYR A 57 3.59 -6.56 0.49
C TYR A 57 4.53 -5.61 1.22
N PHE A 58 4.28 -5.39 2.50
CA PHE A 58 5.10 -4.45 3.26
C PHE A 58 5.14 -4.83 4.74
N PRO A 59 6.32 -4.70 5.37
CA PRO A 59 6.48 -4.94 6.80
C PRO A 59 6.00 -3.75 7.64
N SER A 60 4.73 -3.40 7.46
CA SER A 60 4.08 -2.27 8.15
C SER A 60 4.80 -0.94 7.89
N SER A 61 4.27 0.14 8.48
CA SER A 61 4.86 1.47 8.34
C SER A 61 4.94 1.91 6.88
N LEU A 62 3.80 1.87 6.21
CA LEU A 62 3.74 2.20 4.79
C LEU A 62 3.33 3.66 4.61
N GLY A 63 2.30 4.09 5.33
CA GLY A 63 1.82 5.44 5.20
C GLY A 63 1.05 5.90 6.41
N GLU A 64 0.44 7.06 6.31
CA GLU A 64 -0.36 7.61 7.40
C GLU A 64 -1.73 6.96 7.40
N ALA A 65 -2.06 6.27 8.48
CA ALA A 65 -3.33 5.57 8.59
C ALA A 65 -4.47 6.54 8.84
N ILE A 66 -5.12 6.93 7.77
CA ILE A 66 -6.27 7.82 7.85
C ILE A 66 -7.53 7.02 8.15
N VAL A 67 -7.55 5.77 7.70
CA VAL A 67 -8.68 4.88 7.85
C VAL A 67 -9.92 5.44 7.15
N GLY A 1 -5.55 -10.06 14.06
CA GLY A 1 -5.49 -9.51 12.69
C GLY A 1 -6.84 -9.05 12.18
N SER A 2 -7.18 -7.79 12.44
CA SER A 2 -8.47 -7.26 12.04
C SER A 2 -8.51 -5.73 12.05
N HIS A 3 -7.34 -5.08 12.07
CA HIS A 3 -7.31 -3.60 12.06
C HIS A 3 -7.92 -3.05 10.77
N MET A 4 -7.22 -3.27 9.65
CA MET A 4 -7.69 -2.81 8.33
C MET A 4 -7.72 -1.28 8.27
N LEU A 5 -6.76 -0.70 7.58
CA LEU A 5 -6.56 0.74 7.61
C LEU A 5 -6.17 1.27 6.24
N GLN A 6 -6.56 2.51 5.96
CA GLN A 6 -6.18 3.16 4.73
C GLN A 6 -5.09 4.17 5.01
N VAL A 7 -3.96 4.02 4.34
CA VAL A 7 -2.79 4.84 4.60
C VAL A 7 -2.46 5.72 3.41
N ARG A 8 -1.76 6.81 3.68
CA ARG A 8 -1.27 7.68 2.63
C ARG A 8 0.25 7.70 2.70
N ALA A 9 0.89 7.01 1.77
CA ALA A 9 2.34 6.90 1.77
C ALA A 9 2.96 7.72 0.67
N THR A 10 3.98 8.48 1.01
CA THR A 10 4.68 9.28 0.02
C THR A 10 6.02 8.63 -0.32
N LYS A 11 6.03 7.94 -1.45
CA LYS A 11 7.23 7.27 -1.93
C LYS A 11 7.01 6.80 -3.37
N ASP A 12 8.03 6.90 -4.20
CA ASP A 12 7.96 6.35 -5.56
C ASP A 12 8.17 4.84 -5.51
N TYR A 13 7.19 4.14 -4.96
CA TYR A 13 7.32 2.72 -4.69
C TYR A 13 6.83 1.90 -5.88
N CYS A 14 7.46 0.74 -6.08
CA CYS A 14 7.14 -0.17 -7.18
C CYS A 14 7.55 0.44 -8.52
N ASN A 15 8.75 0.09 -8.98
CA ASN A 15 9.25 0.57 -10.25
C ASN A 15 9.57 -0.60 -11.18
N ASN A 16 8.90 -1.71 -10.94
CA ASN A 16 9.07 -2.90 -11.77
C ASN A 16 7.78 -3.20 -12.51
N TYR A 17 7.89 -3.80 -13.68
CA TYR A 17 6.73 -4.06 -14.52
C TYR A 17 5.74 -4.97 -13.82
N ASP A 18 6.06 -6.25 -13.76
CA ASP A 18 5.18 -7.23 -13.14
C ASP A 18 5.77 -7.73 -11.83
N LEU A 19 5.16 -7.31 -10.75
CA LEU A 19 5.62 -7.67 -9.41
C LEU A 19 4.52 -7.33 -8.41
N THR A 20 4.60 -7.89 -7.22
CA THR A 20 3.64 -7.60 -6.19
C THR A 20 4.24 -6.61 -5.22
N SER A 21 3.83 -5.35 -5.37
CA SER A 21 4.38 -4.24 -4.61
C SER A 21 3.41 -3.07 -4.66
N LEU A 22 3.50 -2.19 -3.67
CA LEU A 22 2.63 -1.02 -3.59
C LEU A 22 2.94 -0.06 -4.72
N ASN A 23 2.05 0.00 -5.71
CA ASN A 23 2.20 0.92 -6.83
C ASN A 23 1.87 2.34 -6.38
N VAL A 24 2.80 2.94 -5.64
CA VAL A 24 2.59 4.27 -5.10
C VAL A 24 3.28 5.30 -5.99
N LYS A 25 2.49 6.19 -6.59
CA LYS A 25 3.06 7.20 -7.46
C LYS A 25 3.47 8.43 -6.66
N ALA A 26 4.38 8.20 -5.71
CA ALA A 26 4.94 9.24 -4.86
C ALA A 26 3.86 10.00 -4.10
N GLY A 27 3.15 9.29 -3.25
CA GLY A 27 2.15 9.92 -2.43
C GLY A 27 0.75 9.68 -2.95
N ASP A 28 0.11 8.63 -2.45
CA ASP A 28 -1.23 8.31 -2.87
C ASP A 28 -1.97 7.50 -1.81
N ILE A 29 -3.08 6.89 -2.20
CA ILE A 29 -3.96 6.21 -1.26
C ILE A 29 -3.79 4.70 -1.33
N ILE A 30 -3.41 4.12 -0.19
CA ILE A 30 -3.23 2.70 -0.08
C ILE A 30 -4.21 2.14 0.94
N THR A 31 -4.96 1.13 0.55
CA THR A 31 -5.89 0.50 1.47
C THR A 31 -5.31 -0.83 1.93
N VAL A 32 -4.82 -0.86 3.17
CA VAL A 32 -4.07 -2.00 3.66
C VAL A 32 -4.87 -2.78 4.70
N LEU A 33 -4.62 -4.07 4.78
CA LEU A 33 -5.28 -4.90 5.77
C LEU A 33 -4.27 -5.45 6.76
N GLU A 34 -4.73 -5.65 7.98
CA GLU A 34 -3.88 -6.15 9.04
C GLU A 34 -4.31 -7.59 9.34
N GLN A 35 -3.36 -8.51 9.24
CA GLN A 35 -3.66 -9.92 9.35
C GLN A 35 -2.43 -10.72 9.74
N HIS A 36 -1.32 -10.44 9.07
CA HIS A 36 -0.09 -11.19 9.28
C HIS A 36 0.63 -10.71 10.53
N PRO A 37 0.77 -11.58 11.55
CA PRO A 37 1.58 -11.29 12.73
C PRO A 37 3.06 -11.36 12.40
N ASP A 38 3.34 -11.72 11.15
CA ASP A 38 4.70 -11.83 10.63
C ASP A 38 5.43 -10.50 10.77
N GLY A 39 4.73 -9.41 10.49
CA GLY A 39 5.33 -8.10 10.55
C GLY A 39 5.16 -7.36 9.25
N ARG A 40 4.88 -8.10 8.20
CA ARG A 40 4.64 -7.51 6.89
C ARG A 40 3.21 -7.82 6.44
N TRP A 41 2.56 -6.80 5.91
CA TRP A 41 1.18 -6.94 5.46
C TRP A 41 1.10 -6.67 3.97
N LYS A 42 -0.02 -7.02 3.36
CA LYS A 42 -0.23 -6.70 1.97
C LYS A 42 -1.32 -5.64 1.86
N GLY A 43 -1.13 -4.68 0.98
CA GLY A 43 -2.07 -3.60 0.84
C GLY A 43 -2.41 -3.34 -0.61
N CYS A 44 -3.57 -2.77 -0.83
CA CYS A 44 -4.04 -2.51 -2.17
C CYS A 44 -3.89 -1.03 -2.50
N ILE A 45 -3.67 -0.73 -3.76
CA ILE A 45 -3.48 0.65 -4.18
C ILE A 45 -4.74 1.18 -4.84
N HIS A 46 -5.10 2.40 -4.51
CA HIS A 46 -6.22 3.06 -5.16
C HIS A 46 -5.68 4.08 -6.14
N ASP A 47 -5.72 3.75 -7.41
CA ASP A 47 -5.16 4.63 -8.43
C ASP A 47 -6.19 5.66 -8.90
N ASN A 48 -5.73 6.88 -9.06
CA ASN A 48 -6.58 7.97 -9.52
C ASN A 48 -6.08 8.51 -10.85
N ARG A 49 -5.09 7.83 -11.41
CA ARG A 49 -4.53 8.23 -12.69
C ARG A 49 -5.36 7.70 -13.84
N THR A 50 -5.69 6.40 -13.78
CA THR A 50 -6.49 5.77 -14.83
C THR A 50 -7.23 4.55 -14.28
N GLY A 51 -6.65 3.93 -13.27
CA GLY A 51 -7.21 2.72 -12.71
C GLY A 51 -6.17 1.62 -12.64
N ASN A 52 -4.92 2.02 -12.50
CA ASN A 52 -3.80 1.09 -12.47
C ASN A 52 -3.50 0.66 -11.04
N ASP A 53 -4.32 -0.25 -10.55
CA ASP A 53 -4.21 -0.70 -9.17
C ASP A 53 -3.57 -2.07 -9.07
N ARG A 54 -2.87 -2.31 -7.97
CA ARG A 54 -2.28 -3.62 -7.69
C ARG A 54 -2.02 -3.73 -6.20
N VAL A 55 -1.76 -4.96 -5.74
CA VAL A 55 -1.52 -5.20 -4.33
C VAL A 55 -0.02 -5.42 -4.09
N GLY A 56 0.44 -5.05 -2.90
CA GLY A 56 1.85 -5.21 -2.59
C GLY A 56 2.09 -5.50 -1.13
N TYR A 57 3.30 -5.96 -0.82
CA TYR A 57 3.65 -6.27 0.57
C TYR A 57 4.54 -5.20 1.15
N PHE A 58 4.28 -4.83 2.39
CA PHE A 58 5.06 -3.82 3.08
C PHE A 58 5.30 -4.25 4.52
N PRO A 59 6.48 -3.95 5.08
CA PRO A 59 6.86 -4.35 6.44
C PRO A 59 6.15 -3.54 7.53
N SER A 60 4.84 -3.33 7.33
CA SER A 60 3.96 -2.57 8.25
C SER A 60 4.44 -1.12 8.45
N SER A 61 3.50 -0.23 8.76
CA SER A 61 3.81 1.16 9.03
C SER A 61 4.42 1.82 7.80
N LEU A 62 3.72 1.73 6.68
CA LEU A 62 4.19 2.30 5.43
C LEU A 62 3.76 3.77 5.34
N GLY A 63 2.46 3.99 5.24
CA GLY A 63 1.93 5.32 5.13
C GLY A 63 1.18 5.73 6.38
N GLU A 64 0.91 7.02 6.50
CA GLU A 64 0.16 7.53 7.63
C GLU A 64 -1.31 7.18 7.48
N ALA A 65 -1.84 6.47 8.45
CA ALA A 65 -3.19 5.92 8.36
C ALA A 65 -4.25 6.94 8.68
N ILE A 66 -5.25 7.01 7.82
CA ILE A 66 -6.43 7.82 8.08
C ILE A 66 -7.57 6.93 8.55
N VAL A 67 -7.44 5.63 8.24
CA VAL A 67 -8.42 4.61 8.62
C VAL A 67 -9.76 4.88 7.95
N GLY A 1 -7.17 -6.82 14.36
CA GLY A 1 -7.80 -7.79 13.44
C GLY A 1 -7.87 -7.26 12.03
N SER A 2 -8.94 -7.59 11.31
CA SER A 2 -9.11 -7.13 9.95
C SER A 2 -9.57 -5.67 9.93
N HIS A 3 -8.61 -4.77 10.16
CA HIS A 3 -8.89 -3.34 10.21
C HIS A 3 -9.30 -2.79 8.86
N MET A 4 -8.59 -3.19 7.80
CA MET A 4 -8.85 -2.65 6.45
C MET A 4 -8.74 -1.14 6.46
N LEU A 5 -7.52 -0.64 6.55
CA LEU A 5 -7.29 0.78 6.77
C LEU A 5 -6.68 1.43 5.54
N GLN A 6 -6.91 2.73 5.40
CA GLN A 6 -6.42 3.49 4.27
C GLN A 6 -5.24 4.34 4.69
N VAL A 7 -4.09 4.09 4.08
CA VAL A 7 -2.87 4.80 4.42
C VAL A 7 -2.42 5.69 3.26
N ARG A 8 -1.79 6.79 3.62
CA ARG A 8 -1.24 7.72 2.67
C ARG A 8 0.29 7.69 2.77
N ALA A 9 0.94 7.20 1.72
CA ALA A 9 2.39 7.09 1.74
C ALA A 9 2.99 7.92 0.62
N THR A 10 3.95 8.77 0.96
CA THR A 10 4.61 9.58 -0.03
C THR A 10 6.01 9.04 -0.33
N LYS A 11 6.09 8.28 -1.42
CA LYS A 11 7.36 7.80 -1.94
C LYS A 11 7.08 7.19 -3.31
N ASP A 12 8.03 7.26 -4.22
CA ASP A 12 7.88 6.58 -5.49
C ASP A 12 8.15 5.10 -5.30
N TYR A 13 7.08 4.32 -5.35
CA TYR A 13 7.17 2.87 -5.25
C TYR A 13 6.94 2.25 -6.61
N CYS A 14 8.02 1.77 -7.23
CA CYS A 14 7.95 1.13 -8.53
C CYS A 14 7.55 2.15 -9.60
N ASN A 15 8.49 3.02 -9.95
CA ASN A 15 8.24 4.06 -10.93
C ASN A 15 8.17 3.47 -12.33
N ASN A 16 9.31 2.98 -12.82
CA ASN A 16 9.37 2.34 -14.13
C ASN A 16 10.07 1.00 -14.04
N TYR A 17 11.31 1.02 -13.57
CA TYR A 17 12.10 -0.19 -13.41
C TYR A 17 12.79 -0.18 -12.05
N ASP A 18 12.04 -0.54 -11.02
CA ASP A 18 12.56 -0.55 -9.66
C ASP A 18 12.20 -1.84 -8.96
N LEU A 19 12.97 -2.20 -7.94
CA LEU A 19 12.70 -3.42 -7.19
C LEU A 19 12.07 -3.07 -5.85
N THR A 20 10.76 -3.24 -5.79
CA THR A 20 10.00 -2.88 -4.61
C THR A 20 8.60 -3.46 -4.71
N SER A 21 7.89 -3.46 -3.61
CA SER A 21 6.49 -3.84 -3.62
C SER A 21 5.64 -2.57 -3.54
N LEU A 22 4.36 -2.69 -3.88
CA LEU A 22 3.42 -1.56 -3.94
C LEU A 22 3.72 -0.68 -5.17
N ASN A 23 2.67 -0.07 -5.71
CA ASN A 23 2.82 0.80 -6.88
C ASN A 23 2.31 2.20 -6.55
N VAL A 24 3.06 2.89 -5.72
CA VAL A 24 2.66 4.22 -5.25
C VAL A 24 3.36 5.30 -6.06
N LYS A 25 2.58 6.20 -6.66
CA LYS A 25 3.15 7.25 -7.48
C LYS A 25 3.51 8.48 -6.64
N ALA A 26 4.31 8.25 -5.60
CA ALA A 26 4.80 9.29 -4.71
C ALA A 26 3.67 10.14 -4.15
N GLY A 27 2.99 9.61 -3.15
CA GLY A 27 1.92 10.35 -2.51
C GLY A 27 0.57 9.92 -3.01
N ASP A 28 0.20 8.69 -2.72
CA ASP A 28 -1.09 8.17 -3.16
C ASP A 28 -1.73 7.35 -2.07
N ILE A 29 -2.86 6.73 -2.39
CA ILE A 29 -3.69 6.06 -1.41
C ILE A 29 -3.54 4.55 -1.47
N ILE A 30 -3.17 3.98 -0.34
CA ILE A 30 -3.01 2.54 -0.21
C ILE A 30 -4.05 1.99 0.76
N THR A 31 -4.74 0.95 0.36
CA THR A 31 -5.71 0.31 1.23
C THR A 31 -5.11 -0.98 1.79
N VAL A 32 -4.71 -0.94 3.04
CA VAL A 32 -3.95 -2.03 3.63
C VAL A 32 -4.79 -2.80 4.63
N LEU A 33 -4.46 -4.07 4.81
CA LEU A 33 -5.17 -4.90 5.75
C LEU A 33 -4.24 -5.55 6.76
N GLU A 34 -4.78 -5.83 7.93
CA GLU A 34 -4.04 -6.49 8.99
C GLU A 34 -4.50 -7.94 9.09
N GLN A 35 -3.62 -8.86 8.71
CA GLN A 35 -3.96 -10.27 8.73
C GLN A 35 -2.83 -11.10 9.32
N HIS A 36 -1.63 -10.91 8.78
CA HIS A 36 -0.47 -11.64 9.25
C HIS A 36 0.30 -10.83 10.27
N PRO A 37 0.24 -11.22 11.56
CA PRO A 37 0.98 -10.56 12.63
C PRO A 37 2.48 -10.82 12.52
N ASP A 38 2.85 -11.62 11.53
CA ASP A 38 4.25 -11.98 11.28
C ASP A 38 5.12 -10.72 11.10
N GLY A 39 4.57 -9.73 10.43
CA GLY A 39 5.31 -8.50 10.23
C GLY A 39 5.02 -7.85 8.89
N ARG A 40 4.67 -8.67 7.91
CA ARG A 40 4.40 -8.15 6.58
C ARG A 40 2.91 -8.16 6.31
N TRP A 41 2.40 -6.99 5.95
CA TRP A 41 0.99 -6.84 5.62
C TRP A 41 0.85 -6.66 4.12
N LYS A 42 -0.37 -6.81 3.63
CA LYS A 42 -0.64 -6.59 2.22
C LYS A 42 -1.40 -5.30 2.04
N GLY A 43 -1.07 -4.57 1.00
CA GLY A 43 -1.72 -3.32 0.73
C GLY A 43 -2.12 -3.21 -0.72
N CYS A 44 -3.29 -2.66 -0.95
CA CYS A 44 -3.78 -2.47 -2.29
C CYS A 44 -3.64 -1.01 -2.69
N ILE A 45 -3.53 -0.73 -3.96
CA ILE A 45 -3.33 0.63 -4.41
C ILE A 45 -4.66 1.16 -4.96
N HIS A 46 -4.95 2.42 -4.66
CA HIS A 46 -6.17 3.04 -5.11
C HIS A 46 -5.86 3.93 -6.31
N ASP A 47 -6.45 3.56 -7.45
CA ASP A 47 -6.18 4.28 -8.69
C ASP A 47 -6.70 5.71 -8.63
N ASN A 48 -5.87 6.60 -8.14
CA ASN A 48 -6.16 8.03 -8.19
C ASN A 48 -5.70 8.57 -9.52
N ARG A 49 -6.53 8.32 -10.55
CA ARG A 49 -6.27 8.77 -11.92
C ARG A 49 -5.18 7.92 -12.58
N THR A 50 -4.03 7.82 -11.95
CA THR A 50 -2.91 7.07 -12.49
C THR A 50 -2.24 6.20 -11.44
N GLY A 51 -3.04 5.41 -10.72
CA GLY A 51 -2.51 4.62 -9.63
C GLY A 51 -2.60 3.12 -9.90
N ASN A 52 -3.60 2.71 -10.68
CA ASN A 52 -3.86 1.30 -10.97
C ASN A 52 -4.34 0.56 -9.74
N ASP A 53 -4.80 -0.67 -9.93
CA ASP A 53 -5.24 -1.50 -8.82
C ASP A 53 -4.28 -2.66 -8.66
N ARG A 54 -3.42 -2.55 -7.66
CA ARG A 54 -2.39 -3.56 -7.43
C ARG A 54 -2.26 -3.87 -5.94
N VAL A 55 -1.74 -5.04 -5.63
CA VAL A 55 -1.51 -5.42 -4.25
C VAL A 55 -0.01 -5.61 -4.01
N GLY A 56 0.45 -5.18 -2.85
CA GLY A 56 1.85 -5.31 -2.52
C GLY A 56 2.03 -5.75 -1.08
N TYR A 57 3.24 -6.17 -0.75
CA TYR A 57 3.56 -6.66 0.59
C TYR A 57 4.51 -5.67 1.27
N PHE A 58 4.11 -5.16 2.41
CA PHE A 58 4.90 -4.14 3.08
C PHE A 58 5.03 -4.47 4.57
N PRO A 59 6.17 -4.11 5.18
CA PRO A 59 6.34 -4.23 6.62
C PRO A 59 5.38 -3.31 7.37
N SER A 60 4.76 -3.86 8.41
CA SER A 60 3.74 -3.15 9.18
C SER A 60 4.20 -1.75 9.61
N SER A 61 3.25 -0.81 9.67
CA SER A 61 3.52 0.57 10.05
C SER A 61 4.36 1.28 8.97
N LEU A 62 3.69 1.75 7.93
CA LEU A 62 4.37 2.42 6.83
C LEU A 62 3.74 3.78 6.53
N GLY A 63 2.59 3.77 5.87
CA GLY A 63 1.95 5.00 5.47
C GLY A 63 1.08 5.59 6.56
N GLU A 64 0.64 6.82 6.34
CA GLU A 64 -0.21 7.50 7.32
C GLU A 64 -1.62 6.96 7.26
N ALA A 65 -2.03 6.28 8.32
CA ALA A 65 -3.33 5.62 8.35
C ALA A 65 -4.44 6.61 8.67
N ILE A 66 -4.85 7.36 7.65
CA ILE A 66 -5.93 8.32 7.80
C ILE A 66 -7.28 7.61 7.88
N VAL A 67 -7.34 6.41 7.30
CA VAL A 67 -8.54 5.58 7.32
C VAL A 67 -9.69 6.25 6.56
N GLY A 1 -3.99 -8.47 14.18
CA GLY A 1 -5.43 -8.77 14.16
C GLY A 1 -6.02 -8.64 12.77
N SER A 2 -6.98 -7.73 12.60
CA SER A 2 -7.61 -7.49 11.32
C SER A 2 -8.22 -6.09 11.29
N HIS A 3 -7.39 -5.07 11.46
CA HIS A 3 -7.85 -3.68 11.48
C HIS A 3 -8.34 -3.24 10.10
N MET A 4 -7.46 -3.31 9.10
CA MET A 4 -7.76 -2.84 7.75
C MET A 4 -7.92 -1.32 7.74
N LEU A 5 -6.93 -0.64 7.18
CA LEU A 5 -6.88 0.82 7.28
C LEU A 5 -6.40 1.44 5.97
N GLN A 6 -6.64 2.73 5.83
CA GLN A 6 -6.21 3.49 4.67
C GLN A 6 -5.00 4.33 5.03
N VAL A 7 -3.94 4.19 4.26
CA VAL A 7 -2.73 4.96 4.47
C VAL A 7 -2.40 5.79 3.25
N ARG A 8 -1.83 6.96 3.49
CA ARG A 8 -1.36 7.82 2.42
C ARG A 8 0.16 7.88 2.46
N ALA A 9 0.80 7.24 1.51
CA ALA A 9 2.25 7.21 1.49
C ALA A 9 2.81 8.09 0.39
N THR A 10 3.83 8.86 0.70
CA THR A 10 4.48 9.64 -0.33
C THR A 10 5.81 9.00 -0.67
N LYS A 11 5.80 8.25 -1.77
CA LYS A 11 6.99 7.59 -2.27
C LYS A 11 6.70 7.08 -3.67
N ASP A 12 7.72 7.00 -4.50
CA ASP A 12 7.57 6.39 -5.82
C ASP A 12 8.04 4.94 -5.73
N TYR A 13 7.11 4.06 -5.35
CA TYR A 13 7.44 2.69 -5.03
C TYR A 13 7.06 1.75 -6.18
N CYS A 14 7.63 0.55 -6.17
CA CYS A 14 7.38 -0.46 -7.20
C CYS A 14 7.98 -0.03 -8.55
N ASN A 15 7.14 0.25 -9.54
CA ASN A 15 7.59 0.63 -10.89
C ASN A 15 8.55 -0.40 -11.45
N ASN A 16 8.13 -1.66 -11.46
CA ASN A 16 8.97 -2.75 -11.93
C ASN A 16 8.23 -3.61 -12.95
N TYR A 17 9.00 -4.37 -13.73
CA TYR A 17 8.43 -5.20 -14.80
C TYR A 17 7.35 -6.13 -14.26
N ASP A 18 7.74 -7.01 -13.34
CA ASP A 18 6.78 -7.91 -12.71
C ASP A 18 7.23 -8.27 -11.30
N LEU A 19 6.50 -7.74 -10.33
CA LEU A 19 6.73 -8.04 -8.92
C LEU A 19 5.53 -7.57 -8.12
N THR A 20 5.40 -8.03 -6.89
CA THR A 20 4.29 -7.62 -6.06
C THR A 20 4.74 -6.57 -5.07
N SER A 21 4.39 -5.32 -5.35
CA SER A 21 4.81 -4.19 -4.54
C SER A 21 3.78 -3.08 -4.62
N LEU A 22 3.75 -2.23 -3.59
CA LEU A 22 2.84 -1.11 -3.56
C LEU A 22 3.19 -0.11 -4.65
N ASN A 23 2.30 0.03 -5.63
CA ASN A 23 2.52 0.98 -6.72
C ASN A 23 2.17 2.39 -6.28
N VAL A 24 2.96 2.91 -5.36
CA VAL A 24 2.72 4.22 -4.80
C VAL A 24 3.33 5.29 -5.71
N LYS A 25 2.58 6.35 -5.97
CA LYS A 25 3.07 7.44 -6.79
C LYS A 25 3.06 8.76 -6.04
N ALA A 26 3.70 8.75 -4.88
CA ALA A 26 3.90 9.94 -4.04
C ALA A 26 2.57 10.65 -3.70
N GLY A 27 1.97 10.25 -2.58
CA GLY A 27 0.75 10.89 -2.13
C GLY A 27 -0.48 10.20 -2.65
N ASP A 28 -0.35 8.91 -2.91
CA ASP A 28 -1.44 8.12 -3.44
C ASP A 28 -2.15 7.39 -2.30
N ILE A 29 -3.24 6.73 -2.61
CA ILE A 29 -4.08 6.13 -1.59
C ILE A 29 -3.88 4.63 -1.52
N ILE A 30 -3.48 4.15 -0.35
CA ILE A 30 -3.25 2.74 -0.15
C ILE A 30 -4.22 2.19 0.89
N THR A 31 -4.92 1.13 0.54
CA THR A 31 -5.81 0.47 1.48
C THR A 31 -5.16 -0.82 1.95
N VAL A 32 -4.65 -0.80 3.18
CA VAL A 32 -3.85 -1.91 3.67
C VAL A 32 -4.66 -2.76 4.66
N LEU A 33 -4.39 -4.05 4.65
CA LEU A 33 -5.11 -4.95 5.52
C LEU A 33 -4.17 -5.68 6.47
N GLU A 34 -4.64 -5.92 7.66
CA GLU A 34 -3.85 -6.60 8.68
C GLU A 34 -4.38 -8.01 8.86
N GLN A 35 -3.54 -9.00 8.59
CA GLN A 35 -3.96 -10.39 8.70
C GLN A 35 -2.85 -11.24 9.29
N HIS A 36 -1.64 -11.06 8.79
CA HIS A 36 -0.50 -11.86 9.22
C HIS A 36 0.19 -11.21 10.42
N PRO A 37 0.22 -11.89 11.57
CA PRO A 37 0.95 -11.43 12.75
C PRO A 37 2.46 -11.64 12.59
N ASP A 38 2.84 -12.17 11.43
CA ASP A 38 4.24 -12.38 11.08
C ASP A 38 4.98 -11.05 10.98
N GLY A 39 4.28 -10.02 10.54
CA GLY A 39 4.87 -8.71 10.45
C GLY A 39 4.70 -8.11 9.06
N ARG A 40 4.43 -8.95 8.08
CA ARG A 40 4.24 -8.49 6.73
C ARG A 40 2.77 -8.49 6.35
N TRP A 41 2.31 -7.36 5.86
CA TRP A 41 0.91 -7.20 5.48
C TRP A 41 0.82 -6.93 4.00
N LYS A 42 -0.38 -7.05 3.46
CA LYS A 42 -0.62 -6.72 2.07
C LYS A 42 -1.42 -5.43 2.00
N GLY A 43 -1.28 -4.72 0.91
CA GLY A 43 -2.01 -3.49 0.73
C GLY A 43 -2.43 -3.32 -0.71
N CYS A 44 -3.56 -2.69 -0.90
CA CYS A 44 -4.07 -2.41 -2.22
C CYS A 44 -3.86 -0.95 -2.55
N ILE A 45 -3.59 -0.68 -3.81
CA ILE A 45 -3.37 0.68 -4.27
C ILE A 45 -4.61 1.17 -4.99
N HIS A 46 -5.09 2.32 -4.59
CA HIS A 46 -6.24 2.92 -5.25
C HIS A 46 -5.72 4.01 -6.16
N ASP A 47 -5.71 3.69 -7.44
CA ASP A 47 -5.09 4.54 -8.45
C ASP A 47 -5.96 5.75 -8.76
N ASN A 48 -5.59 6.88 -8.18
CA ASN A 48 -6.26 8.14 -8.44
C ASN A 48 -5.76 8.75 -9.75
N ARG A 49 -6.13 8.12 -10.85
CA ARG A 49 -5.70 8.55 -12.18
C ARG A 49 -6.47 7.79 -13.25
N THR A 50 -6.31 6.47 -13.24
CA THR A 50 -7.01 5.61 -14.17
C THR A 50 -8.15 4.88 -13.45
N GLY A 51 -7.88 4.51 -12.20
CA GLY A 51 -8.88 3.84 -11.39
C GLY A 51 -8.64 2.34 -11.29
N ASN A 52 -7.38 1.95 -11.36
CA ASN A 52 -7.02 0.54 -11.30
C ASN A 52 -6.58 0.15 -9.89
N ASP A 53 -6.73 -1.12 -9.55
CA ASP A 53 -6.33 -1.62 -8.24
C ASP A 53 -5.06 -2.45 -8.36
N ARG A 54 -4.02 -2.03 -7.66
CA ARG A 54 -2.78 -2.79 -7.63
C ARG A 54 -2.57 -3.36 -6.23
N VAL A 55 -1.78 -4.42 -6.11
CA VAL A 55 -1.57 -5.06 -4.82
C VAL A 55 -0.08 -5.18 -4.50
N GLY A 56 0.27 -4.98 -3.24
CA GLY A 56 1.64 -5.11 -2.81
C GLY A 56 1.75 -5.56 -1.37
N TYR A 57 2.94 -5.98 -0.95
CA TYR A 57 3.14 -6.37 0.44
C TYR A 57 4.19 -5.48 1.08
N PHE A 58 4.10 -5.31 2.39
CA PHE A 58 5.02 -4.45 3.13
C PHE A 58 5.16 -4.94 4.57
N PRO A 59 6.35 -4.76 5.18
CA PRO A 59 6.61 -5.21 6.54
C PRO A 59 5.98 -4.31 7.61
N SER A 60 4.65 -4.19 7.56
CA SER A 60 3.83 -3.43 8.53
C SER A 60 4.19 -1.93 8.60
N SER A 61 3.16 -1.09 8.50
CA SER A 61 3.31 0.37 8.51
C SER A 61 3.97 0.84 7.21
N LEU A 62 3.38 1.84 6.58
CA LEU A 62 3.87 2.32 5.30
C LEU A 62 3.63 3.81 5.14
N GLY A 63 2.35 4.19 5.12
CA GLY A 63 2.00 5.57 4.91
C GLY A 63 1.25 6.16 6.07
N GLU A 64 0.72 7.36 5.88
CA GLU A 64 -0.05 8.05 6.90
C GLU A 64 -1.39 7.35 7.11
N ALA A 65 -1.52 6.69 8.24
CA ALA A 65 -2.75 5.99 8.58
C ALA A 65 -3.86 6.98 8.93
N ILE A 66 -4.69 7.28 7.94
CA ILE A 66 -5.75 8.24 8.11
C ILE A 66 -7.06 7.55 8.49
N VAL A 67 -7.03 6.22 8.49
CA VAL A 67 -8.17 5.40 8.90
C VAL A 67 -9.38 5.65 7.99
N GLY A 1 -6.81 3.63 12.77
CA GLY A 1 -6.29 2.81 11.64
C GLY A 1 -5.91 1.41 12.06
N SER A 2 -6.88 0.51 11.98
CA SER A 2 -6.65 -0.87 12.37
C SER A 2 -7.63 -1.79 11.62
N HIS A 3 -7.12 -2.95 11.19
CA HIS A 3 -7.91 -3.93 10.45
C HIS A 3 -8.60 -3.32 9.23
N MET A 4 -7.87 -3.33 8.11
CA MET A 4 -8.35 -2.73 6.86
C MET A 4 -8.46 -1.22 7.00
N LEU A 5 -7.39 -0.53 6.66
CA LEU A 5 -7.28 0.90 6.85
C LEU A 5 -6.73 1.57 5.59
N GLN A 6 -7.00 2.85 5.47
CA GLN A 6 -6.54 3.62 4.32
C GLN A 6 -5.37 4.48 4.73
N VAL A 7 -4.24 4.27 4.07
CA VAL A 7 -3.02 4.97 4.39
C VAL A 7 -2.50 5.73 3.18
N ARG A 8 -1.76 6.79 3.43
CA ARG A 8 -1.09 7.53 2.37
C ARG A 8 0.40 7.55 2.62
N ALA A 9 1.17 7.04 1.67
CA ALA A 9 2.61 6.94 1.82
C ALA A 9 3.32 7.86 0.85
N THR A 10 4.41 8.46 1.30
CA THR A 10 5.21 9.29 0.42
C THR A 10 6.47 8.54 0.00
N LYS A 11 6.41 7.99 -1.21
CA LYS A 11 7.49 7.22 -1.77
C LYS A 11 7.24 7.02 -3.26
N ASP A 12 8.29 6.97 -4.05
CA ASP A 12 8.16 6.63 -5.46
C ASP A 12 8.27 5.13 -5.62
N TYR A 13 7.27 4.42 -5.10
CA TYR A 13 7.28 2.98 -5.08
C TYR A 13 6.79 2.44 -6.42
N CYS A 14 7.66 2.51 -7.42
CA CYS A 14 7.31 2.06 -8.76
C CYS A 14 8.47 1.28 -9.36
N ASN A 15 9.37 0.81 -8.50
CA ASN A 15 10.54 0.06 -8.96
C ASN A 15 10.22 -1.42 -9.04
N ASN A 16 9.44 -1.78 -10.05
CA ASN A 16 9.05 -3.18 -10.26
C ASN A 16 8.60 -3.38 -11.69
N TYR A 17 9.18 -4.39 -12.33
CA TYR A 17 8.85 -4.71 -13.71
C TYR A 17 7.65 -5.62 -13.75
N ASP A 18 7.70 -6.66 -12.93
CA ASP A 18 6.60 -7.59 -12.78
C ASP A 18 6.65 -8.17 -11.37
N LEU A 19 5.77 -7.67 -10.50
CA LEU A 19 5.80 -8.02 -9.09
C LEU A 19 4.51 -7.56 -8.43
N THR A 20 4.25 -8.05 -7.23
CA THR A 20 3.12 -7.57 -6.45
C THR A 20 3.64 -6.61 -5.39
N SER A 21 3.46 -5.33 -5.65
CA SER A 21 4.00 -4.31 -4.78
C SER A 21 3.11 -3.08 -4.81
N LEU A 22 3.25 -2.22 -3.81
CA LEU A 22 2.44 -1.02 -3.69
C LEU A 22 2.93 0.03 -4.67
N ASN A 23 2.20 0.21 -5.76
CA ASN A 23 2.57 1.23 -6.75
C ASN A 23 2.19 2.61 -6.23
N VAL A 24 3.00 3.12 -5.33
CA VAL A 24 2.77 4.41 -4.71
C VAL A 24 3.50 5.50 -5.47
N LYS A 25 2.76 6.52 -5.90
CA LYS A 25 3.36 7.63 -6.62
C LYS A 25 3.40 8.89 -5.75
N ALA A 26 4.10 8.77 -4.62
CA ALA A 26 4.34 9.87 -3.70
C ALA A 26 3.05 10.54 -3.22
N GLY A 27 2.53 10.05 -2.09
CA GLY A 27 1.36 10.64 -1.49
C GLY A 27 0.09 10.15 -2.15
N ASP A 28 -0.01 8.84 -2.31
CA ASP A 28 -1.15 8.26 -2.98
C ASP A 28 -2.01 7.47 -1.99
N ILE A 29 -3.03 6.79 -2.49
CA ILE A 29 -4.03 6.15 -1.64
C ILE A 29 -3.83 4.64 -1.58
N ILE A 30 -3.47 4.15 -0.40
CA ILE A 30 -3.26 2.73 -0.20
C ILE A 30 -4.29 2.19 0.77
N THR A 31 -4.91 1.08 0.41
CA THR A 31 -5.83 0.40 1.31
C THR A 31 -5.17 -0.86 1.83
N VAL A 32 -4.71 -0.82 3.07
CA VAL A 32 -3.96 -1.93 3.63
C VAL A 32 -4.80 -2.69 4.64
N LEU A 33 -4.42 -3.92 4.91
CA LEU A 33 -5.11 -4.71 5.91
C LEU A 33 -4.15 -5.13 7.02
N GLU A 34 -4.70 -5.42 8.16
CA GLU A 34 -3.91 -5.78 9.32
C GLU A 34 -3.99 -7.28 9.53
N GLN A 35 -2.87 -7.96 9.33
CA GLN A 35 -2.83 -9.40 9.43
C GLN A 35 -1.49 -9.85 9.98
N HIS A 36 -0.42 -9.49 9.28
CA HIS A 36 0.94 -9.81 9.71
C HIS A 36 1.10 -11.32 9.95
N PRO A 37 1.00 -12.12 8.88
CA PRO A 37 1.08 -13.58 8.98
C PRO A 37 2.52 -14.06 9.15
N ASP A 38 3.44 -13.45 8.40
CA ASP A 38 4.83 -13.85 8.42
C ASP A 38 5.73 -12.63 8.48
N GLY A 39 5.41 -11.73 9.41
CA GLY A 39 6.21 -10.54 9.58
C GLY A 39 6.10 -9.61 8.40
N ARG A 40 4.90 -9.52 7.84
CA ARG A 40 4.68 -8.72 6.65
C ARG A 40 3.20 -8.39 6.51
N TRP A 41 2.94 -7.26 5.87
CA TRP A 41 1.58 -6.85 5.56
C TRP A 41 1.41 -6.78 4.05
N LYS A 42 0.17 -6.70 3.60
CA LYS A 42 -0.10 -6.47 2.20
C LYS A 42 -1.20 -5.44 2.07
N GLY A 43 -1.27 -4.80 0.93
CA GLY A 43 -2.25 -3.76 0.73
C GLY A 43 -2.54 -3.55 -0.74
N CYS A 44 -3.62 -2.84 -1.01
CA CYS A 44 -4.02 -2.54 -2.36
C CYS A 44 -3.85 -1.05 -2.64
N ILE A 45 -3.62 -0.71 -3.89
CA ILE A 45 -3.47 0.67 -4.30
C ILE A 45 -4.75 1.15 -4.97
N HIS A 46 -5.14 2.37 -4.66
CA HIS A 46 -6.33 2.95 -5.27
C HIS A 46 -5.88 3.92 -6.35
N ASP A 47 -5.97 3.47 -7.59
CA ASP A 47 -5.49 4.25 -8.71
C ASP A 47 -6.46 5.39 -9.02
N ASN A 48 -6.03 6.59 -8.65
CA ASN A 48 -6.84 7.79 -8.84
C ASN A 48 -6.62 8.39 -10.22
N ARG A 49 -6.28 7.53 -11.18
CA ARG A 49 -6.08 7.96 -12.55
C ARG A 49 -7.13 7.31 -13.46
N THR A 50 -7.00 6.01 -13.64
CA THR A 50 -7.92 5.26 -14.48
C THR A 50 -8.92 4.49 -13.64
N GLY A 51 -8.45 3.98 -12.50
CA GLY A 51 -9.30 3.22 -11.61
C GLY A 51 -8.80 1.81 -11.41
N ASN A 52 -7.50 1.62 -11.65
CA ASN A 52 -6.89 0.30 -11.55
C ASN A 52 -6.71 -0.12 -10.10
N ASP A 53 -6.50 -1.41 -9.90
CA ASP A 53 -6.29 -1.97 -8.57
C ASP A 53 -5.05 -2.86 -8.56
N ARG A 54 -4.12 -2.56 -7.67
CA ARG A 54 -2.90 -3.35 -7.54
C ARG A 54 -2.70 -3.75 -6.09
N VAL A 55 -2.26 -4.98 -5.86
CA VAL A 55 -1.97 -5.45 -4.51
C VAL A 55 -0.47 -5.68 -4.35
N GLY A 56 0.06 -5.35 -3.19
CA GLY A 56 1.47 -5.54 -2.93
C GLY A 56 1.77 -5.83 -1.48
N TYR A 57 2.98 -6.31 -1.22
CA TYR A 57 3.40 -6.64 0.14
C TYR A 57 4.41 -5.61 0.66
N PHE A 58 4.42 -5.43 1.96
CA PHE A 58 5.32 -4.50 2.63
C PHE A 58 5.53 -4.94 4.07
N PRO A 59 6.53 -4.39 4.79
CA PRO A 59 6.80 -4.78 6.18
C PRO A 59 5.58 -4.62 7.08
N SER A 60 5.23 -3.36 7.35
CA SER A 60 4.07 -3.05 8.18
C SER A 60 3.91 -1.54 8.31
N SER A 61 2.68 -1.05 8.20
CA SER A 61 2.40 0.39 8.29
C SER A 61 3.21 1.18 7.27
N LEU A 62 2.98 0.92 5.98
CA LEU A 62 3.71 1.58 4.92
C LEU A 62 3.40 3.07 4.87
N GLY A 63 2.13 3.39 4.75
CA GLY A 63 1.72 4.77 4.68
C GLY A 63 1.10 5.25 5.98
N GLU A 64 0.77 6.52 6.03
CA GLU A 64 0.16 7.10 7.22
C GLU A 64 -1.35 6.92 7.16
N ALA A 65 -1.91 6.33 8.20
CA ALA A 65 -3.33 6.06 8.26
C ALA A 65 -4.13 7.33 8.49
N ILE A 66 -4.99 7.65 7.55
CA ILE A 66 -5.83 8.83 7.65
C ILE A 66 -7.15 8.49 8.34
N VAL A 67 -7.36 7.20 8.59
CA VAL A 67 -8.57 6.74 9.23
C VAL A 67 -8.31 6.40 10.69
N GLY A 1 -5.31 -10.80 13.91
CA GLY A 1 -6.56 -10.35 13.29
C GLY A 1 -6.30 -9.46 12.08
N SER A 2 -7.35 -8.93 11.49
CA SER A 2 -7.23 -8.05 10.34
C SER A 2 -7.79 -6.67 10.66
N HIS A 3 -6.95 -5.83 11.25
CA HIS A 3 -7.28 -4.43 11.54
C HIS A 3 -7.77 -3.72 10.27
N MET A 4 -6.91 -3.71 9.25
CA MET A 4 -7.23 -3.07 7.96
C MET A 4 -7.31 -1.56 8.09
N LEU A 5 -6.48 -0.87 7.34
CA LEU A 5 -6.38 0.58 7.43
C LEU A 5 -6.02 1.19 6.08
N GLN A 6 -6.43 2.43 5.88
CA GLN A 6 -6.12 3.15 4.66
C GLN A 6 -5.04 4.18 4.95
N VAL A 7 -3.92 4.06 4.26
CA VAL A 7 -2.78 4.92 4.51
C VAL A 7 -2.42 5.73 3.28
N ARG A 8 -1.87 6.91 3.51
CA ARG A 8 -1.30 7.71 2.44
C ARG A 8 0.20 7.78 2.60
N ALA A 9 0.92 7.26 1.63
CA ALA A 9 2.36 7.24 1.70
C ALA A 9 2.96 8.04 0.55
N THR A 10 4.01 8.79 0.85
CA THR A 10 4.71 9.51 -0.19
C THR A 10 6.01 8.80 -0.51
N LYS A 11 5.96 8.01 -1.56
CA LYS A 11 7.12 7.33 -2.09
C LYS A 11 6.74 6.76 -3.45
N ASP A 12 7.65 6.83 -4.41
CA ASP A 12 7.35 6.34 -5.74
C ASP A 12 7.97 4.96 -5.95
N TYR A 13 7.13 4.01 -6.27
CA TYR A 13 7.58 2.66 -6.56
C TYR A 13 7.41 2.35 -8.05
N CYS A 14 7.56 1.09 -8.41
CA CYS A 14 7.41 0.68 -9.79
C CYS A 14 5.94 0.67 -10.19
N ASN A 15 5.55 1.60 -11.04
CA ASN A 15 4.20 1.65 -11.56
C ASN A 15 4.15 0.92 -12.90
N ASN A 16 5.24 0.24 -13.23
CA ASN A 16 5.34 -0.54 -14.45
C ASN A 16 5.22 -2.02 -14.12
N TYR A 17 5.47 -2.88 -15.11
CA TYR A 17 5.38 -4.33 -14.91
C TYR A 17 6.64 -4.87 -14.27
N ASP A 18 6.91 -4.41 -13.05
CA ASP A 18 8.09 -4.82 -12.31
C ASP A 18 7.69 -5.46 -10.98
N LEU A 19 8.64 -6.08 -10.31
CA LEU A 19 8.37 -6.73 -9.04
C LEU A 19 8.84 -5.83 -7.91
N THR A 20 7.86 -5.21 -7.26
CA THR A 20 8.11 -4.17 -6.28
C THR A 20 7.21 -4.38 -5.08
N SER A 21 7.52 -3.67 -4.00
CA SER A 21 6.70 -3.71 -2.82
C SER A 21 5.84 -2.45 -2.79
N LEU A 22 4.56 -2.65 -3.12
CA LEU A 22 3.59 -1.57 -3.32
C LEU A 22 3.87 -0.85 -4.64
N ASN A 23 2.82 -0.26 -5.19
CA ASN A 23 2.92 0.44 -6.47
C ASN A 23 2.48 1.88 -6.29
N VAL A 24 3.08 2.56 -5.32
CA VAL A 24 2.72 3.93 -4.99
C VAL A 24 3.40 4.89 -5.95
N LYS A 25 2.76 6.00 -6.25
CA LYS A 25 3.36 7.03 -7.07
C LYS A 25 3.47 8.35 -6.31
N ALA A 26 4.08 8.25 -5.13
CA ALA A 26 4.36 9.41 -4.28
C ALA A 26 3.11 10.23 -3.98
N GLY A 27 2.40 9.87 -2.92
CA GLY A 27 1.20 10.59 -2.55
C GLY A 27 -0.02 9.97 -3.17
N ASP A 28 -0.33 8.75 -2.77
CA ASP A 28 -1.46 8.03 -3.33
C ASP A 28 -2.23 7.36 -2.20
N ILE A 29 -3.30 6.67 -2.55
CA ILE A 29 -4.17 6.06 -1.55
C ILE A 29 -3.92 4.55 -1.47
N ILE A 30 -3.40 4.12 -0.33
CA ILE A 30 -3.11 2.73 -0.12
C ILE A 30 -4.08 2.13 0.89
N THR A 31 -4.78 1.10 0.49
CA THR A 31 -5.69 0.41 1.38
C THR A 31 -5.05 -0.90 1.81
N VAL A 32 -4.57 -0.94 3.04
CA VAL A 32 -3.79 -2.08 3.49
C VAL A 32 -4.60 -2.95 4.45
N LEU A 33 -4.37 -4.25 4.38
CA LEU A 33 -5.05 -5.17 5.25
C LEU A 33 -4.03 -5.87 6.13
N GLU A 34 -4.47 -6.30 7.30
CA GLU A 34 -3.56 -6.82 8.30
C GLU A 34 -3.61 -8.34 8.33
N GLN A 35 -2.50 -8.96 7.96
CA GLN A 35 -2.40 -10.40 7.95
C GLN A 35 -1.50 -10.88 9.07
N HIS A 36 -0.24 -10.47 9.03
CA HIS A 36 0.72 -10.86 10.06
C HIS A 36 1.31 -9.63 10.71
N PRO A 37 0.76 -9.19 11.86
CA PRO A 37 1.29 -8.07 12.64
C PRO A 37 2.75 -8.28 13.06
N ASP A 38 3.18 -9.54 13.10
CA ASP A 38 4.57 -9.85 13.42
C ASP A 38 5.44 -9.83 12.17
N GLY A 39 4.82 -10.15 11.03
CA GLY A 39 5.57 -10.25 9.80
C GLY A 39 5.32 -9.07 8.89
N ARG A 40 4.44 -9.26 7.92
CA ARG A 40 4.16 -8.23 6.92
C ARG A 40 2.69 -8.28 6.50
N TRP A 41 2.26 -7.22 5.84
CA TRP A 41 0.89 -7.07 5.37
C TRP A 41 0.87 -6.84 3.87
N LYS A 42 -0.32 -6.96 3.30
CA LYS A 42 -0.52 -6.64 1.89
C LYS A 42 -1.23 -5.30 1.79
N GLY A 43 -0.76 -4.47 0.89
CA GLY A 43 -1.37 -3.19 0.67
C GLY A 43 -1.89 -3.05 -0.74
N CYS A 44 -3.07 -2.51 -0.87
CA CYS A 44 -3.67 -2.31 -2.18
C CYS A 44 -3.57 -0.84 -2.57
N ILE A 45 -3.29 -0.60 -3.83
CA ILE A 45 -3.15 0.77 -4.31
C ILE A 45 -4.40 1.17 -5.07
N HIS A 46 -5.02 2.26 -4.63
CA HIS A 46 -6.19 2.77 -5.31
C HIS A 46 -5.78 3.99 -6.11
N ASP A 47 -5.65 3.79 -7.41
CA ASP A 47 -5.23 4.85 -8.30
C ASP A 47 -6.37 5.82 -8.57
N ASN A 48 -6.13 7.08 -8.26
CA ASN A 48 -7.14 8.11 -8.39
C ASN A 48 -7.07 8.79 -9.76
N ARG A 49 -6.18 8.29 -10.61
CA ARG A 49 -6.05 8.81 -11.97
C ARG A 49 -7.06 8.14 -12.89
N THR A 50 -6.89 6.84 -13.08
CA THR A 50 -7.78 6.07 -13.95
C THR A 50 -8.68 5.15 -13.14
N GLY A 51 -8.13 4.60 -12.06
CA GLY A 51 -8.87 3.65 -11.25
C GLY A 51 -8.22 2.29 -11.26
N ASN A 52 -6.90 2.30 -11.25
CA ASN A 52 -6.13 1.07 -11.26
C ASN A 52 -6.01 0.49 -9.85
N ASP A 53 -5.96 -0.84 -9.77
CA ASP A 53 -5.84 -1.52 -8.49
C ASP A 53 -4.59 -2.38 -8.46
N ARG A 54 -3.64 -2.01 -7.61
CA ARG A 54 -2.42 -2.79 -7.47
C ARG A 54 -2.34 -3.36 -6.05
N VAL A 55 -1.45 -4.32 -5.85
CA VAL A 55 -1.25 -4.91 -4.54
C VAL A 55 0.23 -5.21 -4.30
N GLY A 56 0.70 -4.93 -3.09
CA GLY A 56 2.08 -5.17 -2.75
C GLY A 56 2.25 -5.59 -1.31
N TYR A 57 3.42 -6.10 -0.96
CA TYR A 57 3.69 -6.53 0.41
C TYR A 57 4.57 -5.51 1.12
N PHE A 58 4.30 -5.27 2.39
CA PHE A 58 5.14 -4.39 3.20
C PHE A 58 5.09 -4.82 4.66
N PRO A 59 6.17 -4.63 5.42
CA PRO A 59 6.21 -5.01 6.84
C PRO A 59 5.05 -4.43 7.64
N SER A 60 5.07 -3.12 7.87
CA SER A 60 4.02 -2.44 8.62
C SER A 60 4.25 -0.93 8.66
N SER A 61 3.17 -0.17 8.77
CA SER A 61 3.23 1.27 8.92
C SER A 61 4.00 1.94 7.78
N LEU A 62 3.37 2.06 6.63
CA LEU A 62 4.00 2.67 5.46
C LEU A 62 3.58 4.12 5.31
N GLY A 63 2.27 4.36 5.32
CA GLY A 63 1.75 5.70 5.16
C GLY A 63 0.91 6.11 6.35
N GLU A 64 0.41 7.34 6.31
CA GLU A 64 -0.42 7.85 7.40
C GLU A 64 -1.80 7.22 7.35
N ALA A 65 -2.18 6.58 8.44
CA ALA A 65 -3.43 5.84 8.51
C ALA A 65 -4.62 6.77 8.73
N ILE A 66 -5.16 7.28 7.64
CA ILE A 66 -6.34 8.13 7.68
C ILE A 66 -7.60 7.29 7.82
N VAL A 67 -7.50 6.02 7.43
CA VAL A 67 -8.60 5.06 7.53
C VAL A 67 -9.77 5.45 6.62
N GLY A 1 -4.71 1.75 13.82
CA GLY A 1 -5.28 1.21 12.56
C GLY A 1 -5.30 -0.30 12.53
N SER A 2 -6.48 -0.87 12.48
CA SER A 2 -6.65 -2.32 12.38
C SER A 2 -7.96 -2.64 11.67
N HIS A 3 -8.18 -3.92 11.37
CA HIS A 3 -9.39 -4.35 10.66
C HIS A 3 -9.57 -3.57 9.36
N MET A 4 -8.53 -3.59 8.53
CA MET A 4 -8.48 -2.82 7.29
C MET A 4 -8.35 -1.32 7.57
N LEU A 5 -7.45 -0.66 6.85
CA LEU A 5 -7.22 0.76 7.01
C LEU A 5 -6.67 1.34 5.72
N GLN A 6 -6.92 2.63 5.52
CA GLN A 6 -6.42 3.31 4.33
C GLN A 6 -5.22 4.17 4.71
N VAL A 7 -4.10 3.91 4.06
CA VAL A 7 -2.88 4.65 4.32
C VAL A 7 -2.45 5.42 3.08
N ARG A 8 -1.80 6.54 3.29
CA ARG A 8 -1.23 7.32 2.21
C ARG A 8 0.26 7.47 2.43
N ALA A 9 1.04 7.01 1.48
CA ALA A 9 2.49 7.06 1.60
C ALA A 9 3.08 7.97 0.54
N THR A 10 4.03 8.80 0.92
CA THR A 10 4.73 9.61 -0.04
C THR A 10 6.11 9.03 -0.29
N LYS A 11 6.22 8.30 -1.38
CA LYS A 11 7.45 7.64 -1.77
C LYS A 11 7.30 7.15 -3.20
N ASP A 12 8.41 6.77 -3.83
CA ASP A 12 8.37 6.13 -5.14
C ASP A 12 8.53 4.62 -4.98
N TYR A 13 7.74 4.04 -4.08
CA TYR A 13 7.84 2.62 -3.76
C TYR A 13 7.39 1.77 -4.94
N CYS A 14 8.23 0.81 -5.33
CA CYS A 14 7.96 -0.10 -6.44
C CYS A 14 7.90 0.65 -7.77
N ASN A 15 6.70 1.14 -8.13
CA ASN A 15 6.46 1.80 -9.40
C ASN A 15 6.94 0.96 -10.57
N ASN A 16 6.58 -0.31 -10.55
CA ASN A 16 6.99 -1.23 -11.60
C ASN A 16 5.77 -1.81 -12.31
N TYR A 17 5.97 -2.32 -13.50
CA TYR A 17 4.87 -2.81 -14.33
C TYR A 17 4.30 -4.11 -13.77
N ASP A 18 5.01 -5.21 -13.97
CA ASP A 18 4.56 -6.49 -13.42
C ASP A 18 5.41 -6.87 -12.23
N LEU A 19 4.86 -6.67 -11.05
CA LEU A 19 5.54 -6.97 -9.81
C LEU A 19 4.53 -6.94 -8.67
N THR A 20 4.81 -7.65 -7.58
CA THR A 20 3.93 -7.58 -6.44
C THR A 20 4.58 -6.72 -5.36
N SER A 21 4.14 -5.47 -5.30
CA SER A 21 4.63 -4.49 -4.37
C SER A 21 3.67 -3.31 -4.37
N LEU A 22 3.75 -2.46 -3.35
CA LEU A 22 2.91 -1.28 -3.30
C LEU A 22 3.41 -0.24 -4.29
N ASN A 23 2.69 -0.08 -5.40
CA ASN A 23 3.03 0.94 -6.39
C ASN A 23 2.71 2.33 -5.88
N VAL A 24 3.45 2.74 -4.87
CA VAL A 24 3.25 4.03 -4.25
C VAL A 24 3.88 5.12 -5.10
N LYS A 25 3.07 5.99 -5.66
CA LYS A 25 3.58 7.09 -6.45
C LYS A 25 3.27 8.43 -5.80
N ALA A 26 4.07 8.74 -4.78
CA ALA A 26 4.03 10.04 -4.08
C ALA A 26 2.65 10.43 -3.59
N GLY A 27 2.27 9.94 -2.42
CA GLY A 27 1.03 10.37 -1.78
C GLY A 27 -0.18 9.68 -2.35
N ASP A 28 0.00 8.44 -2.79
CA ASP A 28 -1.08 7.69 -3.42
C ASP A 28 -1.92 6.99 -2.36
N ILE A 29 -2.94 6.27 -2.81
CA ILE A 29 -3.92 5.68 -1.90
C ILE A 29 -3.72 4.19 -1.74
N ILE A 30 -3.37 3.77 -0.54
CA ILE A 30 -3.16 2.37 -0.25
C ILE A 30 -4.21 1.86 0.72
N THR A 31 -4.89 0.78 0.36
CA THR A 31 -5.84 0.15 1.25
C THR A 31 -5.23 -1.13 1.81
N VAL A 32 -4.86 -1.10 3.08
CA VAL A 32 -4.13 -2.21 3.67
C VAL A 32 -4.95 -2.90 4.74
N LEU A 33 -4.51 -4.08 5.13
CA LEU A 33 -5.17 -4.81 6.20
C LEU A 33 -4.17 -5.19 7.29
N GLU A 34 -4.68 -5.34 8.50
CA GLU A 34 -3.86 -5.67 9.66
C GLU A 34 -4.05 -7.14 10.00
N GLN A 35 -3.00 -7.92 9.84
CA GLN A 35 -3.06 -9.35 10.08
C GLN A 35 -1.78 -9.87 10.72
N HIS A 36 -0.67 -9.62 10.05
CA HIS A 36 0.63 -10.11 10.53
C HIS A 36 1.59 -8.94 10.73
N PRO A 37 1.42 -8.18 11.84
CA PRO A 37 2.23 -7.01 12.12
C PRO A 37 3.68 -7.36 12.42
N ASP A 38 3.90 -8.60 12.83
CA ASP A 38 5.22 -9.08 13.16
C ASP A 38 5.83 -9.78 11.97
N GLY A 39 5.12 -9.74 10.85
CA GLY A 39 5.59 -10.33 9.63
C GLY A 39 5.42 -9.40 8.45
N ARG A 40 4.33 -9.56 7.72
CA ARG A 40 4.04 -8.71 6.58
C ARG A 40 2.54 -8.50 6.42
N TRP A 41 2.18 -7.33 5.95
CA TRP A 41 0.79 -7.00 5.63
C TRP A 41 0.62 -6.99 4.12
N LYS A 42 -0.62 -7.01 3.69
CA LYS A 42 -0.96 -6.89 2.29
C LYS A 42 -1.66 -5.56 2.07
N GLY A 43 -1.39 -4.94 0.94
CA GLY A 43 -2.01 -3.67 0.64
C GLY A 43 -2.39 -3.56 -0.81
N CYS A 44 -3.50 -2.90 -1.07
CA CYS A 44 -3.96 -2.68 -2.42
C CYS A 44 -3.75 -1.21 -2.78
N ILE A 45 -3.37 -0.95 -4.01
CA ILE A 45 -3.13 0.41 -4.47
C ILE A 45 -4.30 0.87 -5.32
N HIS A 46 -4.86 2.03 -4.97
CA HIS A 46 -5.93 2.60 -5.75
C HIS A 46 -5.42 3.83 -6.48
N ASP A 47 -5.14 3.65 -7.76
CA ASP A 47 -4.60 4.73 -8.58
C ASP A 47 -5.62 5.86 -8.75
N ASN A 48 -5.18 7.06 -8.44
CA ASN A 48 -6.05 8.24 -8.47
C ASN A 48 -6.07 8.89 -9.85
N ARG A 49 -5.37 8.29 -10.81
CA ARG A 49 -5.37 8.80 -12.18
C ARG A 49 -6.53 8.21 -12.96
N THR A 50 -6.40 6.94 -13.31
CA THR A 50 -7.42 6.26 -14.10
C THR A 50 -8.15 5.21 -13.27
N GLY A 51 -7.41 4.52 -12.41
CA GLY A 51 -8.01 3.52 -11.57
C GLY A 51 -7.28 2.18 -11.64
N ASN A 52 -5.96 2.24 -11.75
CA ASN A 52 -5.14 1.04 -11.73
C ASN A 52 -5.26 0.34 -10.38
N ASP A 53 -5.46 -0.97 -10.42
CA ASP A 53 -5.55 -1.75 -9.20
C ASP A 53 -4.32 -2.63 -9.05
N ARG A 54 -3.50 -2.34 -8.05
CA ARG A 54 -2.29 -3.12 -7.81
C ARG A 54 -2.31 -3.69 -6.41
N VAL A 55 -1.57 -4.77 -6.20
CA VAL A 55 -1.50 -5.40 -4.89
C VAL A 55 -0.04 -5.61 -4.50
N GLY A 56 0.28 -5.36 -3.24
CA GLY A 56 1.63 -5.56 -2.77
C GLY A 56 1.67 -5.96 -1.32
N TYR A 57 2.82 -6.44 -0.88
CA TYR A 57 3.01 -6.80 0.52
C TYR A 57 4.10 -5.94 1.13
N PHE A 58 3.96 -5.64 2.41
CA PHE A 58 4.93 -4.77 3.08
C PHE A 58 5.00 -5.12 4.56
N PRO A 59 6.19 -4.97 5.18
CA PRO A 59 6.39 -5.28 6.59
C PRO A 59 5.83 -4.21 7.53
N SER A 60 4.69 -3.64 7.13
CA SER A 60 4.03 -2.58 7.89
C SER A 60 4.89 -1.30 7.93
N SER A 61 4.31 -0.23 8.47
CA SER A 61 5.01 1.04 8.61
C SER A 61 5.45 1.57 7.25
N LEU A 62 4.48 1.80 6.37
CA LEU A 62 4.77 2.30 5.04
C LEU A 62 4.01 3.60 4.78
N GLY A 63 2.70 3.53 4.88
CA GLY A 63 1.88 4.70 4.61
C GLY A 63 1.27 5.28 5.86
N GLU A 64 0.87 6.54 5.78
CA GLU A 64 0.26 7.23 6.90
C GLU A 64 -1.18 6.79 7.06
N ALA A 65 -1.48 6.22 8.22
CA ALA A 65 -2.78 5.61 8.45
C ALA A 65 -3.81 6.63 8.91
N ILE A 66 -4.74 6.94 8.02
CA ILE A 66 -5.85 7.82 8.36
C ILE A 66 -7.11 7.00 8.62
N VAL A 67 -6.98 5.68 8.46
CA VAL A 67 -8.06 4.73 8.70
C VAL A 67 -9.24 4.96 7.75
N GLY A 1 -5.29 3.21 13.93
CA GLY A 1 -5.73 2.52 12.70
C GLY A 1 -5.61 1.02 12.80
N SER A 2 -6.35 0.42 13.73
CA SER A 2 -6.31 -1.01 13.93
C SER A 2 -7.49 -1.66 13.22
N HIS A 3 -7.31 -2.92 12.82
CA HIS A 3 -8.34 -3.69 12.11
C HIS A 3 -8.76 -3.00 10.82
N MET A 4 -7.91 -3.16 9.79
CA MET A 4 -8.12 -2.54 8.48
C MET A 4 -7.84 -1.03 8.55
N LEU A 5 -6.92 -0.56 7.72
CA LEU A 5 -6.54 0.85 7.75
C LEU A 5 -6.21 1.34 6.36
N GLN A 6 -6.48 2.62 6.13
CA GLN A 6 -6.20 3.23 4.85
C GLN A 6 -5.09 4.24 5.02
N VAL A 7 -3.96 3.98 4.38
CA VAL A 7 -2.77 4.79 4.58
C VAL A 7 -2.49 5.66 3.35
N ARG A 8 -1.95 6.84 3.61
CA ARG A 8 -1.48 7.70 2.54
C ARG A 8 0.04 7.65 2.52
N ALA A 9 0.59 7.04 1.50
CA ALA A 9 2.03 6.88 1.41
C ALA A 9 2.60 7.67 0.25
N THR A 10 3.67 8.41 0.52
CA THR A 10 4.37 9.13 -0.52
C THR A 10 5.78 8.56 -0.69
N LYS A 11 5.94 7.76 -1.74
CA LYS A 11 7.21 7.11 -2.02
C LYS A 11 7.20 6.55 -3.44
N ASP A 12 8.34 6.59 -4.12
CA ASP A 12 8.45 6.01 -5.45
C ASP A 12 8.63 4.51 -5.33
N TYR A 13 7.55 3.82 -5.02
CA TYR A 13 7.60 2.39 -4.80
C TYR A 13 7.10 1.66 -6.04
N CYS A 14 7.56 0.42 -6.20
CA CYS A 14 7.18 -0.44 -7.32
C CYS A 14 7.79 0.09 -8.63
N ASN A 15 9.07 0.42 -8.58
CA ASN A 15 9.80 0.81 -9.77
C ASN A 15 10.27 -0.42 -10.53
N ASN A 16 9.33 -1.33 -10.76
CA ASN A 16 9.61 -2.60 -11.40
C ASN A 16 8.62 -2.84 -12.53
N TYR A 17 9.09 -3.48 -13.59
CA TYR A 17 8.28 -3.70 -14.77
C TYR A 17 7.26 -4.81 -14.54
N ASP A 18 7.63 -5.75 -13.69
CA ASP A 18 6.73 -6.82 -13.29
C ASP A 18 7.03 -7.28 -11.88
N LEU A 19 6.12 -6.97 -10.96
CA LEU A 19 6.30 -7.32 -9.56
C LEU A 19 4.98 -7.17 -8.82
N THR A 20 4.88 -7.78 -7.65
CA THR A 20 3.76 -7.55 -6.78
C THR A 20 4.22 -6.65 -5.64
N SER A 21 3.85 -5.39 -5.74
CA SER A 21 4.33 -4.38 -4.82
C SER A 21 3.38 -3.20 -4.82
N LEU A 22 3.51 -2.34 -3.83
CA LEU A 22 2.67 -1.16 -3.72
C LEU A 22 2.97 -0.18 -4.86
N ASN A 23 2.07 -0.13 -5.84
CA ASN A 23 2.22 0.79 -6.97
C ASN A 23 1.94 2.22 -6.53
N VAL A 24 2.83 2.75 -5.69
CA VAL A 24 2.66 4.08 -5.16
C VAL A 24 3.25 5.11 -6.11
N LYS A 25 2.39 5.99 -6.63
CA LYS A 25 2.83 7.04 -7.54
C LYS A 25 3.47 8.19 -6.77
N ALA A 26 4.37 7.85 -5.85
CA ALA A 26 5.02 8.82 -4.97
C ALA A 26 4.01 9.60 -4.15
N GLY A 27 2.86 9.00 -3.94
CA GLY A 27 1.80 9.64 -3.18
C GLY A 27 0.44 9.20 -3.66
N ASP A 28 -0.18 8.30 -2.92
CA ASP A 28 -1.48 7.77 -3.31
C ASP A 28 -2.22 7.21 -2.09
N ILE A 29 -3.40 6.67 -2.32
CA ILE A 29 -4.24 6.13 -1.26
C ILE A 29 -4.17 4.62 -1.24
N ILE A 30 -3.67 4.08 -0.14
CA ILE A 30 -3.47 2.66 -0.01
C ILE A 30 -4.38 2.07 1.05
N THR A 31 -5.11 1.04 0.69
CA THR A 31 -5.99 0.38 1.64
C THR A 31 -5.36 -0.93 2.08
N VAL A 32 -4.94 -0.98 3.33
CA VAL A 32 -4.19 -2.12 3.81
C VAL A 32 -4.94 -2.85 4.93
N LEU A 33 -4.61 -4.12 5.10
CA LEU A 33 -5.22 -4.91 6.14
C LEU A 33 -4.22 -5.21 7.25
N GLU A 34 -4.71 -5.26 8.46
CA GLU A 34 -3.87 -5.49 9.62
C GLU A 34 -4.03 -6.93 10.10
N GLN A 35 -2.98 -7.72 9.97
CA GLN A 35 -3.00 -9.09 10.44
C GLN A 35 -1.93 -9.30 11.50
N HIS A 36 -0.73 -9.69 11.08
CA HIS A 36 0.37 -9.92 12.01
C HIS A 36 1.53 -9.01 11.68
N PRO A 37 1.78 -7.99 12.52
CA PRO A 37 2.89 -7.05 12.31
C PRO A 37 4.25 -7.74 12.42
N ASP A 38 4.23 -8.96 12.95
CA ASP A 38 5.43 -9.78 13.06
C ASP A 38 5.85 -10.31 11.70
N GLY A 39 4.90 -10.36 10.77
CA GLY A 39 5.18 -10.84 9.44
C GLY A 39 5.04 -9.74 8.41
N ARG A 40 4.19 -9.96 7.42
CA ARG A 40 4.01 -9.00 6.35
C ARG A 40 2.54 -8.85 5.99
N TRP A 41 2.15 -7.64 5.67
CA TRP A 41 0.76 -7.33 5.35
C TRP A 41 0.59 -7.14 3.86
N LYS A 42 -0.66 -7.15 3.43
CA LYS A 42 -1.00 -6.86 2.04
C LYS A 42 -1.57 -5.46 1.96
N GLY A 43 -1.17 -4.72 0.95
CA GLY A 43 -1.69 -3.39 0.76
C GLY A 43 -2.27 -3.23 -0.63
N CYS A 44 -3.42 -2.60 -0.69
CA CYS A 44 -4.08 -2.37 -1.97
C CYS A 44 -3.92 -0.92 -2.36
N ILE A 45 -3.63 -0.69 -3.63
CA ILE A 45 -3.39 0.65 -4.11
C ILE A 45 -4.62 1.15 -4.85
N HIS A 46 -5.23 2.18 -4.31
CA HIS A 46 -6.32 2.82 -4.99
C HIS A 46 -5.84 4.14 -5.57
N ASP A 47 -5.57 4.11 -6.86
CA ASP A 47 -5.00 5.25 -7.56
C ASP A 47 -6.02 6.39 -7.66
N ASN A 48 -5.75 7.47 -6.92
CA ASN A 48 -6.66 8.61 -6.88
C ASN A 48 -6.43 9.53 -8.08
N ARG A 49 -5.55 9.10 -8.96
CA ARG A 49 -5.28 9.83 -10.20
C ARG A 49 -6.36 9.55 -11.24
N THR A 50 -6.48 8.30 -11.63
CA THR A 50 -7.47 7.89 -12.61
C THR A 50 -8.43 6.87 -12.01
N GLY A 51 -7.89 5.91 -11.26
CA GLY A 51 -8.72 4.90 -10.65
C GLY A 51 -8.17 3.50 -10.83
N ASN A 52 -6.84 3.36 -10.75
CA ASN A 52 -6.21 2.06 -10.85
C ASN A 52 -6.32 1.30 -9.52
N ASP A 53 -6.15 -0.02 -9.58
CA ASP A 53 -6.25 -0.89 -8.40
C ASP A 53 -5.14 -1.94 -8.44
N ARG A 54 -4.27 -1.91 -7.46
CA ARG A 54 -3.13 -2.83 -7.40
C ARG A 54 -2.93 -3.37 -6.00
N VAL A 55 -2.12 -4.41 -5.88
CA VAL A 55 -1.85 -5.04 -4.58
C VAL A 55 -0.36 -5.30 -4.41
N GLY A 56 0.12 -5.11 -3.18
CA GLY A 56 1.51 -5.35 -2.88
C GLY A 56 1.71 -5.79 -1.44
N TYR A 57 2.88 -6.30 -1.12
CA TYR A 57 3.17 -6.75 0.24
C TYR A 57 4.05 -5.73 0.95
N PHE A 58 3.88 -5.59 2.25
CA PHE A 58 4.73 -4.69 3.04
C PHE A 58 4.73 -5.11 4.51
N PRO A 59 5.89 -5.03 5.18
CA PRO A 59 6.02 -5.43 6.59
C PRO A 59 5.55 -4.35 7.55
N SER A 60 4.34 -3.84 7.32
CA SER A 60 3.73 -2.78 8.12
C SER A 60 4.50 -1.46 7.96
N SER A 61 3.96 -0.39 8.52
CA SER A 61 4.57 0.94 8.46
C SER A 61 4.76 1.38 7.01
N LEU A 62 3.65 1.74 6.38
CA LEU A 62 3.67 2.11 4.97
C LEU A 62 3.40 3.60 4.79
N GLY A 63 2.26 4.05 5.29
CA GLY A 63 1.89 5.44 5.15
C GLY A 63 1.06 5.93 6.31
N GLU A 64 0.47 7.11 6.17
CA GLU A 64 -0.35 7.69 7.22
C GLU A 64 -1.71 7.02 7.27
N ALA A 65 -1.96 6.25 8.32
CA ALA A 65 -3.23 5.56 8.48
C ALA A 65 -4.32 6.53 8.90
N ILE A 66 -5.25 6.81 7.99
CA ILE A 66 -6.33 7.73 8.27
C ILE A 66 -7.63 6.98 8.50
N VAL A 67 -8.58 7.64 9.14
CA VAL A 67 -9.88 7.04 9.40
C VAL A 67 -10.87 7.50 8.34
N GLY A 1 -5.11 0.48 15.12
CA GLY A 1 -4.41 0.22 13.84
C GLY A 1 -4.67 -1.18 13.33
N SER A 2 -5.93 -1.47 13.01
CA SER A 2 -6.31 -2.79 12.53
C SER A 2 -7.69 -2.73 11.90
N HIS A 3 -8.30 -3.90 11.66
CA HIS A 3 -9.66 -3.99 11.14
C HIS A 3 -9.77 -3.36 9.75
N MET A 4 -8.68 -3.47 8.97
CA MET A 4 -8.59 -2.87 7.64
C MET A 4 -8.62 -1.34 7.72
N LEU A 5 -7.55 -0.71 7.26
CA LEU A 5 -7.45 0.74 7.32
C LEU A 5 -6.70 1.26 6.11
N GLN A 6 -6.95 2.49 5.74
CA GLN A 6 -6.36 3.07 4.57
C GLN A 6 -5.24 4.03 4.95
N VAL A 7 -4.12 3.92 4.25
CA VAL A 7 -2.95 4.72 4.53
C VAL A 7 -2.56 5.54 3.31
N ARG A 8 -1.94 6.68 3.56
CA ARG A 8 -1.37 7.50 2.52
C ARG A 8 0.16 7.47 2.65
N ALA A 9 0.83 7.08 1.59
CA ALA A 9 2.28 6.95 1.62
C ALA A 9 2.92 7.72 0.49
N THR A 10 3.97 8.48 0.80
CA THR A 10 4.72 9.18 -0.22
C THR A 10 6.06 8.49 -0.45
N LYS A 11 6.14 7.71 -1.52
CA LYS A 11 7.36 7.03 -1.90
C LYS A 11 7.23 6.48 -3.31
N ASP A 12 8.32 6.44 -4.05
CA ASP A 12 8.33 5.82 -5.38
C ASP A 12 8.48 4.32 -5.25
N TYR A 13 7.62 3.72 -4.45
CA TYR A 13 7.72 2.30 -4.12
C TYR A 13 7.18 1.45 -5.26
N CYS A 14 7.93 0.41 -5.61
CA CYS A 14 7.56 -0.50 -6.70
C CYS A 14 7.33 0.27 -7.99
N ASN A 15 8.38 0.84 -8.54
CA ASN A 15 8.29 1.57 -9.79
C ASN A 15 8.69 0.68 -10.97
N ASN A 16 8.55 -0.62 -10.78
CA ASN A 16 8.87 -1.59 -11.82
C ASN A 16 7.73 -1.67 -12.84
N TYR A 17 7.95 -2.42 -13.91
CA TYR A 17 6.92 -2.58 -14.93
C TYR A 17 5.75 -3.35 -14.36
N ASP A 18 6.04 -4.54 -13.84
CA ASP A 18 5.01 -5.37 -13.23
C ASP A 18 5.62 -6.17 -12.09
N LEU A 19 5.31 -5.77 -10.87
CA LEU A 19 5.81 -6.45 -9.68
C LEU A 19 4.69 -6.49 -8.65
N THR A 20 4.81 -7.36 -7.66
CA THR A 20 3.83 -7.41 -6.61
C THR A 20 4.37 -6.69 -5.39
N SER A 21 3.96 -5.46 -5.27
CA SER A 21 4.37 -4.56 -4.21
C SER A 21 3.45 -3.35 -4.27
N LEU A 22 3.46 -2.54 -3.23
CA LEU A 22 2.66 -1.32 -3.21
C LEU A 22 3.14 -0.38 -4.31
N ASN A 23 2.36 -0.30 -5.39
CA ASN A 23 2.69 0.58 -6.52
C ASN A 23 2.44 2.04 -6.14
N VAL A 24 3.29 2.56 -5.27
CA VAL A 24 3.15 3.92 -4.79
C VAL A 24 3.94 4.86 -5.68
N LYS A 25 3.29 5.92 -6.13
CA LYS A 25 3.93 6.86 -7.03
C LYS A 25 4.20 8.18 -6.33
N ALA A 26 5.04 8.12 -5.30
CA ALA A 26 5.46 9.29 -4.54
C ALA A 26 4.28 10.01 -3.92
N GLY A 27 3.32 9.24 -3.43
CA GLY A 27 2.14 9.83 -2.82
C GLY A 27 0.88 9.31 -3.45
N ASP A 28 0.37 8.22 -2.93
CA ASP A 28 -0.83 7.59 -3.49
C ASP A 28 -1.62 6.91 -2.38
N ILE A 29 -2.73 6.29 -2.74
CA ILE A 29 -3.68 5.78 -1.76
C ILE A 29 -3.58 4.27 -1.60
N ILE A 30 -3.34 3.81 -0.37
CA ILE A 30 -3.22 2.39 -0.11
C ILE A 30 -4.25 1.93 0.91
N THR A 31 -4.96 0.87 0.61
CA THR A 31 -5.87 0.27 1.58
C THR A 31 -5.26 -1.01 2.12
N VAL A 32 -4.89 -1.01 3.40
CA VAL A 32 -4.16 -2.13 3.97
C VAL A 32 -4.97 -2.86 5.03
N LEU A 33 -4.58 -4.08 5.29
CA LEU A 33 -5.24 -4.90 6.30
C LEU A 33 -4.22 -5.40 7.32
N GLU A 34 -4.72 -5.91 8.43
CA GLU A 34 -3.87 -6.34 9.53
C GLU A 34 -3.74 -7.86 9.54
N GLN A 35 -2.54 -8.33 9.22
CA GLN A 35 -2.24 -9.76 9.24
C GLN A 35 -1.39 -10.07 10.46
N HIS A 36 -0.11 -9.70 10.39
CA HIS A 36 0.84 -9.90 11.48
C HIS A 36 1.90 -8.80 11.42
N PRO A 37 1.89 -7.88 12.41
CA PRO A 37 2.85 -6.77 12.45
C PRO A 37 4.29 -7.26 12.58
N ASP A 38 4.45 -8.47 13.08
CA ASP A 38 5.77 -9.08 13.23
C ASP A 38 6.21 -9.69 11.92
N GLY A 39 5.31 -9.71 10.94
CA GLY A 39 5.60 -10.26 9.65
C GLY A 39 5.34 -9.27 8.54
N ARG A 40 4.31 -9.54 7.74
CA ARG A 40 3.99 -8.69 6.61
C ARG A 40 2.48 -8.47 6.52
N TRP A 41 2.13 -7.29 6.02
CA TRP A 41 0.76 -6.95 5.72
C TRP A 41 0.55 -6.87 4.21
N LYS A 42 -0.69 -6.95 3.80
CA LYS A 42 -1.05 -6.76 2.40
C LYS A 42 -1.71 -5.40 2.24
N GLY A 43 -1.51 -4.78 1.10
CA GLY A 43 -2.14 -3.51 0.82
C GLY A 43 -2.53 -3.38 -0.63
N CYS A 44 -3.67 -2.75 -0.85
CA CYS A 44 -4.15 -2.53 -2.21
C CYS A 44 -3.95 -1.08 -2.61
N ILE A 45 -3.57 -0.86 -3.85
CA ILE A 45 -3.24 0.46 -4.33
C ILE A 45 -4.38 1.03 -5.18
N HIS A 46 -4.78 2.25 -4.88
CA HIS A 46 -5.76 2.94 -5.70
C HIS A 46 -5.05 4.00 -6.52
N ASP A 47 -4.82 3.68 -7.78
CA ASP A 47 -4.10 4.58 -8.69
C ASP A 47 -4.92 5.81 -9.01
N ASN A 48 -4.48 6.94 -8.48
CA ASN A 48 -5.09 8.22 -8.80
C ASN A 48 -4.61 8.69 -10.17
N ARG A 49 -5.19 8.13 -11.21
CA ARG A 49 -4.83 8.48 -12.59
C ARG A 49 -5.77 7.80 -13.57
N THR A 50 -5.65 6.48 -13.69
CA THR A 50 -6.45 5.71 -14.62
C THR A 50 -7.45 4.84 -13.87
N GLY A 51 -7.13 4.54 -12.62
CA GLY A 51 -7.98 3.67 -11.83
C GLY A 51 -7.40 2.29 -11.68
N ASN A 52 -6.08 2.20 -11.81
CA ASN A 52 -5.36 0.93 -11.67
C ASN A 52 -5.50 0.40 -10.25
N ASP A 53 -5.66 -0.90 -10.11
CA ASP A 53 -5.82 -1.53 -8.81
C ASP A 53 -4.87 -2.71 -8.67
N ARG A 54 -3.85 -2.55 -7.84
CA ARG A 54 -2.87 -3.62 -7.63
C ARG A 54 -2.68 -3.88 -6.14
N VAL A 55 -2.27 -5.10 -5.81
CA VAL A 55 -2.03 -5.48 -4.42
C VAL A 55 -0.53 -5.71 -4.19
N GLY A 56 -0.07 -5.36 -3.01
CA GLY A 56 1.32 -5.55 -2.67
C GLY A 56 1.49 -5.94 -1.21
N TYR A 57 2.67 -6.43 -0.87
CA TYR A 57 2.98 -6.81 0.50
C TYR A 57 4.05 -5.91 1.08
N PHE A 58 3.95 -5.63 2.38
CA PHE A 58 4.91 -4.76 3.05
C PHE A 58 5.02 -5.18 4.51
N PRO A 59 6.07 -4.74 5.23
CA PRO A 59 6.25 -5.11 6.64
C PRO A 59 5.02 -4.78 7.50
N SER A 60 4.79 -3.49 7.73
CA SER A 60 3.64 -3.02 8.49
C SER A 60 3.63 -1.50 8.54
N SER A 61 2.44 -0.91 8.43
CA SER A 61 2.26 0.54 8.47
C SER A 61 3.20 1.26 7.49
N LEU A 62 2.96 1.05 6.20
CA LEU A 62 3.78 1.67 5.17
C LEU A 62 3.49 3.17 5.08
N GLY A 63 2.21 3.51 5.03
CA GLY A 63 1.81 4.89 4.97
C GLY A 63 1.15 5.34 6.25
N GLU A 64 0.63 6.56 6.25
CA GLU A 64 -0.03 7.10 7.42
C GLU A 64 -1.52 6.75 7.38
N ALA A 65 -2.01 6.12 8.44
CA ALA A 65 -3.38 5.64 8.48
C ALA A 65 -4.36 6.79 8.62
N ILE A 66 -5.24 6.92 7.64
CA ILE A 66 -6.27 7.95 7.67
C ILE A 66 -7.62 7.33 8.01
N VAL A 67 -7.68 6.00 7.89
CA VAL A 67 -8.89 5.24 8.20
C VAL A 67 -10.08 5.71 7.33
N GLY A 1 -3.97 -4.22 15.80
CA GLY A 1 -4.47 -5.61 15.91
C GLY A 1 -5.80 -5.80 15.19
N SER A 2 -5.74 -6.39 14.00
CA SER A 2 -6.92 -6.68 13.19
C SER A 2 -7.69 -5.39 12.85
N HIS A 3 -6.97 -4.28 12.67
CA HIS A 3 -7.60 -3.00 12.41
C HIS A 3 -8.02 -2.88 10.94
N MET A 4 -7.03 -2.93 10.04
CA MET A 4 -7.25 -2.68 8.61
C MET A 4 -7.61 -1.22 8.38
N LEU A 5 -6.75 -0.50 7.67
CA LEU A 5 -6.88 0.93 7.54
C LEU A 5 -6.36 1.45 6.20
N GLN A 6 -6.70 2.69 5.91
CA GLN A 6 -6.32 3.33 4.67
C GLN A 6 -5.16 4.29 4.94
N VAL A 7 -4.07 4.10 4.22
CA VAL A 7 -2.88 4.91 4.40
C VAL A 7 -2.61 5.75 3.16
N ARG A 8 -2.11 6.95 3.40
CA ARG A 8 -1.62 7.79 2.32
C ARG A 8 -0.10 7.76 2.35
N ALA A 9 0.49 7.21 1.30
CA ALA A 9 1.93 7.03 1.28
C ALA A 9 2.61 7.93 0.27
N THR A 10 3.70 8.56 0.69
CA THR A 10 4.48 9.38 -0.21
C THR A 10 5.83 8.71 -0.48
N LYS A 11 5.92 8.05 -1.63
CA LYS A 11 7.15 7.42 -2.07
C LYS A 11 7.00 7.00 -3.52
N ASP A 12 8.11 6.91 -4.22
CA ASP A 12 8.12 6.34 -5.55
C ASP A 12 8.51 4.88 -5.46
N TYR A 13 7.52 4.02 -5.28
CA TYR A 13 7.76 2.61 -5.00
C TYR A 13 7.24 1.75 -6.16
N CYS A 14 7.67 0.49 -6.19
CA CYS A 14 7.25 -0.47 -7.21
C CYS A 14 7.81 -0.07 -8.57
N ASN A 15 9.12 -0.25 -8.71
CA ASN A 15 9.81 0.09 -9.95
C ASN A 15 10.77 -1.03 -10.35
N ASN A 16 10.23 -2.23 -10.46
CA ASN A 16 11.01 -3.40 -10.85
C ASN A 16 10.48 -3.97 -12.14
N TYR A 17 11.10 -5.02 -12.65
CA TYR A 17 10.63 -5.66 -13.88
C TYR A 17 9.27 -6.29 -13.65
N ASP A 18 9.22 -7.28 -12.77
CA ASP A 18 7.97 -7.90 -12.39
C ASP A 18 7.98 -8.27 -10.92
N LEU A 19 7.29 -7.49 -10.12
CA LEU A 19 7.23 -7.70 -8.69
C LEU A 19 5.82 -7.41 -8.20
N THR A 20 5.44 -7.99 -7.09
CA THR A 20 4.16 -7.70 -6.49
C THR A 20 4.38 -6.75 -5.32
N SER A 21 4.10 -5.49 -5.58
CA SER A 21 4.44 -4.43 -4.65
C SER A 21 3.36 -3.35 -4.66
N LEU A 22 3.40 -2.50 -3.66
CA LEU A 22 2.51 -1.35 -3.61
C LEU A 22 2.94 -0.34 -4.65
N ASN A 23 2.06 -0.05 -5.60
CA ASN A 23 2.34 0.92 -6.64
C ASN A 23 2.24 2.33 -6.07
N VAL A 24 3.16 2.66 -5.17
CA VAL A 24 3.15 3.96 -4.52
C VAL A 24 3.76 5.00 -5.46
N LYS A 25 3.01 6.04 -5.72
CA LYS A 25 3.39 7.05 -6.69
C LYS A 25 3.30 8.45 -6.09
N ALA A 26 3.95 8.63 -4.94
CA ALA A 26 4.05 9.91 -4.25
C ALA A 26 2.68 10.54 -3.98
N GLY A 27 2.11 10.25 -2.82
CA GLY A 27 0.83 10.83 -2.46
C GLY A 27 -0.31 9.96 -2.92
N ASP A 28 -0.10 8.65 -2.81
CA ASP A 28 -1.04 7.68 -3.33
C ASP A 28 -1.86 7.08 -2.21
N ILE A 29 -2.99 6.49 -2.56
CA ILE A 29 -3.93 5.98 -1.59
C ILE A 29 -3.85 4.45 -1.51
N ILE A 30 -3.52 3.94 -0.34
CA ILE A 30 -3.39 2.52 -0.15
C ILE A 30 -4.37 2.04 0.91
N THR A 31 -5.10 0.99 0.60
CA THR A 31 -6.01 0.38 1.55
C THR A 31 -5.39 -0.90 2.07
N VAL A 32 -4.88 -0.88 3.29
CA VAL A 32 -4.12 -1.99 3.80
C VAL A 32 -4.88 -2.71 4.90
N LEU A 33 -4.68 -4.02 4.98
CA LEU A 33 -5.34 -4.81 6.00
C LEU A 33 -4.32 -5.31 7.01
N GLU A 34 -4.77 -5.51 8.23
CA GLU A 34 -3.89 -5.89 9.31
C GLU A 34 -4.39 -7.17 9.95
N GLN A 35 -3.73 -8.27 9.64
CA GLN A 35 -4.01 -9.55 10.26
C GLN A 35 -2.72 -10.32 10.44
N HIS A 36 -1.61 -9.63 10.25
CA HIS A 36 -0.32 -10.28 10.17
C HIS A 36 0.59 -9.82 11.30
N PRO A 37 0.74 -10.65 12.34
CA PRO A 37 1.68 -10.40 13.43
C PRO A 37 3.13 -10.63 12.99
N ASP A 38 3.29 -11.39 11.90
CA ASP A 38 4.61 -11.72 11.38
C ASP A 38 5.41 -10.46 11.04
N GLY A 39 4.75 -9.52 10.37
CA GLY A 39 5.42 -8.28 10.00
C GLY A 39 5.20 -7.93 8.55
N ARG A 40 4.72 -8.89 7.78
CA ARG A 40 4.44 -8.65 6.37
C ARG A 40 2.95 -8.51 6.15
N TRP A 41 2.54 -7.31 5.79
CA TRP A 41 1.13 -7.00 5.59
C TRP A 41 0.82 -6.94 4.10
N LYS A 42 -0.46 -6.96 3.78
CA LYS A 42 -0.90 -6.83 2.40
C LYS A 42 -1.66 -5.52 2.24
N GLY A 43 -1.45 -4.86 1.13
CA GLY A 43 -2.14 -3.61 0.89
C GLY A 43 -2.63 -3.50 -0.53
N CYS A 44 -3.79 -2.90 -0.70
CA CYS A 44 -4.34 -2.68 -2.02
C CYS A 44 -4.17 -1.22 -2.42
N ILE A 45 -3.97 -0.97 -3.70
CA ILE A 45 -3.73 0.37 -4.17
C ILE A 45 -4.98 0.95 -4.79
N HIS A 46 -5.30 2.18 -4.45
CA HIS A 46 -6.37 2.91 -5.09
C HIS A 46 -5.74 3.93 -6.02
N ASP A 47 -5.77 3.62 -7.32
CA ASP A 47 -5.13 4.44 -8.32
C ASP A 47 -5.71 5.85 -8.34
N ASN A 48 -4.87 6.81 -7.98
CA ASN A 48 -5.30 8.20 -7.93
C ASN A 48 -5.14 8.88 -9.28
N ARG A 49 -4.51 8.20 -10.23
CA ARG A 49 -4.25 8.80 -11.53
C ARG A 49 -4.29 7.77 -12.65
N THR A 50 -3.19 7.04 -12.84
CA THR A 50 -3.11 6.05 -13.90
C THR A 50 -2.05 4.99 -13.58
N GLY A 51 -1.90 4.69 -12.30
CA GLY A 51 -0.89 3.75 -11.85
C GLY A 51 -1.46 2.37 -11.62
N ASN A 52 -2.75 2.21 -11.92
CA ASN A 52 -3.46 0.92 -11.78
C ASN A 52 -3.67 0.56 -10.31
N ASP A 53 -4.62 -0.34 -10.07
CA ASP A 53 -4.93 -0.78 -8.71
C ASP A 53 -4.37 -2.16 -8.47
N ARG A 54 -3.28 -2.23 -7.73
CA ARG A 54 -2.62 -3.51 -7.46
C ARG A 54 -2.65 -3.82 -5.97
N VAL A 55 -2.35 -5.06 -5.63
CA VAL A 55 -2.22 -5.45 -4.24
C VAL A 55 -0.79 -5.94 -3.98
N GLY A 56 -0.15 -5.36 -2.99
CA GLY A 56 1.25 -5.65 -2.73
C GLY A 56 1.52 -5.94 -1.28
N TYR A 57 2.70 -6.48 -1.00
CA TYR A 57 3.10 -6.81 0.37
C TYR A 57 4.06 -5.76 0.90
N PHE A 58 3.93 -5.42 2.17
CA PHE A 58 4.82 -4.44 2.79
C PHE A 58 5.03 -4.77 4.26
N PRO A 59 6.25 -4.51 4.78
CA PRO A 59 6.59 -4.82 6.18
C PRO A 59 6.03 -3.82 7.18
N SER A 60 4.74 -3.47 7.00
CA SER A 60 4.03 -2.49 7.82
C SER A 60 4.71 -1.11 7.86
N SER A 61 3.99 -0.10 8.32
CA SER A 61 4.52 1.26 8.41
C SER A 61 4.94 1.76 7.02
N LEU A 62 3.97 2.05 6.18
CA LEU A 62 4.24 2.48 4.82
C LEU A 62 3.70 3.89 4.56
N GLY A 63 2.47 4.12 4.99
CA GLY A 63 1.85 5.40 4.77
C GLY A 63 1.15 5.93 6.00
N GLU A 64 0.53 7.09 5.88
CA GLU A 64 -0.19 7.69 7.00
C GLU A 64 -1.61 7.14 7.08
N ALA A 65 -1.88 6.38 8.12
CA ALA A 65 -3.18 5.73 8.29
C ALA A 65 -4.23 6.72 8.75
N ILE A 66 -4.94 7.29 7.80
CA ILE A 66 -6.00 8.24 8.10
C ILE A 66 -7.32 7.51 8.32
N VAL A 67 -7.40 6.28 7.83
CA VAL A 67 -8.61 5.47 7.88
C VAL A 67 -9.75 6.18 7.15
N GLY A 1 -4.73 -8.71 14.72
CA GLY A 1 -4.48 -9.75 13.69
C GLY A 1 -5.31 -9.52 12.44
N SER A 2 -6.21 -8.56 12.49
CA SER A 2 -7.06 -8.23 11.35
C SER A 2 -7.52 -6.78 11.42
N HIS A 3 -6.62 -5.90 11.83
CA HIS A 3 -6.92 -4.48 11.99
C HIS A 3 -7.46 -3.87 10.70
N MET A 4 -6.59 -3.77 9.69
CA MET A 4 -6.94 -3.18 8.39
C MET A 4 -7.12 -1.66 8.51
N LEU A 5 -6.49 -0.92 7.62
CA LEU A 5 -6.57 0.53 7.62
C LEU A 5 -6.17 1.08 6.26
N GLN A 6 -6.50 2.34 6.03
CA GLN A 6 -6.15 2.98 4.77
C GLN A 6 -5.17 4.10 5.02
N VAL A 7 -4.07 4.08 4.29
CA VAL A 7 -2.99 5.03 4.48
C VAL A 7 -2.74 5.83 3.21
N ARG A 8 -2.19 7.01 3.38
CA ARG A 8 -1.74 7.82 2.25
C ARG A 8 -0.23 7.87 2.25
N ALA A 9 0.38 7.36 1.19
CA ALA A 9 1.83 7.33 1.11
C ALA A 9 2.34 8.28 0.06
N THR A 10 3.24 9.16 0.46
CA THR A 10 3.88 10.07 -0.47
C THR A 10 5.36 9.73 -0.58
N LYS A 11 5.71 9.05 -1.66
CA LYS A 11 7.09 8.66 -1.91
C LYS A 11 7.22 8.21 -3.36
N ASP A 12 8.33 8.56 -4.00
CA ASP A 12 8.55 8.24 -5.40
C ASP A 12 8.91 6.76 -5.57
N TYR A 13 7.99 5.89 -5.21
CA TYR A 13 8.21 4.47 -5.31
C TYR A 13 7.69 3.96 -6.66
N CYS A 14 8.11 4.66 -7.71
CA CYS A 14 7.69 4.37 -9.07
C CYS A 14 8.40 5.32 -10.04
N ASN A 15 9.72 5.20 -10.12
CA ASN A 15 10.53 6.09 -10.94
C ASN A 15 11.91 5.51 -11.18
N ASN A 16 12.04 4.69 -12.24
CA ASN A 16 13.31 4.12 -12.67
C ASN A 16 13.89 3.16 -11.64
N TYR A 17 14.12 1.93 -12.09
CA TYR A 17 14.67 0.87 -11.24
C TYR A 17 13.75 0.66 -10.05
N ASP A 18 12.57 0.11 -10.32
CA ASP A 18 11.55 -0.03 -9.30
C ASP A 18 11.46 -1.47 -8.83
N LEU A 19 11.16 -1.62 -7.55
CA LEU A 19 11.00 -2.93 -6.95
C LEU A 19 9.52 -3.18 -6.75
N THR A 20 9.12 -4.41 -6.50
CA THR A 20 7.72 -4.71 -6.38
C THR A 20 7.33 -4.86 -4.91
N SER A 21 6.76 -3.78 -4.40
CA SER A 21 6.19 -3.72 -3.07
C SER A 21 5.30 -2.48 -3.01
N LEU A 22 4.00 -2.69 -3.14
CA LEU A 22 3.05 -1.60 -3.36
C LEU A 22 3.45 -0.83 -4.63
N ASN A 23 2.80 0.30 -4.85
CA ASN A 23 3.18 1.17 -5.96
C ASN A 23 2.73 2.59 -5.63
N VAL A 24 3.69 3.48 -5.43
CA VAL A 24 3.38 4.82 -4.97
C VAL A 24 3.89 5.87 -5.95
N LYS A 25 2.95 6.62 -6.52
CA LYS A 25 3.26 7.70 -7.45
C LYS A 25 3.61 8.99 -6.70
N ALA A 26 4.35 8.85 -5.61
CA ALA A 26 4.69 9.97 -4.73
C ALA A 26 3.44 10.60 -4.11
N GLY A 27 2.38 9.82 -4.05
CA GLY A 27 1.14 10.31 -3.47
C GLY A 27 -0.04 9.43 -3.83
N ASP A 28 -0.01 8.20 -3.37
CA ASP A 28 -1.08 7.25 -3.64
C ASP A 28 -1.84 6.89 -2.37
N ILE A 29 -3.05 6.38 -2.55
CA ILE A 29 -3.88 5.97 -1.44
C ILE A 29 -3.86 4.45 -1.33
N ILE A 30 -3.43 3.95 -0.19
CA ILE A 30 -3.25 2.52 0.00
C ILE A 30 -4.23 1.98 1.02
N THR A 31 -4.89 0.89 0.67
CA THR A 31 -5.74 0.19 1.60
C THR A 31 -5.02 -1.07 2.08
N VAL A 32 -4.52 -1.02 3.30
CA VAL A 32 -3.68 -2.11 3.80
C VAL A 32 -4.43 -2.96 4.81
N LEU A 33 -4.11 -4.23 4.82
CA LEU A 33 -4.74 -5.15 5.74
C LEU A 33 -3.70 -5.82 6.63
N GLU A 34 -4.12 -6.22 7.82
CA GLU A 34 -3.23 -6.83 8.77
C GLU A 34 -3.47 -8.32 8.80
N GLN A 35 -2.39 -9.10 8.74
CA GLN A 35 -2.49 -10.54 8.76
C GLN A 35 -1.55 -11.13 9.78
N HIS A 36 -0.26 -10.88 9.61
CA HIS A 36 0.75 -11.44 10.50
C HIS A 36 1.41 -10.34 11.31
N PRO A 37 1.15 -10.32 12.64
CA PRO A 37 1.74 -9.33 13.56
C PRO A 37 3.26 -9.43 13.62
N ASP A 38 3.83 -10.47 13.01
CA ASP A 38 5.28 -10.62 12.91
C ASP A 38 5.87 -9.44 12.17
N GLY A 39 5.12 -8.91 11.22
CA GLY A 39 5.57 -7.77 10.45
C GLY A 39 5.53 -8.02 8.96
N ARG A 40 4.45 -8.60 8.49
CA ARG A 40 4.25 -8.76 7.05
C ARG A 40 2.79 -8.61 6.69
N TRP A 41 2.48 -7.52 5.99
CA TRP A 41 1.14 -7.21 5.57
C TRP A 41 1.08 -7.04 4.06
N LYS A 42 -0.12 -7.02 3.51
CA LYS A 42 -0.31 -6.71 2.11
C LYS A 42 -1.24 -5.51 1.99
N GLY A 43 -1.24 -4.87 0.83
CA GLY A 43 -2.06 -3.71 0.64
C GLY A 43 -2.45 -3.50 -0.80
N CYS A 44 -3.55 -2.79 -0.99
CA CYS A 44 -4.05 -2.47 -2.32
C CYS A 44 -3.90 -0.97 -2.57
N ILE A 45 -3.61 -0.59 -3.80
CA ILE A 45 -3.48 0.82 -4.14
C ILE A 45 -4.72 1.29 -4.89
N HIS A 46 -5.23 2.45 -4.52
CA HIS A 46 -6.32 3.06 -5.26
C HIS A 46 -5.85 4.36 -5.88
N ASP A 47 -5.56 4.32 -7.17
CA ASP A 47 -5.08 5.49 -7.88
C ASP A 47 -6.22 6.20 -8.61
N ASN A 48 -6.16 7.52 -8.61
CA ASN A 48 -7.20 8.36 -9.20
C ASN A 48 -6.90 8.68 -10.66
N ARG A 49 -5.79 8.19 -11.17
CA ARG A 49 -5.48 8.35 -12.59
C ARG A 49 -6.09 7.22 -13.39
N THR A 50 -5.79 5.98 -13.02
CA THR A 50 -6.37 4.82 -13.68
C THR A 50 -6.07 3.52 -12.91
N GLY A 51 -5.04 3.55 -12.06
CA GLY A 51 -4.65 2.35 -11.35
C GLY A 51 -5.39 2.19 -10.04
N ASN A 52 -6.71 2.17 -10.12
CA ASN A 52 -7.57 2.09 -8.94
C ASN A 52 -7.43 0.75 -8.23
N ASP A 53 -6.80 -0.22 -8.87
CA ASP A 53 -6.53 -1.51 -8.24
C ASP A 53 -5.10 -1.96 -8.48
N ARG A 54 -4.28 -1.82 -7.47
CA ARG A 54 -2.94 -2.41 -7.47
C ARG A 54 -2.78 -3.25 -6.21
N VAL A 55 -1.77 -4.10 -6.17
CA VAL A 55 -1.53 -4.91 -4.99
C VAL A 55 -0.05 -4.93 -4.64
N GLY A 56 0.26 -4.95 -3.36
CA GLY A 56 1.64 -5.02 -2.93
C GLY A 56 1.79 -5.62 -1.55
N TYR A 57 3.01 -6.00 -1.19
CA TYR A 57 3.29 -6.55 0.12
C TYR A 57 4.34 -5.69 0.82
N PHE A 58 4.25 -5.58 2.15
CA PHE A 58 5.16 -4.74 2.90
C PHE A 58 5.24 -5.22 4.36
N PRO A 59 6.20 -4.71 5.15
CA PRO A 59 6.29 -5.06 6.58
C PRO A 59 5.04 -4.68 7.37
N SER A 60 4.91 -3.39 7.70
CA SER A 60 3.77 -2.93 8.48
C SER A 60 3.75 -1.40 8.58
N SER A 61 2.56 -0.82 8.42
CA SER A 61 2.37 0.63 8.54
C SER A 61 3.22 1.39 7.54
N LEU A 62 2.82 1.39 6.28
CA LEU A 62 3.51 2.13 5.24
C LEU A 62 2.64 3.26 4.72
N GLY A 63 2.75 4.42 5.33
CA GLY A 63 1.95 5.56 4.94
C GLY A 63 1.26 6.20 6.13
N GLU A 64 0.52 7.27 5.88
CA GLU A 64 -0.21 7.96 6.93
C GLU A 64 -1.64 7.48 6.99
N ALA A 65 -2.05 6.98 8.16
CA ALA A 65 -3.37 6.40 8.33
C ALA A 65 -4.47 7.45 8.24
N ILE A 66 -5.10 7.54 7.08
CA ILE A 66 -6.20 8.45 6.87
C ILE A 66 -7.53 7.73 7.08
N VAL A 67 -7.52 6.42 6.87
CA VAL A 67 -8.70 5.58 6.99
C VAL A 67 -9.85 6.13 6.14
#